data_5J6S
#
_entry.id   5J6S
#
_cell.length_a   73.540
_cell.length_b   134.330
_cell.length_c   127.580
_cell.angle_alpha   90.00
_cell.angle_beta   91.71
_cell.angle_gamma   90.00
#
_symmetry.space_group_name_H-M   'P 1 21 1'
#
loop_
_entity.id
_entity.type
_entity.pdbx_description
1 polymer 'Endoplasmic reticulum aminopeptidase 2'
2 branched 2-acetamido-2-deoxy-beta-D-glucopyranose-(1-4)-2-acetamido-2-deoxy-beta-D-glucopyranose
3 branched beta-D-mannopyranose-(1-4)-2-acetamido-2-deoxy-beta-D-glucopyranose-(1-4)-2-acetamido-2-deoxy-beta-D-glucopyranose
4 branched alpha-D-mannopyranose-(1-3)-[alpha-D-mannopyranose-(1-6)]beta-D-mannopyranose-(1-4)-2-acetamido-2-deoxy-beta-D-glucopyranose-(1-4)-2-acetamido-2-deoxy-beta-D-glucopyranose
5 non-polymer 'ZINC ION'
6 non-polymer 2-acetamido-2-deoxy-beta-D-glucopyranose
7 non-polymer (2S)-N~1~-benzyl-2-[(4-fluorophenyl)methyl]-N~3~-hydroxypropanediamide
8 water water
#
_entity_poly.entity_id   1
_entity_poly.type   'polypeptide(L)'
_entity_poly.pdbx_seq_one_letter_code
;MFHSSAMVNSHRKPMFNIHRGFYCLTAILPQICICSQFSVPSSYHFTEDPGAFPVATNGERFPWQELRLPSVVIPLHYDL
FVHPNLTSLDFVASEKIEVLVSNATQFIILHSKDLEITNATLQSEEDSRYMKPGKELKVLSYPAHEQIALLVPEKLTPHL
KYYVAMDFQAKLGDGFEGFYKSTYRTLGGETRILAVTDFEPTQARMAFPCFDEPLFKANFSIKIRRESRHIALSNMPKVK
TIELEGGLLEDHFETTVKMSTYLVAYIVCDFHSLSGFTSSGVKVSIYASPDKRNQTHYALQASLKLLDFYEKYFDIYYPL
SKLDLIAIPDFAPGAMENWGLITYRETSLLFDPKTSSASDKLWVTRVIAHELAHQWFGNLVTMEWWNDIWLNEGFAKYME
LIAVNATYPELQFDDYFLNVCFEVITKDSLNSSRPISKPAETPTQIQEMFDEVSYNKGACILNMLKDFLGEEKFQKGIIQ
YLKKFSYRNAKNDDLWSSLSNSCLESDFTSGGVCHSDPKMTSNMLAFLGENAEVKEMMTTWTLQKGIPLLVVKQDGCSLR
LQQERFLQGVFQEDPEWRALQERYLWHIPLTYSTSSSNVIHRHILKSKTDTLDLPEKTSWVKFNVDSNGYYIVHYEGHGW
DQLITQLNQNHTLLRPKDRVGLIHDVFQLVGAGRLTLDKALDMTYYLQHETSSPALLEGLSYLESFYHMMDRRNISDISE
NLKRYLLQYFKPVIDRQSWSDKGSVWDRMLRSALLKLACDLNHAPCIQKAAELFSQWMESSGKLNIPTDVLKIVYSVGAQ
TTAGWNYLLEQYELSMSSAEQNKILYALSTSKHQEKLLKLIELGMEGKVIKTQNLAALLHAIARRPKGQQLAWDFVRENW
THLLKKFDLGSYDIRMIISGTTAHFSSKDKLQEVKLFFESLEAQGSHLDIFQTVLETITKNIKWLEKNLPTLRTWLMVNT
RHHHHHH
;
_entity_poly.pdbx_strand_id   A,B
#
# COMPACT_ATOMS: atom_id res chain seq x y z
N PHE A 53 -1.92 -50.33 5.87
CA PHE A 53 -1.63 -49.25 6.82
C PHE A 53 -2.63 -48.06 6.75
N PRO A 54 -2.94 -47.53 5.53
CA PRO A 54 -3.64 -46.24 5.48
C PRO A 54 -5.09 -46.17 5.98
N VAL A 55 -5.36 -45.12 6.76
CA VAL A 55 -6.64 -44.88 7.41
C VAL A 55 -7.03 -43.42 7.16
N ALA A 56 -8.05 -43.23 6.34
CA ALA A 56 -8.36 -41.94 5.67
C ALA A 56 -9.11 -40.86 6.51
N THR A 57 -9.61 -39.83 5.82
CA THR A 57 -9.97 -38.55 6.43
C THR A 57 -11.12 -38.62 7.39
N ASN A 58 -12.04 -39.53 7.08
CA ASN A 58 -13.26 -39.79 7.85
C ASN A 58 -13.43 -41.28 8.03
N GLY A 59 -12.78 -41.82 9.06
CA GLY A 59 -12.57 -43.25 9.18
C GLY A 59 -12.03 -43.88 7.90
N GLU A 60 -12.10 -45.20 7.82
CA GLU A 60 -12.14 -45.91 6.54
C GLU A 60 -10.82 -46.05 5.79
N ARG A 61 -10.52 -47.28 5.38
CA ARG A 61 -9.26 -47.60 4.72
C ARG A 61 -9.13 -46.98 3.32
N PHE A 62 -8.16 -46.07 3.23
CA PHE A 62 -7.63 -45.61 1.97
C PHE A 62 -6.99 -46.81 1.27
N PRO A 63 -7.41 -47.08 0.02
CA PRO A 63 -6.93 -48.28 -0.69
C PRO A 63 -5.43 -48.30 -0.86
N TRP A 64 -4.83 -47.10 -0.92
CA TRP A 64 -3.46 -46.92 -1.37
C TRP A 64 -2.45 -46.58 -0.26
N GLN A 65 -1.32 -47.26 -0.29
CA GLN A 65 -0.30 -47.22 0.76
C GLN A 65 0.90 -46.37 0.41
N GLU A 66 1.17 -46.26 -0.89
CA GLU A 66 2.43 -45.69 -1.34
C GLU A 66 2.28 -44.21 -1.72
N LEU A 67 3.40 -43.48 -1.65
CA LEU A 67 3.43 -42.04 -1.83
C LEU A 67 3.32 -41.64 -3.32
N ARG A 68 3.92 -42.45 -4.19
CA ARG A 68 3.80 -42.30 -5.64
C ARG A 68 2.50 -42.96 -6.08
N LEU A 69 1.79 -42.34 -7.03
CA LEU A 69 0.52 -42.84 -7.50
C LEU A 69 0.64 -44.29 -7.98
N PRO A 70 -0.49 -45.00 -8.08
CA PRO A 70 -0.57 -46.31 -8.73
C PRO A 70 -0.40 -46.22 -10.25
N SER A 71 0.38 -47.12 -10.83
CA SER A 71 0.71 -47.12 -12.25
C SER A 71 -0.22 -48.02 -13.03
N VAL A 72 -1.51 -47.70 -12.99
CA VAL A 72 -2.50 -48.66 -13.45
C VAL A 72 -3.67 -47.89 -14.07
N VAL A 73 -3.80 -46.64 -13.67
CA VAL A 73 -4.77 -45.74 -14.27
C VAL A 73 -4.02 -44.59 -14.93
N ILE A 74 -3.99 -44.57 -16.27
CA ILE A 74 -3.22 -43.60 -17.05
C ILE A 74 -4.08 -42.47 -17.62
N PRO A 75 -3.92 -41.23 -17.15
CA PRO A 75 -4.70 -40.16 -17.79
C PRO A 75 -4.25 -39.90 -19.21
N LEU A 76 -5.11 -39.32 -20.02
CA LEU A 76 -4.81 -39.10 -21.43
C LEU A 76 -5.12 -37.65 -21.84
N HIS A 77 -6.22 -37.13 -21.31
CA HIS A 77 -6.68 -35.80 -21.69
C HIS A 77 -7.47 -35.15 -20.54
N TYR A 78 -7.30 -33.83 -20.39
CA TYR A 78 -7.98 -33.06 -19.37
C TYR A 78 -8.85 -32.00 -19.99
N ASP A 79 -10.14 -32.07 -19.71
CA ASP A 79 -11.05 -30.97 -19.96
C ASP A 79 -10.98 -30.11 -18.73
N LEU A 80 -10.61 -28.85 -18.85
CA LEU A 80 -10.45 -28.09 -17.63
C LEU A 80 -11.04 -26.70 -17.75
N PHE A 81 -11.97 -26.39 -16.88
CA PHE A 81 -12.69 -25.12 -16.96
C PHE A 81 -12.52 -24.39 -15.63
N VAL A 82 -12.03 -23.16 -15.71
CA VAL A 82 -11.77 -22.42 -14.49
C VAL A 82 -12.55 -21.13 -14.59
N HIS A 83 -13.19 -20.75 -13.49
CA HIS A 83 -13.99 -19.53 -13.38
C HIS A 83 -13.56 -18.83 -12.11
N PRO A 84 -12.51 -18.00 -12.21
CA PRO A 84 -12.07 -17.33 -11.00
C PRO A 84 -12.79 -16.03 -10.89
N ASN A 85 -13.05 -15.61 -9.67
CA ASN A 85 -13.64 -14.29 -9.42
C ASN A 85 -12.65 -13.52 -8.57
N LEU A 86 -12.29 -12.35 -9.07
CA LEU A 86 -11.18 -11.59 -8.55
C LEU A 86 -11.65 -10.40 -7.74
N THR A 87 -12.96 -10.34 -7.49
CA THR A 87 -13.43 -9.41 -6.49
C THR A 87 -13.76 -10.26 -5.26
N SER A 88 -14.35 -11.44 -5.45
CA SER A 88 -14.52 -12.42 -4.37
C SER A 88 -13.20 -13.06 -3.97
N LEU A 89 -12.17 -12.89 -4.82
CA LEU A 89 -10.89 -13.57 -4.64
C LEU A 89 -11.04 -15.08 -4.47
N ASP A 90 -12.00 -15.68 -5.16
CA ASP A 90 -12.04 -17.15 -5.20
C ASP A 90 -12.24 -17.69 -6.61
N PHE A 91 -12.29 -19.02 -6.69
CA PHE A 91 -12.64 -19.66 -7.94
C PHE A 91 -13.49 -20.91 -7.72
N VAL A 92 -14.43 -21.14 -8.63
CA VAL A 92 -14.98 -22.49 -8.81
C VAL A 92 -14.49 -23.03 -10.15
N ALA A 93 -14.49 -24.35 -10.29
CA ALA A 93 -13.94 -24.95 -11.50
C ALA A 93 -14.42 -26.40 -11.71
N SER A 94 -14.14 -26.95 -12.89
CA SER A 94 -14.55 -28.32 -13.16
C SER A 94 -13.62 -29.03 -14.14
N GLU A 95 -13.58 -30.35 -14.12
CA GLU A 95 -12.73 -31.05 -15.07
C GLU A 95 -13.26 -32.42 -15.47
N LYS A 96 -12.83 -32.89 -16.63
CA LYS A 96 -13.08 -34.27 -17.08
C LYS A 96 -11.75 -34.88 -17.55
N ILE A 97 -11.42 -36.04 -17.01
CA ILE A 97 -10.14 -36.69 -17.23
C ILE A 97 -10.39 -37.98 -18.00
N GLU A 98 -9.84 -38.08 -19.19
CA GLU A 98 -10.00 -39.33 -19.91
C GLU A 98 -8.85 -40.24 -19.55
N VAL A 99 -9.14 -41.22 -18.70
CA VAL A 99 -8.13 -42.20 -18.30
C VAL A 99 -8.26 -43.51 -19.08
N LEU A 100 -7.22 -44.33 -18.99
CA LEU A 100 -7.23 -45.68 -19.57
C LEU A 100 -6.68 -46.64 -18.53
N VAL A 101 -7.52 -47.55 -18.05
CA VAL A 101 -7.12 -48.53 -17.05
C VAL A 101 -6.38 -49.72 -17.70
N SER A 102 -5.42 -50.29 -16.99
CA SER A 102 -4.54 -51.32 -17.56
C SER A 102 -4.75 -52.67 -16.87
N ASN A 103 -4.90 -52.63 -15.55
CA ASN A 103 -5.30 -53.79 -14.78
C ASN A 103 -6.60 -53.40 -14.11
N ALA A 104 -7.53 -54.34 -14.00
CA ALA A 104 -8.83 -54.08 -13.38
C ALA A 104 -8.67 -53.51 -11.97
N THR A 105 -9.59 -52.63 -11.57
CA THR A 105 -9.47 -51.92 -10.28
C THR A 105 -10.80 -51.44 -9.73
N GLN A 106 -10.86 -51.21 -8.42
CA GLN A 106 -12.11 -50.74 -7.81
C GLN A 106 -11.90 -49.40 -7.14
N PHE A 107 -10.65 -48.93 -7.20
CA PHE A 107 -10.29 -47.61 -6.70
C PHE A 107 -9.42 -46.83 -7.70
N ILE A 108 -9.65 -45.52 -7.75
CA ILE A 108 -8.87 -44.59 -8.56
C ILE A 108 -8.12 -43.61 -7.66
N ILE A 109 -6.79 -43.58 -7.77
CA ILE A 109 -5.94 -42.71 -6.95
C ILE A 109 -5.41 -41.47 -7.69
N LEU A 110 -5.66 -40.28 -7.13
CA LEU A 110 -5.23 -39.03 -7.77
C LEU A 110 -5.02 -37.86 -6.77
N HIS A 111 -4.00 -37.01 -7.02
CA HIS A 111 -3.65 -35.89 -6.11
C HIS A 111 -4.64 -34.77 -6.08
N SER A 112 -4.71 -34.11 -4.92
CA SER A 112 -5.56 -32.96 -4.67
C SER A 112 -5.13 -32.34 -3.36
N LYS A 113 -5.24 -31.01 -3.23
CA LYS A 113 -4.83 -30.32 -2.01
C LYS A 113 -5.50 -28.97 -1.81
N ASP A 114 -6.09 -28.79 -0.65
CA ASP A 114 -6.90 -27.62 -0.32
C ASP A 114 -7.98 -27.37 -1.36
N LEU A 115 -8.52 -28.44 -1.90
CA LEU A 115 -9.55 -28.30 -2.91
C LEU A 115 -10.89 -28.86 -2.42
N GLU A 116 -11.89 -28.00 -2.31
CA GLU A 116 -13.21 -28.44 -1.91
C GLU A 116 -13.96 -29.07 -3.10
N ILE A 117 -14.03 -30.39 -3.11
CA ILE A 117 -14.69 -31.17 -4.17
C ILE A 117 -16.23 -31.32 -3.99
N THR A 118 -16.97 -30.61 -4.85
CA THR A 118 -18.42 -30.56 -4.81
C THR A 118 -19.12 -31.83 -5.34
N ASN A 119 -18.83 -32.23 -6.58
CA ASN A 119 -19.42 -33.42 -7.18
C ASN A 119 -18.32 -34.39 -7.56
N ALA A 120 -18.66 -35.60 -8.00
CA ALA A 120 -17.68 -36.53 -8.54
C ALA A 120 -18.38 -37.68 -9.24
N THR A 121 -18.01 -37.91 -10.49
CA THR A 121 -18.77 -38.72 -11.42
C THR A 121 -17.90 -39.57 -12.37
N LEU A 122 -18.36 -40.78 -12.72
CA LEU A 122 -17.63 -41.57 -13.70
C LEU A 122 -18.52 -41.93 -14.88
N GLN A 123 -18.17 -41.46 -16.08
CA GLN A 123 -18.83 -41.87 -17.31
C GLN A 123 -17.92 -42.81 -18.09
N SER A 124 -18.30 -43.11 -19.34
CA SER A 124 -17.54 -43.97 -20.25
C SER A 124 -18.30 -44.13 -21.57
N GLU A 125 -17.64 -44.70 -22.58
CA GLU A 125 -18.29 -44.98 -23.87
C GLU A 125 -17.88 -46.34 -24.39
N GLU A 126 -17.01 -47.01 -23.65
CA GLU A 126 -16.56 -48.33 -24.03
C GLU A 126 -16.97 -49.35 -22.99
N ASP A 127 -17.48 -48.85 -21.86
CA ASP A 127 -18.07 -49.70 -20.83
C ASP A 127 -19.54 -49.34 -20.67
N SER A 128 -20.39 -50.35 -20.77
CA SER A 128 -21.83 -50.09 -20.73
C SER A 128 -22.32 -49.76 -19.32
N ARG A 129 -21.65 -50.28 -18.29
CA ARG A 129 -22.10 -50.01 -16.91
C ARG A 129 -21.93 -48.55 -16.54
N TYR A 130 -21.31 -47.77 -17.44
CA TYR A 130 -20.93 -46.39 -17.13
C TYR A 130 -21.30 -45.39 -18.23
N MET A 131 -22.14 -45.80 -19.18
CA MET A 131 -22.58 -44.87 -20.22
C MET A 131 -23.40 -43.73 -19.57
N LYS A 132 -23.47 -42.58 -20.23
CA LYS A 132 -24.14 -41.38 -19.70
C LYS A 132 -25.36 -41.68 -18.86
N PRO A 133 -25.46 -41.04 -17.68
CA PRO A 133 -24.31 -40.29 -17.17
C PRO A 133 -23.62 -41.00 -16.00
N GLY A 134 -24.39 -41.71 -15.17
CA GLY A 134 -23.92 -42.15 -13.86
C GLY A 134 -22.77 -43.13 -13.85
N LYS A 135 -22.28 -43.44 -12.65
CA LYS A 135 -22.86 -42.92 -11.42
C LYS A 135 -21.90 -41.98 -10.68
N GLU A 136 -22.43 -41.18 -9.74
CA GLU A 136 -21.64 -40.41 -8.80
C GLU A 136 -20.59 -41.31 -8.14
N LEU A 137 -19.51 -40.70 -7.63
CA LEU A 137 -18.39 -41.49 -7.13
C LEU A 137 -18.10 -41.36 -5.63
N LYS A 138 -17.44 -42.37 -5.08
CA LYS A 138 -16.94 -42.26 -3.72
C LYS A 138 -15.53 -41.67 -3.69
N VAL A 139 -15.47 -40.41 -3.26
CA VAL A 139 -14.23 -39.66 -3.20
C VAL A 139 -13.67 -39.71 -1.79
N LEU A 140 -12.41 -40.09 -1.65
CA LEU A 140 -11.85 -40.04 -0.30
C LEU A 140 -10.48 -39.39 -0.13
N SER A 141 -10.49 -38.33 0.69
CA SER A 141 -9.31 -37.55 1.05
C SER A 141 -8.20 -38.32 1.80
N TYR A 142 -7.10 -37.62 2.07
CA TYR A 142 -5.92 -38.12 2.79
C TYR A 142 -4.81 -37.07 2.74
N PRO A 143 -5.01 -35.89 3.36
CA PRO A 143 -4.06 -34.79 3.17
C PRO A 143 -2.58 -35.18 3.30
N ALA A 144 -2.27 -36.13 4.16
CA ALA A 144 -0.89 -36.52 4.45
C ALA A 144 -0.16 -37.11 3.24
N HIS A 145 -0.87 -37.34 2.15
CA HIS A 145 -0.15 -37.76 0.97
C HIS A 145 -0.58 -36.88 -0.20
N GLU A 146 -1.35 -35.85 0.13
CA GLU A 146 -2.06 -35.04 -0.85
C GLU A 146 -2.76 -35.89 -1.93
N GLN A 147 -3.17 -37.10 -1.56
CA GLN A 147 -3.86 -38.00 -2.47
C GLN A 147 -5.35 -38.03 -2.16
N ILE A 148 -6.17 -38.28 -3.18
CA ILE A 148 -7.56 -38.71 -2.93
C ILE A 148 -7.81 -40.01 -3.67
N ALA A 149 -8.75 -40.79 -3.13
CA ALA A 149 -9.21 -42.01 -3.79
C ALA A 149 -10.59 -41.82 -4.42
N LEU A 150 -10.78 -42.46 -5.56
CA LEU A 150 -12.12 -42.56 -6.12
C LEU A 150 -12.53 -44.01 -5.97
N LEU A 151 -13.54 -44.25 -5.13
CA LEU A 151 -14.03 -45.60 -4.89
C LEU A 151 -15.24 -45.86 -5.78
N VAL A 152 -15.11 -46.87 -6.62
CA VAL A 152 -16.00 -47.10 -7.76
C VAL A 152 -16.96 -48.25 -7.46
N PRO A 153 -18.27 -48.02 -7.66
CA PRO A 153 -19.32 -49.02 -7.53
C PRO A 153 -18.99 -50.40 -8.06
N GLU A 154 -18.30 -50.51 -9.20
CA GLU A 154 -17.90 -51.84 -9.68
C GLU A 154 -16.63 -51.85 -10.52
N LYS A 155 -15.75 -52.83 -10.24
CA LYS A 155 -14.48 -53.05 -10.95
C LYS A 155 -14.48 -52.65 -12.41
N LEU A 156 -13.40 -52.03 -12.86
CA LEU A 156 -13.34 -51.53 -14.22
C LEU A 156 -12.68 -52.57 -15.12
N THR A 157 -12.47 -52.22 -16.37
CA THR A 157 -11.98 -53.20 -17.33
C THR A 157 -10.65 -52.80 -17.95
N PRO A 158 -9.68 -53.71 -17.87
CA PRO A 158 -8.40 -53.64 -18.59
C PRO A 158 -8.55 -53.09 -20.01
N HIS A 159 -7.66 -52.17 -20.39
CA HIS A 159 -7.61 -51.60 -21.74
C HIS A 159 -8.88 -50.85 -22.18
N LEU A 160 -9.64 -50.32 -21.22
CA LEU A 160 -10.83 -49.53 -21.56
C LEU A 160 -10.84 -48.11 -20.99
N LYS A 161 -11.33 -47.14 -21.77
CA LYS A 161 -11.27 -45.72 -21.40
C LYS A 161 -12.49 -45.18 -20.64
N TYR A 162 -12.29 -44.75 -19.39
CA TYR A 162 -13.38 -44.14 -18.62
C TYR A 162 -13.14 -42.63 -18.47
N TYR A 163 -14.16 -41.90 -18.02
CA TYR A 163 -14.08 -40.43 -17.93
C TYR A 163 -14.43 -39.95 -16.53
N VAL A 164 -13.47 -39.34 -15.85
CA VAL A 164 -13.65 -38.83 -14.49
C VAL A 164 -13.95 -37.35 -14.43
N ALA A 165 -15.19 -36.98 -14.16
CA ALA A 165 -15.52 -35.56 -13.98
C ALA A 165 -15.60 -35.29 -12.51
N MET A 166 -15.73 -34.02 -12.15
CA MET A 166 -15.51 -33.57 -10.79
C MET A 166 -15.72 -32.06 -10.72
N ASP A 167 -16.55 -31.61 -9.80
CA ASP A 167 -16.63 -30.19 -9.50
C ASP A 167 -15.80 -29.95 -8.23
N PHE A 168 -15.11 -28.80 -8.15
CA PHE A 168 -14.18 -28.51 -7.05
C PHE A 168 -14.03 -27.01 -6.99
N GLN A 169 -13.76 -26.48 -5.80
CA GLN A 169 -13.65 -25.03 -5.61
C GLN A 169 -12.67 -24.67 -4.51
N ALA A 170 -12.27 -23.39 -4.47
CA ALA A 170 -11.27 -22.96 -3.50
C ALA A 170 -11.10 -21.46 -3.51
N LYS A 171 -10.38 -20.95 -2.50
CA LYS A 171 -9.97 -19.55 -2.45
C LYS A 171 -8.70 -19.33 -3.28
N LEU A 172 -8.58 -18.16 -3.92
CA LEU A 172 -7.29 -17.76 -4.50
C LEU A 172 -6.19 -17.82 -3.44
N GLY A 173 -5.16 -18.62 -3.70
CA GLY A 173 -3.98 -18.68 -2.84
C GLY A 173 -3.46 -17.32 -2.42
N ASP A 174 -2.73 -17.27 -1.33
CA ASP A 174 -2.17 -15.99 -0.95
C ASP A 174 -0.67 -16.07 -0.66
N GLY A 175 0.01 -17.02 -1.29
CA GLY A 175 1.45 -17.08 -1.22
C GLY A 175 2.19 -17.85 -2.30
N PHE A 176 2.33 -17.26 -3.49
CA PHE A 176 3.29 -17.76 -4.49
C PHE A 176 3.09 -19.18 -5.00
N GLU A 177 2.10 -19.90 -4.50
CA GLU A 177 1.92 -21.26 -4.97
C GLU A 177 0.51 -21.54 -5.43
N GLY A 178 0.41 -22.53 -6.33
CA GLY A 178 -0.81 -22.89 -7.02
C GLY A 178 -1.46 -21.74 -7.77
N PHE A 179 -2.78 -21.69 -7.74
CA PHE A 179 -3.52 -20.63 -8.40
C PHE A 179 -3.64 -19.51 -7.40
N TYR A 180 -2.90 -18.43 -7.59
CA TYR A 180 -2.80 -17.40 -6.56
C TYR A 180 -2.95 -15.97 -7.05
N LYS A 181 -3.01 -15.07 -6.08
CA LYS A 181 -3.36 -13.68 -6.28
C LYS A 181 -2.11 -12.83 -6.32
N SER A 182 -2.15 -11.74 -7.04
CA SER A 182 -0.99 -10.85 -7.13
C SER A 182 -1.48 -9.44 -7.42
N THR A 183 -0.71 -8.45 -7.01
CA THR A 183 -1.18 -7.09 -7.05
C THR A 183 -0.07 -6.18 -7.60
N TYR A 184 -0.40 -5.06 -8.24
CA TYR A 184 0.66 -4.16 -8.71
C TYR A 184 0.30 -2.67 -8.69
N ARG A 185 1.30 -1.81 -8.62
CA ARG A 185 1.08 -0.37 -8.66
C ARG A 185 1.11 0.20 -10.08
N THR A 186 0.02 0.84 -10.47
CA THR A 186 0.02 1.59 -11.70
C THR A 186 0.80 2.88 -11.52
N LEU A 187 0.97 3.65 -12.59
CA LEU A 187 1.67 4.93 -12.54
C LEU A 187 0.88 5.94 -11.74
N GLY A 188 -0.40 5.65 -11.52
CA GLY A 188 -1.31 6.62 -10.93
C GLY A 188 -1.47 6.48 -9.45
N GLY A 189 -1.02 5.35 -8.92
CA GLY A 189 -1.16 5.05 -7.52
C GLY A 189 -2.19 3.97 -7.35
N GLU A 190 -2.73 3.48 -8.46
CA GLU A 190 -3.80 2.50 -8.39
C GLU A 190 -3.20 1.17 -8.06
N THR A 191 -3.99 0.26 -7.53
CA THR A 191 -3.48 -1.04 -7.16
C THR A 191 -4.40 -2.08 -7.73
N ARG A 192 -3.88 -2.97 -8.58
CA ARG A 192 -4.74 -3.87 -9.35
C ARG A 192 -4.48 -5.30 -8.98
N ILE A 193 -5.33 -6.21 -9.44
CA ILE A 193 -5.20 -7.61 -9.08
C ILE A 193 -5.13 -8.53 -10.31
N LEU A 194 -4.38 -9.61 -10.19
CA LEU A 194 -4.31 -10.61 -11.23
C LEU A 194 -4.27 -11.96 -10.57
N ALA A 195 -4.40 -13.00 -11.38
CA ALA A 195 -4.45 -14.33 -10.84
C ALA A 195 -3.56 -15.18 -11.68
N VAL A 196 -2.64 -15.88 -11.03
CA VAL A 196 -1.51 -16.49 -11.71
C VAL A 196 -1.38 -17.90 -11.20
N THR A 197 -0.80 -18.77 -12.01
CA THR A 197 -0.40 -20.07 -11.54
C THR A 197 1.12 -20.19 -11.41
N ASP A 198 1.58 -20.90 -10.38
CA ASP A 198 2.88 -21.53 -10.41
C ASP A 198 2.77 -22.91 -9.80
N PHE A 199 3.07 -23.94 -10.57
CA PHE A 199 2.76 -25.30 -10.14
C PHE A 199 3.99 -26.14 -9.85
N GLU A 200 5.12 -25.81 -10.46
CA GLU A 200 6.29 -26.65 -10.26
C GLU A 200 6.87 -26.58 -8.83
N PRO A 201 7.22 -27.74 -8.24
CA PRO A 201 7.12 -29.13 -8.71
C PRO A 201 5.73 -29.77 -8.61
N THR A 202 5.03 -29.54 -7.51
CA THR A 202 3.82 -30.31 -7.18
C THR A 202 2.65 -29.44 -6.71
N GLN A 203 2.36 -28.32 -7.34
CA GLN A 203 1.28 -27.51 -6.79
C GLN A 203 0.13 -27.40 -7.76
N ALA A 204 0.19 -28.16 -8.86
CA ALA A 204 -0.95 -28.31 -9.74
C ALA A 204 -2.11 -28.78 -8.89
N ARG A 205 -1.82 -29.74 -8.03
CA ARG A 205 -2.82 -30.33 -7.14
C ARG A 205 -3.58 -29.31 -6.28
N MET A 206 -3.01 -28.13 -6.05
CA MET A 206 -3.71 -27.07 -5.30
C MET A 206 -4.66 -26.27 -6.20
N ALA A 207 -4.70 -26.61 -7.48
CA ALA A 207 -5.40 -25.75 -8.42
C ALA A 207 -6.55 -26.50 -9.12
N PHE A 208 -6.37 -27.80 -9.23
CA PHE A 208 -7.34 -28.69 -9.82
C PHE A 208 -6.80 -30.09 -9.56
N PRO A 209 -7.68 -31.05 -9.26
CA PRO A 209 -7.16 -32.37 -8.93
C PRO A 209 -6.57 -33.05 -10.15
N CYS A 210 -5.50 -33.79 -9.98
CA CYS A 210 -4.89 -34.41 -11.15
C CYS A 210 -3.96 -35.52 -10.74
N PHE A 211 -3.39 -36.21 -11.71
CA PHE A 211 -2.33 -37.15 -11.42
C PHE A 211 -0.92 -36.47 -11.43
N ASP A 212 -0.67 -35.56 -10.49
CA ASP A 212 0.59 -34.78 -10.41
C ASP A 212 1.87 -35.60 -10.41
N GLU A 213 2.23 -36.19 -11.54
CA GLU A 213 3.57 -36.69 -11.71
C GLU A 213 3.99 -36.44 -13.16
N PRO A 214 5.25 -36.04 -13.35
CA PRO A 214 5.75 -35.56 -14.64
C PRO A 214 5.68 -36.63 -15.72
N LEU A 215 5.54 -37.87 -15.29
CA LEU A 215 5.46 -38.99 -16.21
C LEU A 215 4.06 -39.06 -16.85
N PHE A 216 3.05 -38.88 -16.00
CA PHE A 216 1.67 -38.84 -16.43
C PHE A 216 1.40 -37.64 -17.34
N LYS A 217 2.00 -37.65 -18.53
CA LYS A 217 1.76 -36.57 -19.48
C LYS A 217 0.38 -36.71 -20.15
N ALA A 218 -0.18 -35.58 -20.57
CA ALA A 218 -1.54 -35.58 -21.08
C ALA A 218 -1.81 -34.34 -21.92
N ASN A 219 -2.80 -34.41 -22.82
CA ASN A 219 -3.25 -33.19 -23.52
C ASN A 219 -4.11 -32.34 -22.55
N PHE A 220 -4.08 -31.02 -22.71
CA PHE A 220 -4.89 -30.18 -21.84
C PHE A 220 -5.75 -29.23 -22.64
N SER A 221 -7.04 -29.26 -22.34
CA SER A 221 -8.04 -28.37 -22.94
C SER A 221 -8.57 -27.49 -21.83
N ILE A 222 -8.59 -26.19 -22.06
CA ILE A 222 -8.68 -25.23 -20.98
C ILE A 222 -9.70 -24.15 -21.31
N LYS A 223 -10.62 -23.84 -20.39
CA LYS A 223 -11.57 -22.73 -20.60
C LYS A 223 -11.63 -21.80 -19.38
N ILE A 224 -11.57 -20.49 -19.63
CA ILE A 224 -11.49 -19.51 -18.55
C ILE A 224 -12.60 -18.51 -18.71
N ARG A 225 -13.45 -18.40 -17.69
CA ARG A 225 -14.56 -17.43 -17.70
C ARG A 225 -14.11 -16.14 -17.04
N ARG A 226 -14.34 -15.01 -17.68
CA ARG A 226 -13.80 -13.75 -17.19
C ARG A 226 -14.66 -12.54 -17.47
N GLU A 227 -14.30 -11.42 -16.87
CA GLU A 227 -14.98 -10.16 -17.06
C GLU A 227 -14.30 -9.43 -18.17
N SER A 228 -14.92 -8.35 -18.63
CA SER A 228 -14.49 -7.69 -19.87
C SER A 228 -13.25 -6.84 -19.68
N ARG A 229 -12.99 -6.41 -18.45
CA ARG A 229 -11.83 -5.58 -18.16
C ARG A 229 -10.54 -6.41 -17.99
N HIS A 230 -10.69 -7.73 -18.01
CA HIS A 230 -9.59 -8.68 -17.99
C HIS A 230 -9.40 -9.49 -19.28
N ILE A 231 -8.14 -9.77 -19.60
CA ILE A 231 -7.80 -10.79 -20.59
C ILE A 231 -7.52 -12.09 -19.83
N ALA A 232 -7.24 -13.16 -20.54
CA ALA A 232 -6.84 -14.39 -19.88
C ALA A 232 -5.89 -15.11 -20.82
N LEU A 233 -4.82 -15.63 -20.24
CA LEU A 233 -3.78 -16.32 -20.98
C LEU A 233 -3.66 -17.71 -20.44
N SER A 234 -3.25 -18.65 -21.26
CA SER A 234 -2.95 -19.99 -20.81
C SER A 234 -1.82 -20.47 -21.70
N ASN A 235 -1.46 -21.74 -21.59
CA ASN A 235 -0.34 -22.27 -22.36
C ASN A 235 -0.53 -22.02 -23.84
N MET A 236 -1.73 -22.31 -24.35
CA MET A 236 -2.00 -22.30 -25.79
C MET A 236 -2.67 -21.04 -26.27
N PRO A 237 -2.79 -20.86 -27.59
CA PRO A 237 -3.45 -19.64 -28.05
C PRO A 237 -4.97 -19.70 -27.90
N LYS A 238 -5.63 -18.57 -28.01
CA LYS A 238 -7.09 -18.54 -27.84
C LYS A 238 -7.82 -18.85 -29.18
N VAL A 239 -8.49 -20.00 -29.23
CA VAL A 239 -9.31 -20.41 -30.36
C VAL A 239 -10.56 -19.57 -30.49
N LYS A 240 -11.28 -19.41 -29.38
CA LYS A 240 -12.63 -18.86 -29.44
C LYS A 240 -13.05 -18.07 -28.18
N THR A 241 -13.82 -17.02 -28.37
CA THR A 241 -14.41 -16.30 -27.25
C THR A 241 -15.95 -16.21 -27.38
N ILE A 242 -16.69 -16.86 -26.47
CA ILE A 242 -18.14 -16.81 -26.52
C ILE A 242 -18.73 -15.81 -25.50
N GLU A 243 -19.43 -14.81 -26.00
CA GLU A 243 -20.16 -13.85 -25.18
C GLU A 243 -21.30 -14.50 -24.35
N LEU A 244 -21.46 -14.11 -23.09
CA LEU A 244 -22.38 -14.84 -22.22
C LEU A 244 -23.52 -13.97 -21.68
N GLU A 245 -24.56 -14.64 -21.18
CA GLU A 245 -25.83 -13.99 -20.82
C GLU A 245 -25.68 -12.82 -19.84
N GLY A 246 -25.17 -13.06 -18.64
CA GLY A 246 -24.96 -12.00 -17.68
C GLY A 246 -24.03 -10.94 -18.24
N GLY A 247 -23.16 -11.35 -19.16
CA GLY A 247 -22.20 -10.45 -19.76
C GLY A 247 -20.76 -10.85 -19.50
N LEU A 248 -20.55 -12.03 -18.93
CA LEU A 248 -19.20 -12.54 -18.80
C LEU A 248 -18.77 -13.09 -20.16
N LEU A 249 -17.53 -13.52 -20.24
CA LEU A 249 -17.04 -14.13 -21.45
C LEU A 249 -16.39 -15.43 -21.06
N GLU A 250 -16.33 -16.38 -21.98
CA GLU A 250 -15.67 -17.65 -21.71
C GLU A 250 -14.65 -17.92 -22.83
N ASP A 251 -13.38 -18.12 -22.46
CA ASP A 251 -12.32 -18.28 -23.46
C ASP A 251 -11.99 -19.77 -23.65
N HIS A 252 -11.69 -20.15 -24.87
CA HIS A 252 -11.25 -21.52 -25.17
C HIS A 252 -9.87 -21.44 -25.82
N PHE A 253 -9.08 -22.48 -25.60
CA PHE A 253 -7.70 -22.47 -25.95
C PHE A 253 -7.45 -23.75 -26.70
N GLU A 254 -6.52 -23.79 -27.63
CA GLU A 254 -6.29 -25.05 -28.31
C GLU A 254 -5.90 -26.07 -27.26
N THR A 255 -6.53 -27.23 -27.31
CA THR A 255 -6.01 -28.39 -26.63
C THR A 255 -4.48 -28.46 -26.68
N THR A 256 -3.79 -28.53 -25.54
CA THR A 256 -2.32 -28.57 -25.60
C THR A 256 -1.78 -29.86 -26.18
N VAL A 257 -0.49 -29.87 -26.42
CA VAL A 257 0.20 -31.10 -26.82
C VAL A 257 0.34 -31.96 -25.58
N LYS A 258 0.87 -33.17 -25.72
CA LYS A 258 1.14 -34.00 -24.54
C LYS A 258 2.15 -33.29 -23.60
N MET A 259 1.80 -33.16 -22.31
CA MET A 259 2.63 -32.40 -21.38
C MET A 259 2.35 -32.73 -19.93
N SER A 260 3.30 -32.41 -19.05
CA SER A 260 3.17 -32.66 -17.61
C SER A 260 2.26 -31.67 -16.92
N THR A 261 1.69 -32.03 -15.78
CA THR A 261 0.80 -31.10 -15.11
C THR A 261 1.52 -29.86 -14.53
N TYR A 262 2.80 -29.96 -14.17
CA TYR A 262 3.46 -28.82 -13.53
C TYR A 262 3.67 -27.62 -14.46
N LEU A 263 3.39 -27.83 -15.74
CA LEU A 263 3.65 -26.84 -16.75
C LEU A 263 2.40 -26.16 -17.22
N VAL A 264 1.28 -26.52 -16.65
CA VAL A 264 0.00 -25.94 -17.07
C VAL A 264 -0.05 -24.54 -16.53
N ALA A 265 -0.73 -23.64 -17.19
CA ALA A 265 -0.69 -22.28 -16.73
C ALA A 265 -1.89 -21.51 -17.20
N TYR A 266 -2.45 -20.68 -16.35
CA TYR A 266 -3.41 -19.71 -16.82
C TYR A 266 -3.31 -18.48 -15.97
N ILE A 267 -3.44 -17.33 -16.61
CA ILE A 267 -3.34 -16.07 -15.94
C ILE A 267 -4.65 -15.35 -16.18
N VAL A 268 -5.09 -14.50 -15.25
CA VAL A 268 -6.19 -13.58 -15.55
C VAL A 268 -5.79 -12.20 -15.07
N CYS A 269 -5.72 -11.25 -15.98
CA CYS A 269 -5.16 -9.95 -15.70
C CYS A 269 -5.61 -8.94 -16.72
N ASP A 270 -5.24 -7.68 -16.51
CA ASP A 270 -5.46 -6.62 -17.49
C ASP A 270 -4.15 -6.11 -18.16
N PHE A 271 -3.22 -7.01 -18.48
CA PHE A 271 -1.90 -6.58 -19.00
C PHE A 271 -1.89 -6.15 -20.49
N HIS A 272 -0.80 -5.52 -20.93
CA HIS A 272 -0.60 -5.19 -22.35
C HIS A 272 0.50 -6.03 -22.97
N SER A 273 0.72 -5.90 -24.27
CA SER A 273 1.76 -6.70 -24.88
C SER A 273 2.50 -5.97 -25.98
N LEU A 274 3.71 -6.45 -26.31
CA LEU A 274 4.31 -6.20 -27.61
C LEU A 274 4.60 -7.54 -28.26
N SER A 275 4.38 -7.60 -29.57
CA SER A 275 4.44 -8.87 -30.30
C SER A 275 5.35 -8.77 -31.52
N GLY A 276 5.86 -9.91 -31.95
CA GLY A 276 6.78 -10.01 -33.07
C GLY A 276 6.77 -11.45 -33.51
N PHE A 277 7.21 -11.73 -34.73
CA PHE A 277 7.20 -13.10 -35.19
C PHE A 277 8.59 -13.65 -35.45
N THR A 278 8.72 -14.94 -35.18
CA THR A 278 9.90 -15.75 -35.36
C THR A 278 10.16 -15.97 -36.83
N SER A 279 11.39 -16.33 -37.20
CA SER A 279 11.68 -16.82 -38.55
C SER A 279 10.71 -17.92 -38.88
N SER A 280 10.50 -18.82 -37.92
CA SER A 280 9.75 -20.04 -38.17
C SER A 280 8.26 -19.85 -37.89
N GLY A 281 7.84 -18.61 -37.72
CA GLY A 281 6.43 -18.32 -37.66
C GLY A 281 5.80 -18.41 -36.28
N VAL A 282 6.60 -18.41 -35.22
CA VAL A 282 6.02 -18.33 -33.90
C VAL A 282 5.73 -16.89 -33.52
N LYS A 283 4.50 -16.60 -33.10
CA LYS A 283 4.17 -15.32 -32.50
C LYS A 283 4.72 -15.22 -31.05
N VAL A 284 5.47 -14.17 -30.75
CA VAL A 284 6.06 -14.04 -29.44
C VAL A 284 5.57 -12.75 -28.84
N SER A 285 5.09 -12.82 -27.61
CA SER A 285 4.48 -11.66 -26.96
C SER A 285 5.10 -11.43 -25.59
N ILE A 286 5.39 -10.18 -25.27
CA ILE A 286 5.87 -9.89 -23.94
C ILE A 286 4.74 -9.12 -23.30
N TYR A 287 4.22 -9.69 -22.20
CA TYR A 287 3.13 -9.09 -21.46
C TYR A 287 3.67 -8.45 -20.19
N ALA A 288 3.14 -7.29 -19.88
CA ALA A 288 3.51 -6.58 -18.68
C ALA A 288 2.42 -5.60 -18.35
N SER A 289 2.21 -5.31 -17.07
CA SER A 289 1.29 -4.27 -16.65
C SER A 289 1.45 -2.97 -17.47
N PRO A 290 0.32 -2.29 -17.77
CA PRO A 290 0.23 -1.32 -18.87
C PRO A 290 1.21 -0.13 -18.81
N ASP A 291 1.52 0.42 -17.65
CA ASP A 291 2.39 1.58 -17.66
C ASP A 291 3.85 1.18 -17.78
N LYS A 292 4.10 -0.07 -18.10
CA LYS A 292 5.45 -0.58 -18.21
C LYS A 292 5.76 -1.22 -19.58
N ARG A 293 4.89 -1.00 -20.55
CA ARG A 293 4.96 -1.74 -21.80
C ARG A 293 6.31 -1.53 -22.45
N ASN A 294 6.86 -0.35 -22.27
CA ASN A 294 8.07 0.04 -22.98
C ASN A 294 9.36 -0.43 -22.33
N GLN A 295 9.25 -1.19 -21.24
CA GLN A 295 10.39 -1.91 -20.69
C GLN A 295 10.43 -3.34 -21.24
N THR A 296 9.53 -3.64 -22.18
CA THR A 296 9.48 -4.98 -22.75
C THR A 296 10.17 -5.10 -24.07
N HIS A 297 10.76 -4.01 -24.56
CA HIS A 297 11.40 -4.02 -25.89
C HIS A 297 12.57 -5.00 -25.96
N TYR A 298 13.49 -4.93 -25.01
CA TYR A 298 14.66 -5.78 -25.04
C TYR A 298 14.31 -7.25 -24.98
N ALA A 299 13.38 -7.61 -24.11
CA ALA A 299 12.82 -8.97 -24.06
C ALA A 299 12.25 -9.43 -25.40
N LEU A 300 11.55 -8.55 -26.10
CA LEU A 300 11.04 -8.91 -27.41
C LEU A 300 12.18 -9.29 -28.35
N GLN A 301 13.19 -8.42 -28.46
CA GLN A 301 14.32 -8.73 -29.32
C GLN A 301 14.97 -10.02 -28.91
N ALA A 302 15.37 -10.07 -27.64
CA ALA A 302 16.21 -11.16 -27.16
C ALA A 302 15.53 -12.53 -27.31
N SER A 303 14.24 -12.57 -27.07
CA SER A 303 13.52 -13.83 -27.11
C SER A 303 13.46 -14.36 -28.53
N LEU A 304 13.02 -13.49 -29.46
CA LEU A 304 12.94 -13.77 -30.90
C LEU A 304 14.23 -14.35 -31.46
N LYS A 305 15.31 -13.61 -31.20
CA LYS A 305 16.63 -14.01 -31.61
C LYS A 305 17.04 -15.30 -30.91
N LEU A 306 16.70 -15.45 -29.64
CA LEU A 306 17.10 -16.66 -28.93
C LEU A 306 16.27 -17.87 -29.35
N LEU A 307 14.99 -17.67 -29.62
CA LEU A 307 14.11 -18.77 -30.01
C LEU A 307 14.47 -19.24 -31.43
N ASP A 308 14.87 -18.28 -32.27
CA ASP A 308 15.41 -18.58 -33.60
C ASP A 308 16.69 -19.40 -33.49
N PHE A 309 17.59 -19.03 -32.57
CA PHE A 309 18.78 -19.86 -32.39
C PHE A 309 18.43 -21.27 -31.93
N TYR A 310 17.47 -21.39 -31.04
CA TYR A 310 17.25 -22.67 -30.42
C TYR A 310 16.71 -23.68 -31.42
N GLU A 311 15.80 -23.24 -32.29
CA GLU A 311 15.27 -24.08 -33.36
C GLU A 311 16.37 -24.59 -34.28
N LYS A 312 17.30 -23.71 -34.66
CA LYS A 312 18.47 -24.11 -35.44
C LYS A 312 19.33 -25.14 -34.74
N TYR A 313 19.82 -24.81 -33.56
CA TYR A 313 20.77 -25.68 -32.87
C TYR A 313 20.13 -27.01 -32.47
N PHE A 314 18.85 -26.99 -32.12
CA PHE A 314 18.21 -28.24 -31.74
C PHE A 314 17.63 -28.94 -32.97
N ASP A 315 17.46 -28.17 -34.04
CA ASP A 315 16.90 -28.69 -35.29
C ASP A 315 15.50 -29.28 -35.05
N ILE A 316 14.77 -28.66 -34.13
CA ILE A 316 13.40 -29.02 -33.80
C ILE A 316 12.58 -27.77 -33.64
N TYR A 317 11.63 -27.51 -34.54
CA TYR A 317 10.74 -26.36 -34.36
C TYR A 317 10.00 -26.34 -33.01
N TYR A 318 10.04 -25.19 -32.32
CA TYR A 318 9.10 -24.95 -31.22
C TYR A 318 7.70 -25.22 -31.79
N PRO A 319 6.91 -26.07 -31.11
CA PRO A 319 5.72 -26.70 -31.67
C PRO A 319 4.40 -25.94 -31.55
N LEU A 320 4.37 -24.66 -31.22
CA LEU A 320 3.14 -23.99 -30.79
C LEU A 320 2.98 -22.65 -31.47
N SER A 321 1.75 -22.25 -31.78
CA SER A 321 1.56 -21.07 -32.62
C SER A 321 2.20 -19.84 -31.99
N LYS A 322 2.11 -19.75 -30.66
CA LYS A 322 2.55 -18.59 -29.92
C LYS A 322 3.47 -18.90 -28.73
N LEU A 323 4.17 -17.87 -28.26
CA LEU A 323 4.98 -17.97 -27.04
C LEU A 323 4.87 -16.65 -26.28
N ASP A 324 4.17 -16.70 -25.14
CA ASP A 324 3.96 -15.51 -24.31
C ASP A 324 4.99 -15.45 -23.19
N LEU A 325 5.47 -14.25 -22.92
CA LEU A 325 6.35 -13.99 -21.79
C LEU A 325 5.76 -12.86 -20.96
N ILE A 326 5.44 -13.16 -19.70
CA ILE A 326 4.73 -12.21 -18.86
C ILE A 326 5.51 -11.91 -17.58
N ALA A 327 5.62 -10.63 -17.25
CA ALA A 327 6.29 -10.20 -16.03
C ALA A 327 5.26 -10.02 -14.91
N ILE A 328 5.38 -10.86 -13.88
CA ILE A 328 4.44 -10.92 -12.76
C ILE A 328 4.94 -10.17 -11.54
N PRO A 329 4.13 -9.26 -11.01
CA PRO A 329 4.45 -8.47 -9.80
C PRO A 329 4.81 -9.31 -8.55
N ASP A 330 4.13 -10.40 -8.29
CA ASP A 330 4.46 -11.23 -7.14
C ASP A 330 4.84 -12.59 -7.61
N PHE A 331 6.12 -12.84 -7.72
CA PHE A 331 6.54 -14.12 -8.26
C PHE A 331 7.68 -14.62 -7.43
N ALA A 332 7.66 -15.88 -7.01
CA ALA A 332 8.69 -16.31 -6.07
C ALA A 332 9.96 -16.72 -6.80
N PRO A 333 9.87 -17.65 -7.76
CA PRO A 333 11.13 -17.94 -8.43
C PRO A 333 11.47 -16.82 -9.40
N GLY A 334 12.56 -16.93 -10.16
CA GLY A 334 12.97 -15.84 -11.02
C GLY A 334 12.17 -15.87 -12.30
N ALA A 335 11.83 -17.10 -12.70
CA ALA A 335 10.99 -17.32 -13.84
C ALA A 335 10.46 -18.76 -13.85
N MET A 336 9.32 -19.00 -14.49
CA MET A 336 8.80 -20.37 -14.64
C MET A 336 8.45 -20.74 -16.10
N GLU A 337 8.94 -21.89 -16.54
CA GLU A 337 9.09 -22.23 -17.94
C GLU A 337 7.84 -22.74 -18.62
N ASN A 338 6.69 -22.56 -18.00
CA ASN A 338 5.40 -22.91 -18.63
C ASN A 338 5.26 -22.84 -20.15
N TRP A 339 5.21 -24.03 -20.76
CA TRP A 339 5.02 -24.20 -22.21
C TRP A 339 4.02 -23.24 -22.76
N GLY A 340 4.49 -22.29 -23.56
CA GLY A 340 3.62 -21.36 -24.26
C GLY A 340 3.41 -20.07 -23.52
N LEU A 341 3.60 -20.10 -22.19
CA LEU A 341 3.35 -18.93 -21.31
C LEU A 341 4.35 -18.87 -20.17
N ILE A 342 5.52 -18.27 -20.41
CA ILE A 342 6.57 -18.21 -19.40
C ILE A 342 6.37 -17.02 -18.46
N THR A 343 6.44 -17.26 -17.14
CA THR A 343 6.30 -16.18 -16.15
C THR A 343 7.66 -15.75 -15.58
N TYR A 344 7.77 -14.48 -15.22
CA TYR A 344 9.07 -13.89 -14.82
C TYR A 344 8.87 -12.91 -13.67
N ARG A 345 9.85 -12.80 -12.76
CA ARG A 345 9.96 -11.60 -11.96
C ARG A 345 10.08 -10.47 -12.91
N GLU A 346 9.40 -9.36 -12.65
CA GLU A 346 9.75 -8.12 -13.30
C GLU A 346 11.28 -7.89 -13.46
N THR A 347 12.09 -8.11 -12.42
CA THR A 347 13.52 -7.87 -12.61
C THR A 347 14.23 -8.84 -13.55
N SER A 348 13.58 -9.96 -13.86
CA SER A 348 14.13 -10.99 -14.75
C SER A 348 13.83 -10.77 -16.23
N LEU A 349 12.96 -9.83 -16.55
CA LEU A 349 12.43 -9.70 -17.90
C LEU A 349 12.37 -8.25 -18.41
N LEU A 350 12.01 -7.29 -17.57
CA LEU A 350 11.89 -5.91 -18.00
C LEU A 350 13.22 -5.24 -17.94
N PHE A 351 13.35 -4.17 -18.72
CA PHE A 351 14.62 -3.49 -18.87
C PHE A 351 14.41 -2.07 -19.30
N ASP A 352 15.13 -1.15 -18.69
CA ASP A 352 14.96 0.25 -18.98
C ASP A 352 16.30 0.95 -18.98
N PRO A 353 16.68 1.48 -20.15
CA PRO A 353 18.04 2.01 -20.31
C PRO A 353 18.39 3.10 -19.30
N LYS A 354 17.41 3.85 -18.82
CA LYS A 354 17.69 5.00 -17.97
C LYS A 354 18.01 4.56 -16.53
N THR A 355 17.88 3.26 -16.26
CA THR A 355 17.79 2.86 -14.86
C THR A 355 18.12 1.39 -14.59
N SER A 356 18.27 0.60 -15.66
CA SER A 356 18.79 -0.77 -15.55
C SER A 356 20.24 -0.72 -15.93
N SER A 357 21.02 -1.64 -15.44
CA SER A 357 22.47 -1.57 -15.65
C SER A 357 22.85 -2.59 -16.71
N ALA A 358 24.13 -2.74 -17.03
CA ALA A 358 24.47 -3.68 -18.09
C ALA A 358 24.55 -5.09 -17.53
N SER A 359 24.75 -5.21 -16.22
CA SER A 359 24.72 -6.53 -15.61
C SER A 359 23.27 -7.03 -15.55
N ASP A 360 22.34 -6.13 -15.23
CA ASP A 360 20.90 -6.30 -15.44
C ASP A 360 20.52 -6.79 -16.83
N LYS A 361 21.00 -6.12 -17.88
CA LYS A 361 20.81 -6.60 -19.25
C LYS A 361 21.36 -8.00 -19.47
N LEU A 362 22.46 -8.29 -18.80
CA LEU A 362 23.02 -9.63 -18.88
C LEU A 362 22.16 -10.66 -18.10
N TRP A 363 21.55 -10.23 -16.99
CA TRP A 363 20.71 -11.09 -16.20
C TRP A 363 19.40 -11.41 -16.94
N VAL A 364 18.76 -10.40 -17.50
CA VAL A 364 17.61 -10.59 -18.36
C VAL A 364 17.91 -11.44 -19.60
N THR A 365 19.10 -11.36 -20.16
CA THR A 365 19.36 -12.19 -21.30
C THR A 365 19.47 -13.61 -20.79
N ARG A 366 20.28 -13.77 -19.75
CA ARG A 366 20.42 -15.08 -19.10
C ARG A 366 19.10 -15.75 -18.81
N VAL A 367 18.22 -15.10 -18.04
CA VAL A 367 16.99 -15.74 -17.59
C VAL A 367 16.04 -16.10 -18.77
N ILE A 368 15.86 -15.17 -19.71
CA ILE A 368 15.15 -15.44 -20.98
C ILE A 368 15.75 -16.63 -21.73
N ALA A 369 17.07 -16.74 -21.71
CA ALA A 369 17.73 -17.83 -22.42
C ALA A 369 17.50 -19.12 -21.70
N HIS A 370 17.44 -19.06 -20.38
CA HIS A 370 17.27 -20.24 -19.55
C HIS A 370 15.89 -20.81 -19.79
N GLU A 371 14.90 -19.93 -19.70
CA GLU A 371 13.53 -20.31 -19.94
C GLU A 371 13.29 -20.91 -21.30
N LEU A 372 13.76 -20.25 -22.36
CA LEU A 372 13.36 -20.66 -23.71
C LEU A 372 14.00 -22.00 -24.00
N ALA A 373 15.17 -22.24 -23.41
CA ALA A 373 15.81 -23.57 -23.45
C ALA A 373 14.95 -24.69 -22.84
N HIS A 374 14.18 -24.33 -21.83
CA HIS A 374 13.37 -25.31 -21.11
C HIS A 374 12.24 -25.86 -21.98
N GLN A 375 11.85 -25.08 -23.00
CA GLN A 375 10.80 -25.50 -23.92
C GLN A 375 11.18 -26.78 -24.63
N TRP A 376 12.47 -27.06 -24.75
CA TRP A 376 12.91 -28.38 -25.21
C TRP A 376 13.35 -29.24 -24.04
N PHE A 377 14.34 -28.77 -23.29
CA PHE A 377 14.84 -29.50 -22.13
C PHE A 377 13.94 -29.29 -20.90
N GLY A 378 12.82 -30.00 -20.87
CA GLY A 378 11.91 -29.90 -19.74
C GLY A 378 10.47 -30.07 -20.16
N ASN A 379 10.04 -29.25 -21.12
CA ASN A 379 8.70 -29.33 -21.65
C ASN A 379 8.55 -30.41 -22.73
N LEU A 380 9.45 -30.41 -23.70
CA LEU A 380 9.36 -31.36 -24.80
C LEU A 380 9.90 -32.70 -24.38
N VAL A 381 11.01 -32.67 -23.67
CA VAL A 381 11.52 -33.87 -23.03
C VAL A 381 11.52 -33.62 -21.50
N THR A 382 10.92 -34.50 -20.74
CA THR A 382 10.74 -34.21 -19.32
C THR A 382 11.39 -35.30 -18.52
N MET A 383 11.84 -34.99 -17.32
CA MET A 383 12.49 -35.97 -16.48
C MET A 383 11.47 -37.00 -16.03
N GLU A 384 11.85 -38.27 -16.03
CA GLU A 384 10.92 -39.31 -15.60
C GLU A 384 10.38 -39.09 -14.19
N TRP A 385 11.20 -38.57 -13.29
CA TRP A 385 10.80 -38.20 -11.94
C TRP A 385 11.84 -37.19 -11.38
N TRP A 386 11.55 -36.60 -10.24
CA TRP A 386 12.39 -35.55 -9.65
C TRP A 386 13.81 -35.94 -9.19
N ASN A 387 14.19 -37.20 -9.35
CA ASN A 387 15.55 -37.61 -8.98
C ASN A 387 16.54 -37.16 -10.07
N ASP A 388 16.04 -37.07 -11.30
CA ASP A 388 16.87 -36.67 -12.42
C ASP A 388 16.45 -35.27 -12.87
N ILE A 389 15.93 -34.46 -11.96
CA ILE A 389 15.52 -33.09 -12.29
C ILE A 389 16.61 -32.32 -13.01
N TRP A 390 17.86 -32.76 -12.89
CA TRP A 390 18.97 -32.07 -13.52
C TRP A 390 18.95 -32.16 -15.05
N LEU A 391 18.34 -33.21 -15.61
CA LEU A 391 18.13 -33.30 -17.06
C LEU A 391 17.33 -32.12 -17.56
N ASN A 392 16.46 -31.60 -16.70
CA ASN A 392 15.78 -30.34 -16.93
C ASN A 392 16.71 -29.16 -16.71
N GLU A 393 17.23 -29.08 -15.50
CA GLU A 393 17.75 -27.82 -14.98
C GLU A 393 19.20 -27.61 -15.22
N GLY A 394 19.93 -28.71 -15.38
CA GLY A 394 21.32 -28.62 -15.77
C GLY A 394 21.42 -28.13 -17.20
N PHE A 395 20.61 -28.70 -18.09
CA PHE A 395 20.76 -28.38 -19.50
C PHE A 395 20.36 -26.97 -19.80
N ALA A 396 19.39 -26.47 -19.05
CA ALA A 396 18.93 -25.14 -19.34
C ALA A 396 20.00 -24.17 -18.92
N LYS A 397 20.64 -24.47 -17.79
CA LYS A 397 21.68 -23.60 -17.26
C LYS A 397 22.83 -23.56 -18.29
N TYR A 398 23.21 -24.73 -18.78
CA TYR A 398 24.34 -24.80 -19.64
C TYR A 398 23.99 -24.15 -21.00
N MET A 399 22.83 -24.48 -21.57
CA MET A 399 22.42 -23.83 -22.83
C MET A 399 22.30 -22.32 -22.75
N GLU A 400 22.48 -21.74 -21.57
CA GLU A 400 22.54 -20.30 -21.45
C GLU A 400 23.83 -19.90 -22.12
N LEU A 401 24.89 -20.59 -21.69
CA LEU A 401 26.23 -20.35 -22.20
C LEU A 401 26.20 -20.36 -23.73
N ILE A 402 25.81 -21.50 -24.30
CA ILE A 402 25.75 -21.65 -25.75
C ILE A 402 24.91 -20.57 -26.42
N ALA A 403 23.67 -20.38 -25.99
CA ALA A 403 22.77 -19.55 -26.77
C ALA A 403 23.07 -18.07 -26.60
N VAL A 404 23.42 -17.65 -25.40
CA VAL A 404 23.82 -16.26 -25.21
C VAL A 404 25.10 -15.90 -26.02
N ASN A 405 26.09 -16.79 -25.96
CA ASN A 405 27.26 -16.71 -26.82
C ASN A 405 26.93 -16.56 -28.32
N ALA A 406 26.28 -17.57 -28.88
CA ALA A 406 25.80 -17.52 -30.26
C ALA A 406 25.00 -16.27 -30.66
N THR A 407 24.24 -15.69 -29.76
CA THR A 407 23.30 -14.66 -30.18
C THR A 407 23.71 -13.27 -29.72
N TYR A 408 24.59 -13.22 -28.72
CA TYR A 408 24.94 -11.96 -28.05
C TYR A 408 26.37 -12.06 -27.52
N PRO A 409 27.36 -12.20 -28.42
CA PRO A 409 28.71 -12.40 -27.86
C PRO A 409 29.32 -11.10 -27.34
N GLU A 410 28.72 -9.98 -27.73
CA GLU A 410 29.11 -8.67 -27.20
C GLU A 410 28.74 -8.50 -25.71
N LEU A 411 28.10 -9.52 -25.13
CA LEU A 411 27.68 -9.56 -23.72
C LEU A 411 28.71 -10.26 -22.91
N GLN A 412 29.66 -10.90 -23.60
CA GLN A 412 30.82 -11.52 -22.97
C GLN A 412 30.40 -12.60 -21.96
N PHE A 413 29.23 -13.19 -22.15
CA PHE A 413 28.74 -14.08 -21.10
C PHE A 413 29.64 -15.33 -21.10
N ASP A 414 30.37 -15.54 -22.17
CA ASP A 414 31.31 -16.67 -22.19
C ASP A 414 32.40 -16.63 -21.08
N ASP A 415 32.91 -15.43 -20.80
CA ASP A 415 33.85 -15.27 -19.72
C ASP A 415 33.23 -15.74 -18.42
N TYR A 416 32.35 -14.91 -17.87
CA TYR A 416 31.52 -15.15 -16.68
C TYR A 416 30.98 -16.57 -16.40
N PHE A 417 31.08 -17.50 -17.34
CA PHE A 417 30.55 -18.81 -17.01
C PHE A 417 31.34 -19.53 -15.92
N LEU A 418 32.67 -19.39 -15.92
CA LEU A 418 33.53 -19.99 -14.87
C LEU A 418 33.01 -19.76 -13.45
N ASN A 419 32.34 -18.62 -13.24
CA ASN A 419 31.68 -18.31 -11.98
C ASN A 419 30.61 -19.32 -11.58
N VAL A 420 29.91 -19.88 -12.55
CA VAL A 420 28.88 -20.86 -12.25
C VAL A 420 29.56 -22.02 -11.56
N CYS A 421 30.68 -22.42 -12.11
CA CYS A 421 31.42 -23.58 -11.62
C CYS A 421 32.10 -23.35 -10.28
N PHE A 422 32.71 -22.18 -10.11
CA PHE A 422 33.35 -21.89 -8.86
C PHE A 422 32.34 -21.85 -7.70
N GLU A 423 31.15 -21.34 -7.98
CA GLU A 423 30.13 -21.24 -6.93
C GLU A 423 29.68 -22.59 -6.36
N VAL A 424 29.51 -23.57 -7.25
CA VAL A 424 29.06 -24.87 -6.79
C VAL A 424 30.18 -25.65 -6.09
N ILE A 425 31.42 -25.47 -6.54
CA ILE A 425 32.58 -26.10 -5.88
C ILE A 425 32.59 -25.80 -4.38
N THR A 426 32.19 -24.58 -4.01
CA THR A 426 32.01 -24.20 -2.60
C THR A 426 31.25 -25.27 -1.84
N LYS A 427 29.99 -25.48 -2.21
CA LYS A 427 29.14 -26.47 -1.58
C LYS A 427 29.59 -27.91 -1.84
N ASP A 428 30.10 -28.18 -3.04
CA ASP A 428 30.47 -29.54 -3.45
C ASP A 428 31.73 -30.04 -2.71
N SER A 429 32.51 -29.12 -2.13
CA SER A 429 33.70 -29.49 -1.38
C SER A 429 33.44 -29.67 0.13
N LEU A 430 32.18 -29.64 0.55
CA LEU A 430 31.82 -30.04 1.90
C LEU A 430 31.18 -31.43 1.87
N ASN A 431 31.12 -32.13 3.01
CA ASN A 431 30.59 -33.49 2.99
C ASN A 431 29.07 -33.50 2.93
N SER A 432 28.46 -32.39 3.32
CA SER A 432 27.02 -32.23 3.21
C SER A 432 26.64 -31.82 1.80
N SER A 433 27.27 -32.45 0.82
CA SER A 433 26.84 -32.27 -0.54
C SER A 433 26.16 -33.56 -1.00
N ARG A 434 25.68 -33.58 -2.24
CA ARG A 434 24.88 -34.70 -2.75
C ARG A 434 25.26 -35.00 -4.18
N PRO A 435 24.91 -36.20 -4.68
CA PRO A 435 25.05 -36.49 -6.11
C PRO A 435 24.02 -35.72 -6.90
N ILE A 436 24.21 -35.47 -8.19
CA ILE A 436 23.21 -34.69 -8.91
C ILE A 436 21.92 -35.49 -9.06
N SER A 437 22.03 -36.81 -9.01
CA SER A 437 20.86 -37.68 -9.04
C SER A 437 20.77 -38.49 -7.75
N LYS A 438 19.91 -38.07 -6.84
CA LYS A 438 19.63 -38.87 -5.65
C LYS A 438 18.12 -39.03 -5.57
N PRO A 439 17.61 -40.01 -4.80
CA PRO A 439 16.16 -40.18 -4.76
C PRO A 439 15.43 -38.95 -4.19
N ALA A 440 14.11 -38.91 -4.33
CA ALA A 440 13.34 -37.79 -3.78
C ALA A 440 11.86 -38.15 -3.72
N GLU A 441 11.18 -37.69 -2.67
CA GLU A 441 9.81 -38.14 -2.41
C GLU A 441 8.92 -37.07 -1.75
N THR A 442 9.28 -36.58 -0.57
CA THR A 442 8.48 -35.52 0.04
C THR A 442 8.35 -34.34 -0.92
N PRO A 443 7.24 -33.59 -0.85
CA PRO A 443 7.26 -32.28 -1.49
C PRO A 443 8.49 -31.44 -1.09
N THR A 444 8.85 -31.47 0.18
CA THR A 444 10.02 -30.76 0.63
C THR A 444 11.31 -31.34 0.02
N GLN A 445 11.50 -32.65 0.03
CA GLN A 445 12.69 -33.24 -0.60
C GLN A 445 12.75 -33.01 -2.10
N ILE A 446 11.62 -32.67 -2.73
CA ILE A 446 11.65 -32.44 -4.16
C ILE A 446 12.06 -31.01 -4.42
N GLN A 447 11.49 -30.08 -3.66
CA GLN A 447 11.91 -28.69 -3.71
C GLN A 447 13.42 -28.55 -3.49
N GLU A 448 13.93 -29.28 -2.50
CA GLU A 448 15.34 -29.26 -2.16
C GLU A 448 16.18 -29.70 -3.34
N MET A 449 15.61 -30.51 -4.22
CA MET A 449 16.40 -30.99 -5.35
C MET A 449 16.78 -29.83 -6.28
N PHE A 450 16.12 -28.69 -6.13
CA PHE A 450 16.38 -27.48 -6.91
C PHE A 450 17.45 -26.60 -6.28
N ASP A 451 18.72 -26.99 -6.45
CA ASP A 451 19.81 -26.22 -5.88
C ASP A 451 21.00 -26.19 -6.85
N GLU A 452 22.09 -25.52 -6.46
CA GLU A 452 23.23 -25.33 -7.37
C GLU A 452 23.92 -26.64 -7.75
N VAL A 453 23.66 -27.70 -7.01
CA VAL A 453 24.11 -28.99 -7.49
C VAL A 453 23.37 -29.40 -8.76
N SER A 454 22.03 -29.41 -8.76
CA SER A 454 21.33 -29.84 -9.97
C SER A 454 21.41 -28.79 -11.10
N TYR A 455 21.62 -27.52 -10.73
CA TYR A 455 21.75 -26.44 -11.70
C TYR A 455 23.19 -26.27 -12.17
N ASN A 456 23.99 -25.56 -11.40
CA ASN A 456 25.36 -25.27 -11.76
C ASN A 456 26.23 -26.48 -12.07
N LYS A 457 26.27 -27.48 -11.20
CA LYS A 457 27.17 -28.61 -11.46
C LYS A 457 26.80 -29.35 -12.74
N GLY A 458 25.50 -29.47 -13.00
CA GLY A 458 25.04 -30.22 -14.13
C GLY A 458 25.48 -29.47 -15.34
N ALA A 459 25.40 -28.15 -15.25
CA ALA A 459 25.83 -27.32 -16.36
C ALA A 459 27.34 -27.52 -16.57
N CYS A 460 28.09 -27.55 -15.48
CA CYS A 460 29.54 -27.69 -15.57
C CYS A 460 29.98 -29.03 -16.12
N ILE A 461 29.59 -30.12 -15.47
CA ILE A 461 29.76 -31.46 -16.03
C ILE A 461 29.46 -31.53 -17.52
N LEU A 462 28.32 -31.00 -17.92
CA LEU A 462 27.97 -31.02 -19.32
C LEU A 462 28.95 -30.20 -20.16
N ASN A 463 29.54 -29.16 -19.59
CA ASN A 463 30.45 -28.32 -20.37
C ASN A 463 31.77 -29.03 -20.61
N MET A 464 32.19 -29.79 -19.61
CA MET A 464 33.33 -30.69 -19.71
C MET A 464 33.20 -31.54 -20.94
N LEU A 465 32.20 -32.41 -20.92
CA LEU A 465 31.77 -33.16 -22.08
C LEU A 465 31.86 -32.41 -23.42
N LYS A 466 31.25 -31.24 -23.51
CA LYS A 466 31.30 -30.51 -24.78
C LYS A 466 32.74 -30.31 -25.26
N ASP A 467 33.67 -30.13 -24.31
CA ASP A 467 35.07 -29.93 -24.66
C ASP A 467 35.70 -31.24 -25.11
N PHE A 468 35.38 -32.30 -24.40
CA PHE A 468 35.88 -33.63 -24.73
C PHE A 468 35.43 -34.08 -26.14
N LEU A 469 34.14 -33.98 -26.43
CA LEU A 469 33.57 -34.49 -27.69
C LEU A 469 33.59 -33.47 -28.82
N GLY A 470 33.79 -32.20 -28.48
CA GLY A 470 33.79 -31.14 -29.48
C GLY A 470 32.37 -30.75 -29.78
N GLU A 471 32.17 -29.50 -30.18
CA GLU A 471 30.83 -28.96 -30.36
C GLU A 471 30.02 -29.84 -31.31
N GLU A 472 30.61 -30.18 -32.45
CA GLU A 472 29.90 -30.87 -33.52
C GLU A 472 29.34 -32.20 -33.07
N LYS A 473 30.06 -32.91 -32.22
CA LYS A 473 29.60 -34.21 -31.77
C LYS A 473 28.59 -34.04 -30.64
N PHE A 474 28.90 -33.12 -29.72
CA PHE A 474 27.98 -32.76 -28.63
C PHE A 474 26.62 -32.37 -29.17
N GLN A 475 26.60 -31.38 -30.07
CA GLN A 475 25.38 -30.90 -30.69
C GLN A 475 24.58 -32.02 -31.35
N LYS A 476 25.28 -32.90 -32.06
CA LYS A 476 24.63 -34.03 -32.71
C LYS A 476 23.94 -34.96 -31.70
N GLY A 477 24.58 -35.14 -30.54
CA GLY A 477 24.04 -36.01 -29.50
C GLY A 477 22.80 -35.45 -28.83
N ILE A 478 22.75 -34.13 -28.73
CA ILE A 478 21.62 -33.45 -28.16
C ILE A 478 20.42 -33.58 -29.12
N ILE A 479 20.62 -33.22 -30.37
CA ILE A 479 19.55 -33.33 -31.34
C ILE A 479 18.94 -34.74 -31.38
N GLN A 480 19.75 -35.78 -31.24
CA GLN A 480 19.19 -37.14 -31.14
C GLN A 480 18.27 -37.23 -29.95
N TYR A 481 18.85 -37.01 -28.76
CA TYR A 481 18.16 -37.05 -27.46
C TYR A 481 16.76 -36.49 -27.52
N LEU A 482 16.67 -35.22 -27.94
CA LEU A 482 15.40 -34.53 -28.03
C LEU A 482 14.43 -35.18 -29.01
N LYS A 483 14.95 -35.62 -30.15
CA LYS A 483 14.08 -36.15 -31.18
C LYS A 483 13.47 -37.43 -30.66
N LYS A 484 14.32 -38.27 -30.08
CA LYS A 484 13.94 -39.58 -29.56
C LYS A 484 12.90 -39.50 -28.47
N PHE A 485 13.04 -38.52 -27.59
CA PHE A 485 12.24 -38.51 -26.36
C PHE A 485 11.21 -37.42 -26.36
N SER A 486 11.11 -36.71 -27.47
CA SER A 486 10.00 -35.81 -27.72
C SER A 486 8.71 -36.31 -27.06
N TYR A 487 7.98 -35.40 -26.44
CA TYR A 487 6.66 -35.67 -25.88
C TYR A 487 6.59 -36.83 -24.88
N ARG A 488 7.73 -37.25 -24.36
CA ARG A 488 7.70 -38.24 -23.30
C ARG A 488 8.83 -37.97 -22.35
N ASN A 489 9.36 -39.01 -21.72
CA ASN A 489 10.32 -38.78 -20.64
C ASN A 489 11.67 -39.48 -20.82
N ALA A 490 12.67 -39.01 -20.07
CA ALA A 490 13.96 -39.67 -20.00
C ALA A 490 14.43 -39.75 -18.56
N LYS A 491 15.20 -40.77 -18.27
CA LYS A 491 15.93 -40.83 -17.01
C LYS A 491 17.40 -40.71 -17.40
N ASN A 492 18.26 -40.60 -16.39
CA ASN A 492 19.64 -40.26 -16.60
C ASN A 492 20.32 -41.03 -17.73
N ASP A 493 20.26 -42.35 -17.64
CA ASP A 493 20.93 -43.25 -18.57
C ASP A 493 20.57 -42.94 -20.02
N ASP A 494 19.33 -42.53 -20.24
CA ASP A 494 18.87 -42.18 -21.58
C ASP A 494 19.68 -41.04 -22.16
N LEU A 495 19.99 -40.07 -21.31
CA LEU A 495 20.74 -38.90 -21.71
C LEU A 495 22.15 -39.26 -22.15
N TRP A 496 22.75 -40.24 -21.46
CA TRP A 496 24.12 -40.61 -21.77
C TRP A 496 24.20 -41.49 -23.01
N SER A 497 23.43 -42.58 -23.04
CA SER A 497 23.36 -43.49 -24.20
C SER A 497 23.25 -42.71 -25.50
N SER A 498 22.50 -41.62 -25.42
CA SER A 498 22.33 -40.75 -26.55
C SER A 498 23.58 -39.94 -26.78
N LEU A 499 24.08 -39.30 -25.71
CA LEU A 499 25.29 -38.49 -25.81
C LEU A 499 26.48 -39.36 -26.15
N SER A 500 26.52 -40.55 -25.56
CA SER A 500 27.48 -41.58 -25.93
C SER A 500 27.39 -41.90 -27.42
N ASN A 501 26.31 -42.56 -27.80
CA ASN A 501 26.08 -43.01 -29.17
C ASN A 501 25.56 -41.91 -30.10
N SER A 502 26.23 -40.75 -30.05
CA SER A 502 25.95 -39.65 -30.96
C SER A 502 26.53 -39.95 -32.34
N CYS A 503 26.03 -39.27 -33.36
CA CYS A 503 26.27 -39.73 -34.72
C CYS A 503 26.84 -38.69 -35.67
N LEU A 504 27.74 -39.18 -36.53
CA LEU A 504 28.40 -38.38 -37.56
C LEU A 504 28.51 -39.19 -38.87
N GLU A 505 28.37 -38.52 -40.01
CA GLU A 505 28.21 -37.06 -40.03
C GLU A 505 26.79 -36.46 -39.86
N SER A 506 25.70 -37.04 -40.39
CA SER A 506 25.60 -38.35 -41.07
C SER A 506 26.31 -38.34 -42.43
N ASP A 507 27.04 -39.42 -42.70
CA ASP A 507 27.98 -39.47 -43.82
C ASP A 507 27.40 -40.19 -45.05
N PHE A 508 26.10 -40.47 -45.01
CA PHE A 508 25.30 -40.95 -46.15
C PHE A 508 25.50 -42.44 -46.49
N THR A 509 25.19 -43.32 -45.53
CA THR A 509 25.20 -44.79 -45.73
C THR A 509 26.50 -45.34 -46.32
N SER A 510 26.83 -44.91 -47.54
CA SER A 510 28.11 -45.24 -48.18
C SER A 510 29.26 -44.72 -47.30
N GLY A 511 29.59 -45.48 -46.27
CA GLY A 511 30.42 -44.97 -45.19
C GLY A 511 29.62 -43.83 -44.57
N GLY A 512 28.82 -44.13 -43.56
CA GLY A 512 28.75 -45.45 -42.94
C GLY A 512 28.30 -45.21 -41.52
N VAL A 513 29.13 -45.65 -40.56
CA VAL A 513 28.99 -45.34 -39.13
C VAL A 513 27.54 -45.33 -38.59
N CYS A 514 26.73 -44.43 -39.12
CA CYS A 514 25.31 -44.33 -38.75
C CYS A 514 24.36 -44.48 -39.95
N HIS A 515 23.75 -45.67 -40.04
CA HIS A 515 22.71 -46.00 -41.00
C HIS A 515 22.24 -47.43 -40.72
N SER A 516 21.25 -47.90 -41.48
CA SER A 516 20.86 -49.31 -41.50
C SER A 516 21.97 -50.20 -42.08
N ASP A 517 22.70 -49.66 -43.05
CA ASP A 517 23.74 -50.41 -43.75
C ASP A 517 25.08 -49.66 -43.80
N PRO A 518 25.78 -49.56 -42.65
CA PRO A 518 27.13 -48.98 -42.62
C PRO A 518 28.21 -50.05 -42.79
N LYS A 519 29.38 -49.69 -43.30
CA LYS A 519 30.47 -50.67 -43.44
C LYS A 519 31.01 -51.02 -42.06
N MET A 520 32.14 -51.73 -41.99
CA MET A 520 32.64 -52.24 -40.72
C MET A 520 34.10 -51.91 -40.42
N THR A 521 34.54 -50.71 -40.82
CA THR A 521 35.96 -50.32 -40.79
C THR A 521 36.62 -50.49 -39.42
N SER A 522 37.94 -50.27 -39.37
CA SER A 522 38.69 -50.29 -38.11
C SER A 522 38.47 -48.98 -37.34
N ASN A 523 37.39 -48.28 -37.70
CA ASN A 523 36.92 -47.11 -36.97
C ASN A 523 35.65 -47.45 -36.19
N MET A 524 34.78 -48.23 -36.84
CA MET A 524 33.57 -48.73 -36.22
C MET A 524 33.87 -49.59 -34.99
N LEU A 525 35.08 -50.14 -34.90
CA LEU A 525 35.51 -50.91 -33.73
C LEU A 525 35.52 -50.06 -32.46
N ALA A 526 35.89 -48.79 -32.61
CA ALA A 526 36.04 -47.89 -31.46
C ALA A 526 34.89 -46.90 -31.34
N PHE A 527 34.20 -46.62 -32.45
CA PHE A 527 32.98 -45.83 -32.41
C PHE A 527 32.05 -46.45 -31.37
N LEU A 528 31.68 -47.71 -31.57
CA LEU A 528 30.86 -48.42 -30.60
C LEU A 528 31.61 -48.66 -29.28
N GLY A 529 32.94 -48.54 -29.33
CA GLY A 529 33.77 -48.82 -28.17
C GLY A 529 34.13 -47.60 -27.32
N GLU A 530 34.60 -46.53 -27.97
CA GLU A 530 34.92 -45.29 -27.28
C GLU A 530 33.64 -44.64 -26.74
N ASN A 531 32.61 -44.58 -27.58
CA ASN A 531 31.33 -44.01 -27.18
C ASN A 531 30.78 -44.70 -25.93
N ALA A 532 30.95 -46.01 -25.87
CA ALA A 532 30.53 -46.77 -24.71
C ALA A 532 31.38 -46.47 -23.48
N GLU A 533 32.57 -45.89 -23.69
CA GLU A 533 33.45 -45.54 -22.58
C GLU A 533 33.13 -44.15 -22.06
N VAL A 534 32.58 -43.30 -22.92
CA VAL A 534 32.16 -41.99 -22.49
C VAL A 534 31.01 -42.15 -21.50
N LYS A 535 30.14 -43.14 -21.73
CA LYS A 535 29.01 -43.34 -20.84
C LYS A 535 29.46 -43.85 -19.47
N GLU A 536 30.46 -44.70 -19.45
CA GLU A 536 30.95 -45.25 -18.20
C GLU A 536 31.53 -44.10 -17.36
N MET A 537 31.99 -43.07 -18.06
CA MET A 537 32.61 -41.90 -17.43
C MET A 537 31.61 -41.02 -16.70
N MET A 538 30.67 -40.46 -17.43
CA MET A 538 29.69 -39.56 -16.86
C MET A 538 28.93 -40.17 -15.68
N THR A 539 28.57 -41.43 -15.77
CA THR A 539 27.91 -42.12 -14.66
C THR A 539 28.65 -41.91 -13.34
N THR A 540 29.98 -41.76 -13.39
CA THR A 540 30.74 -41.37 -12.20
C THR A 540 30.31 -40.00 -11.66
N TRP A 541 30.24 -39.03 -12.57
CA TRP A 541 29.97 -37.66 -12.18
C TRP A 541 28.54 -37.45 -11.67
N THR A 542 27.61 -38.32 -12.10
CA THR A 542 26.21 -38.17 -11.69
C THR A 542 25.85 -38.92 -10.40
N LEU A 543 26.56 -40.00 -10.11
CA LEU A 543 26.25 -40.78 -8.94
C LEU A 543 27.12 -40.46 -7.71
N GLN A 544 28.36 -40.02 -7.94
CA GLN A 544 29.27 -39.63 -6.85
C GLN A 544 29.23 -38.15 -6.44
N LYS A 545 28.82 -37.86 -5.20
CA LYS A 545 28.95 -36.52 -4.64
C LYS A 545 30.41 -36.00 -4.67
N GLY A 546 30.60 -34.69 -4.57
CA GLY A 546 31.97 -34.18 -4.47
C GLY A 546 32.67 -33.81 -5.78
N ILE A 547 33.90 -33.33 -5.66
CA ILE A 547 34.74 -32.98 -6.81
C ILE A 547 36.20 -33.51 -6.67
N PRO A 548 36.76 -34.09 -7.75
CA PRO A 548 38.11 -34.65 -7.68
C PRO A 548 39.25 -33.62 -7.58
N LEU A 549 40.29 -33.96 -6.83
CA LEU A 549 41.54 -33.18 -6.77
C LEU A 549 42.68 -33.93 -7.42
N LEU A 550 43.17 -33.40 -8.52
CA LEU A 550 44.35 -33.95 -9.20
C LEU A 550 45.62 -33.38 -8.60
N VAL A 551 46.54 -34.28 -8.23
CA VAL A 551 47.87 -33.87 -7.79
C VAL A 551 48.90 -34.15 -8.89
N VAL A 552 49.66 -33.13 -9.28
CA VAL A 552 50.62 -33.29 -10.36
C VAL A 552 52.05 -33.06 -9.89
N LYS A 553 52.85 -34.12 -9.81
CA LYS A 553 54.27 -34.01 -9.51
C LYS A 553 55.11 -34.11 -10.79
N GLN A 554 56.05 -33.18 -10.93
CA GLN A 554 56.86 -33.09 -12.14
C GLN A 554 58.34 -33.41 -11.87
N ASP A 555 58.64 -34.70 -11.64
CA ASP A 555 60.03 -35.15 -11.59
C ASP A 555 60.45 -35.79 -12.92
N GLY A 556 61.37 -35.14 -13.62
CA GLY A 556 61.79 -35.59 -14.93
C GLY A 556 60.84 -35.08 -15.99
N CYS A 557 60.94 -35.62 -17.21
CA CYS A 557 59.98 -35.29 -18.26
C CYS A 557 58.78 -36.20 -18.12
N SER A 558 58.68 -36.84 -16.96
CA SER A 558 57.54 -37.66 -16.57
C SER A 558 56.72 -36.92 -15.52
N LEU A 559 55.41 -37.18 -15.49
CA LEU A 559 54.48 -36.52 -14.57
C LEU A 559 53.70 -37.54 -13.75
N ARG A 560 53.84 -37.53 -12.42
CA ARG A 560 53.03 -38.44 -11.59
C ARG A 560 51.71 -37.79 -11.19
N LEU A 561 50.61 -38.52 -11.40
CA LEU A 561 49.26 -38.04 -11.10
C LEU A 561 48.60 -38.84 -9.98
N GLN A 562 48.17 -38.15 -8.93
CA GLN A 562 47.35 -38.80 -7.92
C GLN A 562 45.95 -38.17 -8.00
N GLN A 563 44.94 -38.90 -7.54
CA GLN A 563 43.55 -38.45 -7.55
C GLN A 563 42.90 -38.57 -6.17
N GLU A 564 42.23 -37.52 -5.72
CA GLU A 564 41.54 -37.57 -4.43
C GLU A 564 40.16 -36.91 -4.49
N ARG A 565 39.44 -36.97 -3.38
CA ARG A 565 38.17 -36.26 -3.27
C ARG A 565 38.44 -34.95 -2.57
N PHE A 566 38.32 -33.84 -3.28
CA PHE A 566 38.65 -32.55 -2.71
C PHE A 566 37.69 -32.13 -1.58
N LEU A 567 38.27 -31.73 -0.46
CA LEU A 567 37.54 -31.44 0.74
C LEU A 567 38.08 -30.15 1.34
N GLN A 568 37.20 -29.35 1.93
CA GLN A 568 37.59 -28.09 2.53
C GLN A 568 37.42 -28.13 4.05
N GLY A 569 38.49 -27.77 4.75
CA GLY A 569 38.49 -27.79 6.20
C GLY A 569 38.93 -29.16 6.68
N VAL A 570 39.61 -29.89 5.81
CA VAL A 570 40.01 -31.26 6.09
C VAL A 570 41.38 -31.51 5.45
N PHE A 571 42.44 -31.44 6.26
CA PHE A 571 43.82 -31.64 5.78
C PHE A 571 44.08 -33.11 5.48
N GLN A 572 45.16 -33.40 4.73
CA GLN A 572 45.45 -34.76 4.25
C GLN A 572 45.65 -35.77 5.38
N GLU A 573 45.80 -35.30 6.61
CA GLU A 573 45.75 -36.21 7.75
C GLU A 573 45.06 -35.60 8.97
N ASP A 574 43.74 -35.47 8.88
CA ASP A 574 42.89 -35.30 10.05
C ASP A 574 42.33 -36.67 10.40
N PRO A 575 41.65 -36.80 11.54
CA PRO A 575 40.99 -38.10 11.69
C PRO A 575 39.91 -38.24 10.63
N GLU A 576 39.13 -37.17 10.46
CA GLU A 576 38.06 -37.11 9.45
C GLU A 576 38.47 -37.65 8.08
N TRP A 577 39.67 -37.27 7.62
CA TRP A 577 40.02 -37.34 6.19
C TRP A 577 39.89 -38.71 5.49
N ARG A 578 40.33 -39.78 6.11
CA ARG A 578 40.42 -41.05 5.39
C ARG A 578 39.04 -41.60 5.04
N ALA A 579 38.11 -41.52 6.00
CA ALA A 579 36.73 -41.99 5.81
C ALA A 579 36.07 -41.33 4.60
N LEU A 580 36.22 -40.01 4.49
CA LEU A 580 35.67 -39.23 3.40
C LEU A 580 36.36 -39.54 2.06
N GLN A 581 37.46 -40.27 2.12
CA GLN A 581 38.23 -40.55 0.91
C GLN A 581 37.88 -41.92 0.37
N GLU A 582 37.09 -42.65 1.18
CA GLU A 582 36.92 -44.09 1.09
C GLU A 582 36.72 -44.60 -0.34
N ARG A 583 35.48 -44.56 -0.82
CA ARG A 583 35.13 -45.28 -2.02
C ARG A 583 35.30 -44.45 -3.32
N TYR A 584 35.69 -43.19 -3.16
CA TYR A 584 35.61 -42.22 -4.25
C TYR A 584 36.64 -42.37 -5.38
N LEU A 585 36.14 -42.43 -6.63
CA LEU A 585 36.98 -42.58 -7.81
C LEU A 585 36.33 -41.98 -9.06
N TRP A 586 37.06 -41.13 -9.80
CA TRP A 586 36.51 -40.49 -10.98
C TRP A 586 37.21 -40.85 -12.29
N HIS A 587 36.55 -40.50 -13.40
CA HIS A 587 37.06 -40.74 -14.77
C HIS A 587 37.49 -39.42 -15.42
N ILE A 588 38.39 -38.72 -14.77
CA ILE A 588 38.66 -37.32 -15.10
C ILE A 588 39.35 -37.11 -16.44
N PRO A 589 38.62 -36.63 -17.46
CA PRO A 589 39.31 -36.25 -18.69
C PRO A 589 40.20 -35.02 -18.51
N LEU A 590 41.51 -35.20 -18.54
CA LEU A 590 42.42 -34.08 -18.29
C LEU A 590 42.93 -33.44 -19.57
N THR A 591 43.45 -32.24 -19.43
CA THR A 591 44.12 -31.56 -20.51
C THR A 591 45.36 -30.97 -19.91
N TYR A 592 46.29 -30.52 -20.75
CA TYR A 592 47.44 -29.76 -20.26
C TYR A 592 48.15 -29.04 -21.38
N SER A 593 48.92 -28.05 -20.99
CA SER A 593 49.79 -27.36 -21.93
C SER A 593 51.04 -27.02 -21.14
N THR A 594 52.15 -26.84 -21.85
CA THR A 594 53.43 -26.55 -21.20
C THR A 594 53.97 -25.24 -21.74
N SER A 595 55.12 -24.80 -21.22
CA SER A 595 55.72 -23.55 -21.70
C SER A 595 56.36 -23.77 -23.05
N SER A 596 56.86 -25.00 -23.24
CA SER A 596 57.57 -25.40 -24.44
C SER A 596 56.63 -25.67 -25.61
N SER A 597 55.35 -25.74 -25.31
CA SER A 597 54.34 -25.97 -26.33
C SER A 597 52.97 -25.48 -25.86
N ASN A 598 52.37 -24.55 -26.61
CA ASN A 598 50.98 -24.18 -26.36
C ASN A 598 50.05 -25.06 -27.18
N VAL A 599 50.36 -26.35 -27.22
CA VAL A 599 49.50 -27.37 -27.81
C VAL A 599 48.72 -28.06 -26.69
N ILE A 600 47.45 -28.37 -26.96
CA ILE A 600 46.56 -28.95 -25.98
C ILE A 600 46.58 -30.46 -26.05
N HIS A 601 47.31 -31.09 -25.15
CA HIS A 601 47.35 -32.55 -25.09
C HIS A 601 46.26 -33.04 -24.14
N ARG A 602 45.70 -34.20 -24.44
CA ARG A 602 44.59 -34.74 -23.68
C ARG A 602 44.88 -36.16 -23.21
N HIS A 603 44.36 -36.52 -22.05
CA HIS A 603 44.55 -37.84 -21.49
C HIS A 603 43.52 -38.05 -20.39
N ILE A 604 43.16 -39.31 -20.16
CA ILE A 604 42.06 -39.63 -19.28
C ILE A 604 42.51 -40.55 -18.14
N LEU A 605 42.28 -40.15 -16.89
CA LEU A 605 42.36 -41.11 -15.79
C LEU A 605 41.25 -42.15 -16.05
N LYS A 606 41.39 -43.47 -15.80
CA LYS A 606 42.44 -44.26 -15.12
C LYS A 606 42.05 -44.29 -13.66
N SER A 607 42.91 -44.85 -12.81
CA SER A 607 42.58 -45.02 -11.41
C SER A 607 43.37 -44.07 -10.54
N LYS A 608 43.52 -44.43 -9.27
CA LYS A 608 44.10 -43.58 -8.23
C LYS A 608 45.41 -42.92 -8.63
N THR A 609 46.19 -43.59 -9.48
CA THR A 609 47.49 -43.07 -9.88
C THR A 609 47.76 -43.33 -11.35
N ASP A 610 48.65 -42.53 -11.93
CA ASP A 610 49.07 -42.73 -13.32
C ASP A 610 50.27 -41.85 -13.69
N THR A 611 50.91 -42.15 -14.81
CA THR A 611 52.10 -41.41 -15.21
C THR A 611 52.17 -41.11 -16.71
N LEU A 612 52.37 -39.84 -17.05
CA LEU A 612 52.54 -39.43 -18.42
C LEU A 612 54.00 -39.04 -18.64
N ASP A 613 54.41 -38.86 -19.90
CA ASP A 613 55.82 -38.58 -20.20
C ASP A 613 56.00 -37.54 -21.31
N LEU A 614 56.34 -36.31 -20.91
CA LEU A 614 56.50 -35.18 -21.83
C LEU A 614 57.55 -35.39 -22.92
N PRO A 615 57.34 -34.72 -24.07
CA PRO A 615 58.42 -34.37 -25.00
C PRO A 615 59.15 -33.11 -24.52
N GLU A 616 60.44 -33.26 -24.18
CA GLU A 616 61.29 -32.20 -23.62
C GLU A 616 61.04 -31.93 -22.14
N LYS A 617 61.96 -31.19 -21.53
CA LYS A 617 61.76 -30.56 -20.24
C LYS A 617 61.00 -29.26 -20.47
N THR A 618 60.58 -28.61 -19.40
CA THR A 618 59.92 -27.31 -19.53
C THR A 618 59.88 -26.59 -18.18
N SER A 619 59.74 -25.27 -18.23
CA SER A 619 59.64 -24.41 -17.04
C SER A 619 58.51 -24.84 -16.13
N TRP A 620 57.30 -24.90 -16.72
CA TRP A 620 56.09 -25.30 -15.99
C TRP A 620 55.12 -26.17 -16.79
N VAL A 621 54.26 -26.83 -16.03
CA VAL A 621 53.13 -27.55 -16.57
C VAL A 621 51.84 -26.84 -16.12
N LYS A 622 50.81 -26.85 -16.97
CA LYS A 622 49.55 -26.22 -16.61
C LYS A 622 48.37 -27.10 -17.03
N PHE A 623 47.89 -27.87 -16.06
CA PHE A 623 46.74 -28.74 -16.27
C PHE A 623 45.39 -27.99 -16.26
N ASN A 624 44.40 -28.62 -16.88
CA ASN A 624 43.06 -28.06 -17.06
C ASN A 624 43.08 -26.77 -17.84
N VAL A 625 43.13 -26.88 -19.15
CA VAL A 625 43.24 -25.72 -19.99
C VAL A 625 41.91 -24.97 -19.97
N ASP A 626 41.94 -23.67 -19.71
CA ASP A 626 40.73 -22.86 -19.54
C ASP A 626 39.80 -23.31 -18.38
N SER A 627 40.28 -24.23 -17.54
CA SER A 627 39.47 -24.91 -16.52
C SER A 627 38.08 -25.33 -17.02
N ASN A 628 38.03 -25.90 -18.22
CA ASN A 628 36.82 -26.50 -18.78
C ASN A 628 36.51 -27.83 -18.13
N GLY A 629 37.19 -28.15 -17.03
CA GLY A 629 36.98 -29.43 -16.37
C GLY A 629 36.61 -29.26 -14.91
N TYR A 630 35.96 -30.28 -14.37
CA TYR A 630 35.44 -30.16 -13.00
C TYR A 630 36.40 -30.82 -12.02
N TYR A 631 37.57 -30.23 -11.89
CA TYR A 631 38.60 -30.75 -11.00
C TYR A 631 39.50 -29.61 -10.55
N ILE A 632 39.97 -29.70 -9.31
CA ILE A 632 41.01 -28.80 -8.83
C ILE A 632 42.37 -29.42 -9.11
N VAL A 633 43.30 -28.63 -9.64
CA VAL A 633 44.69 -29.08 -9.78
C VAL A 633 45.57 -28.55 -8.66
N HIS A 634 46.36 -29.44 -8.06
CA HIS A 634 47.47 -29.05 -7.18
C HIS A 634 48.84 -29.43 -7.76
N TYR A 635 49.76 -28.47 -7.85
CA TYR A 635 51.11 -28.79 -8.32
C TYR A 635 52.09 -29.00 -7.15
N GLU A 636 52.72 -30.18 -7.08
CA GLU A 636 53.72 -30.45 -6.04
C GLU A 636 55.11 -29.93 -6.40
N GLY A 637 56.03 -30.03 -5.45
CA GLY A 637 57.38 -29.57 -5.67
C GLY A 637 57.47 -28.08 -5.87
N HIS A 638 57.93 -27.67 -7.04
CA HIS A 638 58.13 -26.24 -7.33
C HIS A 638 57.01 -25.72 -8.23
N GLY A 639 56.04 -26.58 -8.52
CA GLY A 639 54.96 -26.27 -9.47
C GLY A 639 54.30 -24.91 -9.31
N TRP A 640 53.79 -24.64 -8.12
CA TRP A 640 53.09 -23.39 -7.88
C TRP A 640 54.03 -22.23 -8.10
N ASP A 641 55.25 -22.42 -7.60
CA ASP A 641 56.33 -21.45 -7.66
C ASP A 641 56.66 -21.03 -9.08
N GLN A 642 56.93 -22.00 -9.95
CA GLN A 642 57.27 -21.66 -11.33
C GLN A 642 56.15 -20.88 -11.97
N LEU A 643 54.95 -21.50 -11.93
CA LEU A 643 53.68 -20.87 -12.32
C LEU A 643 53.48 -19.47 -11.76
N ILE A 644 53.73 -19.27 -10.47
CA ILE A 644 53.64 -17.93 -9.93
C ILE A 644 54.68 -16.96 -10.52
N THR A 645 55.96 -17.29 -10.47
CA THR A 645 56.95 -16.39 -11.07
C THR A 645 56.59 -16.18 -12.54
N GLN A 646 56.05 -17.21 -13.19
CA GLN A 646 55.59 -17.01 -14.55
C GLN A 646 54.53 -15.91 -14.68
N LEU A 647 53.63 -15.77 -13.69
CA LEU A 647 52.64 -14.71 -13.75
C LEU A 647 53.30 -13.33 -13.62
N ASN A 648 54.24 -13.18 -12.69
CA ASN A 648 54.91 -11.88 -12.49
C ASN A 648 55.82 -11.45 -13.64
N GLN A 649 56.33 -12.40 -14.42
CA GLN A 649 57.31 -12.09 -15.45
C GLN A 649 56.68 -11.87 -16.82
N ASN A 650 55.93 -12.85 -17.30
CA ASN A 650 55.16 -12.67 -18.53
C ASN A 650 53.83 -13.44 -18.44
N HIS A 651 52.81 -12.82 -17.85
CA HIS A 651 51.57 -13.55 -17.57
C HIS A 651 50.78 -13.87 -18.82
N THR A 652 50.99 -13.08 -19.88
CA THR A 652 50.37 -13.35 -21.17
C THR A 652 50.79 -14.70 -21.74
N LEU A 653 51.82 -15.29 -21.15
CA LEU A 653 52.27 -16.60 -21.56
C LEU A 653 51.29 -17.68 -21.13
N LEU A 654 50.42 -17.33 -20.18
CA LEU A 654 49.31 -18.18 -19.74
C LEU A 654 47.98 -17.68 -20.33
N ARG A 655 47.13 -18.59 -20.80
CA ARG A 655 45.80 -18.19 -21.28
C ARG A 655 45.00 -17.48 -20.15
N PRO A 656 44.13 -16.51 -20.50
CA PRO A 656 43.46 -15.71 -19.46
C PRO A 656 42.46 -16.51 -18.61
N LYS A 657 41.89 -17.59 -19.14
CA LYS A 657 41.11 -18.50 -18.30
C LYS A 657 41.99 -19.39 -17.44
N ASP A 658 43.18 -19.71 -17.95
CA ASP A 658 44.19 -20.37 -17.12
C ASP A 658 44.53 -19.52 -15.91
N ARG A 659 44.65 -18.22 -16.13
CA ARG A 659 44.89 -17.28 -15.04
C ARG A 659 43.74 -17.27 -14.02
N VAL A 660 42.49 -17.25 -14.51
CA VAL A 660 41.33 -17.28 -13.63
C VAL A 660 41.24 -18.60 -12.86
N GLY A 661 41.36 -19.71 -13.56
CA GLY A 661 41.47 -21.00 -12.91
C GLY A 661 42.62 -21.12 -11.90
N LEU A 662 43.74 -20.43 -12.14
CA LEU A 662 44.86 -20.57 -11.22
C LEU A 662 44.59 -19.80 -9.94
N ILE A 663 44.19 -18.55 -10.08
CA ILE A 663 43.77 -17.74 -8.94
C ILE A 663 42.77 -18.50 -8.08
N HIS A 664 41.76 -19.09 -8.74
CA HIS A 664 40.71 -19.84 -8.04
C HIS A 664 41.27 -21.02 -7.29
N ASP A 665 42.00 -21.88 -7.98
CA ASP A 665 42.54 -23.05 -7.31
C ASP A 665 43.58 -22.72 -6.22
N VAL A 666 44.34 -21.64 -6.36
CA VAL A 666 45.39 -21.44 -5.38
C VAL A 666 44.78 -21.13 -4.01
N PHE A 667 43.70 -20.34 -3.99
CA PHE A 667 43.07 -19.98 -2.73
C PHE A 667 42.25 -21.14 -2.18
N GLN A 668 41.63 -21.90 -3.07
CA GLN A 668 40.89 -23.08 -2.67
C GLN A 668 41.80 -24.10 -1.98
N LEU A 669 43.07 -24.13 -2.34
CA LEU A 669 43.98 -25.14 -1.80
C LEU A 669 44.46 -24.74 -0.43
N VAL A 670 44.68 -23.43 -0.24
CA VAL A 670 44.93 -22.86 1.09
C VAL A 670 43.88 -23.41 2.08
N GLY A 671 42.60 -23.30 1.71
CA GLY A 671 41.51 -23.86 2.48
C GLY A 671 41.62 -25.34 2.78
N ALA A 672 42.25 -26.10 1.88
CA ALA A 672 42.41 -27.53 2.10
C ALA A 672 43.76 -27.86 2.75
N GLY A 673 44.48 -26.82 3.17
CA GLY A 673 45.76 -27.01 3.82
C GLY A 673 46.87 -27.66 3.00
N ARG A 674 46.80 -27.57 1.66
CA ARG A 674 47.90 -28.01 0.80
C ARG A 674 48.76 -26.83 0.34
N LEU A 675 48.44 -25.65 0.85
CA LEU A 675 49.14 -24.43 0.49
C LEU A 675 49.00 -23.45 1.64
N THR A 676 49.87 -22.46 1.67
CA THR A 676 49.80 -21.53 2.77
C THR A 676 49.38 -20.20 2.19
N LEU A 677 48.71 -19.40 3.01
CA LEU A 677 48.03 -18.22 2.52
C LEU A 677 49.00 -17.28 1.87
N ASP A 678 50.26 -17.39 2.24
CA ASP A 678 51.28 -16.48 1.72
C ASP A 678 51.59 -16.78 0.24
N LYS A 679 51.63 -18.03 -0.17
CA LYS A 679 51.91 -18.32 -1.58
C LYS A 679 50.79 -17.78 -2.47
N ALA A 680 49.56 -17.89 -1.96
CA ALA A 680 48.38 -17.37 -2.65
C ALA A 680 48.32 -15.84 -2.70
N LEU A 681 48.42 -15.20 -1.54
CA LEU A 681 48.50 -13.73 -1.52
C LEU A 681 49.67 -13.23 -2.41
N ASP A 682 50.78 -13.96 -2.42
CA ASP A 682 51.94 -13.63 -3.25
C ASP A 682 51.56 -13.55 -4.73
N MET A 683 50.84 -14.57 -5.20
CA MET A 683 50.35 -14.62 -6.57
C MET A 683 49.38 -13.50 -6.94
N THR A 684 48.84 -12.77 -5.96
CA THR A 684 48.03 -11.63 -6.34
C THR A 684 48.90 -10.44 -6.80
N TYR A 685 50.18 -10.40 -6.41
CA TYR A 685 51.09 -9.30 -6.81
C TYR A 685 51.06 -9.06 -8.29
N TYR A 686 50.90 -10.12 -9.08
CA TYR A 686 50.87 -9.93 -10.52
C TYR A 686 49.67 -9.12 -11.01
N LEU A 687 48.56 -9.12 -10.27
CA LEU A 687 47.32 -8.49 -10.72
C LEU A 687 47.51 -7.03 -11.17
N GLN A 688 48.62 -6.41 -10.77
CA GLN A 688 48.87 -4.98 -11.00
C GLN A 688 49.20 -4.69 -12.46
N HIS A 689 49.44 -5.74 -13.24
CA HIS A 689 49.68 -5.57 -14.66
C HIS A 689 48.60 -6.30 -15.46
N GLU A 690 47.59 -6.83 -14.77
CA GLU A 690 46.56 -7.66 -15.38
C GLU A 690 45.48 -6.85 -16.08
N THR A 691 45.13 -7.30 -17.28
CA THR A 691 44.30 -6.55 -18.22
C THR A 691 43.02 -7.31 -18.65
N SER A 692 42.96 -8.62 -18.38
CA SER A 692 41.70 -9.36 -18.52
C SER A 692 40.85 -9.19 -17.26
N SER A 693 39.68 -8.57 -17.41
CA SER A 693 38.86 -8.23 -16.27
C SER A 693 38.35 -9.43 -15.50
N PRO A 694 38.10 -10.56 -16.17
CA PRO A 694 37.84 -11.75 -15.36
C PRO A 694 38.86 -12.01 -14.27
N ALA A 695 40.14 -11.96 -14.63
CA ALA A 695 41.20 -12.27 -13.67
C ALA A 695 41.36 -11.21 -12.58
N LEU A 696 41.16 -9.95 -12.95
CA LEU A 696 41.32 -8.88 -11.99
C LEU A 696 40.26 -8.97 -10.91
N LEU A 697 39.00 -8.99 -11.37
CA LEU A 697 37.82 -9.14 -10.51
C LEU A 697 37.83 -10.38 -9.63
N GLU A 698 38.15 -11.55 -10.18
CA GLU A 698 38.29 -12.72 -9.33
C GLU A 698 39.31 -12.51 -8.20
N GLY A 699 40.49 -11.98 -8.55
CA GLY A 699 41.50 -11.76 -7.54
C GLY A 699 41.01 -10.76 -6.53
N LEU A 700 40.45 -9.66 -7.01
CA LEU A 700 39.99 -8.62 -6.10
C LEU A 700 38.90 -9.12 -5.17
N SER A 701 38.23 -10.19 -5.58
CA SER A 701 37.08 -10.66 -4.83
C SER A 701 37.58 -11.42 -3.59
N TYR A 702 38.73 -12.11 -3.71
CA TYR A 702 39.31 -12.77 -2.56
C TYR A 702 39.79 -11.71 -1.56
N LEU A 703 40.43 -10.66 -2.04
CA LEU A 703 40.89 -9.68 -1.07
C LEU A 703 39.69 -8.98 -0.45
N GLU A 704 38.70 -8.67 -1.27
CA GLU A 704 37.54 -7.93 -0.80
C GLU A 704 36.76 -8.77 0.18
N SER A 705 36.75 -10.08 -0.03
CA SER A 705 36.05 -10.96 0.91
C SER A 705 36.77 -11.13 2.25
N PHE A 706 38.10 -11.23 2.24
CA PHE A 706 38.86 -11.26 3.50
C PHE A 706 38.55 -10.03 4.31
N TYR A 707 38.64 -8.87 3.67
CA TYR A 707 38.31 -7.62 4.35
C TYR A 707 36.95 -7.67 5.07
N HIS A 708 35.90 -7.95 4.31
CA HIS A 708 34.56 -8.02 4.88
C HIS A 708 34.48 -9.04 6.01
N MET A 709 35.12 -10.18 5.83
CA MET A 709 35.26 -11.18 6.87
C MET A 709 35.91 -10.60 8.15
N MET A 710 37.06 -9.91 8.01
CA MET A 710 37.72 -9.28 9.16
C MET A 710 36.89 -8.18 9.78
N ASP A 711 36.11 -7.49 8.96
CA ASP A 711 35.28 -6.37 9.42
C ASP A 711 34.16 -6.82 10.39
N ARG A 712 33.55 -7.96 10.08
CA ARG A 712 32.50 -8.54 10.90
C ARG A 712 32.96 -8.78 12.32
N ARG A 713 34.18 -9.27 12.41
CA ARG A 713 34.76 -9.75 13.66
C ARG A 713 35.46 -8.64 14.43
N ASN A 714 35.45 -7.43 13.89
CA ASN A 714 36.05 -6.25 14.53
C ASN A 714 37.58 -6.32 14.60
N ILE A 715 38.20 -7.20 13.81
CA ILE A 715 39.66 -7.29 13.76
C ILE A 715 40.30 -6.07 13.08
N SER A 716 40.23 -4.93 13.74
CA SER A 716 40.48 -3.63 13.10
C SER A 716 41.82 -3.51 12.39
N ASP A 717 42.85 -4.11 12.98
CA ASP A 717 44.22 -3.99 12.51
C ASP A 717 44.44 -4.67 11.14
N ILE A 718 43.85 -5.85 10.96
CA ILE A 718 43.93 -6.52 9.67
C ILE A 718 42.95 -5.88 8.70
N SER A 719 41.82 -5.45 9.23
CA SER A 719 40.82 -4.78 8.44
C SER A 719 41.46 -3.54 7.84
N GLU A 720 42.11 -2.74 8.69
CA GLU A 720 42.69 -1.50 8.19
C GLU A 720 43.92 -1.66 7.31
N ASN A 721 44.73 -2.69 7.48
CA ASN A 721 45.87 -2.87 6.57
C ASN A 721 45.41 -3.32 5.18
N LEU A 722 44.60 -4.37 5.17
CA LEU A 722 43.87 -4.81 3.98
C LEU A 722 43.25 -3.64 3.19
N LYS A 723 42.49 -2.76 3.87
CA LYS A 723 41.95 -1.57 3.22
C LYS A 723 43.07 -0.80 2.54
N ARG A 724 44.13 -0.53 3.29
CA ARG A 724 45.28 0.23 2.80
C ARG A 724 45.96 -0.41 1.61
N TYR A 725 46.15 -1.73 1.67
CA TYR A 725 46.80 -2.45 0.58
C TYR A 725 46.00 -2.28 -0.71
N LEU A 726 44.67 -2.52 -0.62
CA LEU A 726 43.78 -2.50 -1.79
C LEU A 726 43.78 -1.16 -2.51
N LEU A 727 43.80 -0.08 -1.73
CA LEU A 727 43.74 1.28 -2.25
C LEU A 727 45.07 1.79 -2.84
N GLN A 728 46.20 1.34 -2.29
CA GLN A 728 47.52 1.79 -2.71
C GLN A 728 48.00 0.98 -3.93
N TYR A 729 47.93 -0.34 -3.83
CA TYR A 729 47.97 -1.20 -5.00
C TYR A 729 46.72 -0.82 -5.76
N PHE A 730 46.51 -1.29 -6.98
CA PHE A 730 45.17 -1.08 -7.60
C PHE A 730 44.69 0.36 -7.68
N LYS A 731 45.46 1.30 -7.11
CA LYS A 731 45.21 2.72 -7.24
C LYS A 731 45.28 3.20 -8.70
N PRO A 732 46.23 2.68 -9.49
CA PRO A 732 46.16 2.98 -10.91
C PRO A 732 44.82 2.61 -11.56
N VAL A 733 44.30 1.41 -11.31
CA VAL A 733 43.05 0.96 -11.97
C VAL A 733 41.80 1.63 -11.42
N ILE A 734 41.69 1.69 -10.10
CA ILE A 734 40.60 2.45 -9.48
C ILE A 734 40.47 3.83 -10.12
N ASP A 735 41.58 4.41 -10.58
CA ASP A 735 41.50 5.80 -10.99
C ASP A 735 41.38 6.00 -12.49
N ARG A 736 41.50 4.92 -13.27
CA ARG A 736 41.25 5.02 -14.70
C ARG A 736 39.73 4.91 -15.00
N GLN A 737 38.87 5.33 -14.07
CA GLN A 737 37.47 4.91 -14.09
C GLN A 737 36.48 6.06 -14.17
N SER A 738 35.70 6.06 -15.24
CA SER A 738 34.75 7.14 -15.45
C SER A 738 33.58 6.93 -14.53
N TRP A 739 32.88 7.97 -14.10
CA TRP A 739 31.58 7.71 -13.48
C TRP A 739 30.56 7.82 -14.58
N SER A 740 30.58 6.81 -15.45
CA SER A 740 29.79 6.84 -16.67
C SER A 740 29.19 5.49 -17.01
N ASP A 741 28.50 5.42 -18.15
CA ASP A 741 28.02 4.15 -18.67
C ASP A 741 28.78 3.77 -19.94
N LYS A 742 29.91 4.43 -20.18
CA LYS A 742 30.74 4.20 -21.38
C LYS A 742 31.53 2.90 -21.33
N GLY A 743 31.92 2.35 -22.48
CA GLY A 743 32.71 1.12 -22.50
C GLY A 743 31.95 -0.15 -22.77
N SER A 744 32.66 -1.25 -22.98
CA SER A 744 32.00 -2.56 -23.16
C SER A 744 31.35 -3.05 -21.89
N VAL A 745 31.13 -4.34 -21.81
CA VAL A 745 30.37 -4.89 -20.69
C VAL A 745 31.27 -5.33 -19.52
N TRP A 746 32.43 -5.93 -19.84
CA TRP A 746 33.36 -6.24 -18.77
C TRP A 746 33.97 -4.93 -18.30
N ASP A 747 34.10 -3.96 -19.20
CA ASP A 747 34.54 -2.64 -18.78
C ASP A 747 33.59 -2.01 -17.76
N ARG A 748 32.31 -1.98 -18.12
CA ARG A 748 31.22 -1.50 -17.25
C ARG A 748 31.17 -2.30 -15.96
N MET A 749 31.37 -3.60 -16.06
CA MET A 749 31.33 -4.41 -14.88
C MET A 749 32.57 -4.20 -14.00
N LEU A 750 33.65 -3.71 -14.60
CA LEU A 750 34.85 -3.50 -13.80
C LEU A 750 34.69 -2.20 -13.07
N ARG A 751 34.15 -1.22 -13.76
CA ARG A 751 33.95 0.09 -13.18
C ARG A 751 33.04 0.04 -11.93
N SER A 752 31.94 -0.69 -12.03
CA SER A 752 31.00 -0.87 -10.91
C SER A 752 31.72 -1.51 -9.76
N ALA A 753 32.44 -2.59 -10.02
CA ALA A 753 33.13 -3.32 -8.97
C ALA A 753 34.19 -2.46 -8.29
N LEU A 754 35.05 -1.83 -9.09
CA LEU A 754 36.10 -1.00 -8.54
C LEU A 754 35.57 0.27 -7.90
N LEU A 755 34.48 0.84 -8.42
CA LEU A 755 33.98 2.05 -7.80
C LEU A 755 33.26 1.70 -6.50
N LYS A 756 32.78 0.47 -6.40
CA LYS A 756 32.11 0.04 -5.19
C LYS A 756 33.15 -0.18 -4.11
N LEU A 757 34.22 -0.90 -4.49
CA LEU A 757 35.28 -1.23 -3.56
C LEU A 757 35.88 0.03 -2.95
N ALA A 758 36.13 1.03 -3.79
CA ALA A 758 36.59 2.31 -3.29
C ALA A 758 35.60 2.93 -2.28
N CYS A 759 34.32 2.90 -2.58
CA CYS A 759 33.37 3.57 -1.70
C CYS A 759 33.10 2.72 -0.48
N ASP A 760 33.33 1.42 -0.63
CA ASP A 760 33.18 0.54 0.51
C ASP A 760 34.28 0.79 1.51
N LEU A 761 35.43 1.28 1.02
CA LEU A 761 36.61 1.50 1.84
C LEU A 761 36.78 2.98 2.14
N ASN A 762 35.71 3.73 2.01
CA ASN A 762 35.65 5.10 2.46
C ASN A 762 36.81 5.91 1.93
N HIS A 763 37.18 5.64 0.68
CA HIS A 763 38.17 6.41 -0.03
C HIS A 763 37.60 7.75 -0.42
N ALA A 764 37.76 8.75 0.46
CA ALA A 764 37.04 10.04 0.38
C ALA A 764 36.81 10.71 -0.98
N PRO A 765 37.76 10.60 -1.95
CA PRO A 765 37.34 11.18 -3.23
C PRO A 765 36.11 10.46 -3.76
N CYS A 766 36.22 9.14 -3.89
CA CYS A 766 35.11 8.34 -4.39
C CYS A 766 33.85 8.59 -3.56
N ILE A 767 33.97 8.70 -2.24
CA ILE A 767 32.80 9.00 -1.45
C ILE A 767 32.28 10.40 -1.78
N GLN A 768 33.18 11.36 -1.96
CA GLN A 768 32.74 12.71 -2.28
C GLN A 768 32.03 12.78 -3.66
N LYS A 769 32.63 12.18 -4.69
CA LYS A 769 32.05 12.17 -6.03
C LYS A 769 30.65 11.55 -6.05
N ALA A 770 30.45 10.51 -5.23
CA ALA A 770 29.19 9.81 -5.15
C ALA A 770 28.12 10.70 -4.54
N ALA A 771 28.34 11.11 -3.30
CA ALA A 771 27.46 12.06 -2.62
C ALA A 771 27.19 13.34 -3.44
N GLU A 772 28.16 13.77 -4.24
CA GLU A 772 27.99 14.97 -5.05
C GLU A 772 27.14 14.67 -6.26
N LEU A 773 26.87 13.39 -6.50
CA LEU A 773 25.88 13.02 -7.50
C LEU A 773 24.54 12.92 -6.82
N PHE A 774 24.51 12.31 -5.63
CA PHE A 774 23.26 12.11 -4.92
C PHE A 774 22.60 13.44 -4.62
N SER A 775 23.42 14.44 -4.31
CA SER A 775 22.87 15.76 -4.04
C SER A 775 22.18 16.32 -5.27
N GLN A 776 22.90 16.42 -6.39
CA GLN A 776 22.33 16.93 -7.63
C GLN A 776 21.05 16.20 -8.04
N TRP A 777 21.03 14.90 -7.79
CA TRP A 777 19.87 14.09 -8.11
C TRP A 777 18.67 14.39 -7.19
N MET A 778 18.91 14.46 -5.90
CA MET A 778 17.80 14.71 -4.97
C MET A 778 17.22 16.14 -5.11
N GLU A 779 18.04 17.11 -5.50
CA GLU A 779 17.56 18.49 -5.63
C GLU A 779 16.74 18.64 -6.91
N SER A 780 17.31 18.17 -8.01
CA SER A 780 16.62 18.13 -9.30
C SER A 780 15.37 17.24 -9.24
N SER A 781 15.20 16.58 -8.10
CA SER A 781 14.01 15.81 -7.76
C SER A 781 13.78 14.66 -8.74
N GLY A 782 14.87 14.19 -9.35
CA GLY A 782 14.85 13.07 -10.27
C GLY A 782 15.16 13.46 -11.71
N LYS A 783 15.07 14.75 -11.99
CA LYS A 783 15.25 15.24 -13.36
C LYS A 783 16.69 15.05 -13.83
N LEU A 784 17.64 14.98 -12.90
CA LEU A 784 19.02 14.67 -13.28
C LEU A 784 19.26 13.16 -13.34
N ASN A 785 20.15 12.75 -14.25
CA ASN A 785 20.37 11.34 -14.54
C ASN A 785 21.72 10.84 -14.03
N ILE A 786 21.68 9.81 -13.20
CA ILE A 786 22.87 9.17 -12.67
C ILE A 786 23.20 7.97 -13.53
N PRO A 787 24.47 7.81 -13.95
CA PRO A 787 24.74 6.68 -14.87
C PRO A 787 24.33 5.35 -14.25
N THR A 788 23.97 4.34 -15.04
CA THR A 788 23.42 3.17 -14.40
C THR A 788 24.53 2.35 -13.76
N ASP A 789 25.76 2.48 -14.24
CA ASP A 789 26.79 1.63 -13.72
C ASP A 789 27.27 2.09 -12.34
N VAL A 790 26.70 3.18 -11.85
CA VAL A 790 27.06 3.67 -10.55
C VAL A 790 25.82 3.93 -9.62
N LEU A 791 24.62 3.70 -10.16
CA LEU A 791 23.37 3.93 -9.40
C LEU A 791 23.41 3.42 -7.97
N LYS A 792 23.67 2.13 -7.80
CA LYS A 792 23.76 1.51 -6.47
C LYS A 792 24.81 2.17 -5.55
N ILE A 793 26.01 2.48 -6.07
CA ILE A 793 27.03 3.19 -5.30
C ILE A 793 26.53 4.54 -4.81
N VAL A 794 25.89 5.31 -5.70
CA VAL A 794 25.46 6.66 -5.33
C VAL A 794 24.33 6.64 -4.33
N TYR A 795 23.35 5.80 -4.60
CA TYR A 795 22.26 5.63 -3.67
C TYR A 795 22.81 5.21 -2.31
N SER A 796 23.72 4.24 -2.27
CA SER A 796 24.30 3.77 -1.01
C SER A 796 24.97 4.88 -0.22
N VAL A 797 25.73 5.73 -0.91
CA VAL A 797 26.35 6.86 -0.23
C VAL A 797 25.27 7.81 0.25
N GLY A 798 24.28 8.06 -0.61
CA GLY A 798 23.20 8.96 -0.27
C GLY A 798 22.35 8.53 0.92
N ALA A 799 22.34 7.24 1.20
CA ALA A 799 21.47 6.66 2.20
C ALA A 799 22.10 6.70 3.57
N GLN A 800 23.17 7.46 3.71
CA GLN A 800 23.95 7.42 4.95
C GLN A 800 23.49 8.51 5.89
N THR A 801 22.69 9.42 5.37
CA THR A 801 22.07 10.45 6.20
C THR A 801 20.58 10.18 6.24
N THR A 802 19.88 10.73 7.23
CA THR A 802 18.46 10.46 7.32
C THR A 802 17.69 11.19 6.21
N ALA A 803 18.17 12.37 5.81
CA ALA A 803 17.58 13.07 4.67
C ALA A 803 17.62 12.18 3.44
N GLY A 804 18.76 11.52 3.21
CA GLY A 804 18.91 10.67 2.06
C GLY A 804 18.07 9.41 2.15
N TRP A 805 18.29 8.64 3.18
CA TRP A 805 17.57 7.39 3.39
C TRP A 805 16.05 7.56 3.31
N ASN A 806 15.56 8.73 3.73
CA ASN A 806 14.13 9.01 3.68
C ASN A 806 13.71 9.23 2.26
N TYR A 807 14.36 10.19 1.61
CA TYR A 807 14.07 10.49 0.22
C TYR A 807 14.07 9.25 -0.66
N LEU A 808 15.01 8.34 -0.37
CA LEU A 808 15.16 7.11 -1.12
C LEU A 808 14.03 6.12 -0.84
N LEU A 809 13.58 5.99 0.41
CA LEU A 809 12.47 5.08 0.68
C LEU A 809 11.24 5.58 -0.07
N GLU A 810 11.18 6.89 -0.28
CA GLU A 810 10.08 7.54 -0.98
C GLU A 810 10.08 7.18 -2.46
N GLN A 811 11.16 7.54 -3.13
CA GLN A 811 11.40 7.13 -4.50
C GLN A 811 11.18 5.63 -4.70
N TYR A 812 11.40 4.81 -3.68
CA TYR A 812 11.16 3.37 -3.82
C TYR A 812 9.71 3.10 -4.21
N GLU A 813 8.77 3.68 -3.47
CA GLU A 813 7.36 3.41 -3.66
C GLU A 813 6.83 3.94 -4.99
N LEU A 814 7.49 4.97 -5.52
CA LEU A 814 6.99 5.61 -6.72
C LEU A 814 7.56 4.99 -8.00
N SER A 815 8.70 4.33 -7.88
CA SER A 815 9.44 3.85 -9.06
C SER A 815 8.65 2.88 -9.94
N MET A 816 8.79 3.01 -11.25
CA MET A 816 8.22 2.03 -12.19
C MET A 816 9.30 1.08 -12.73
N SER A 817 10.54 1.36 -12.38
CA SER A 817 11.62 0.46 -12.71
C SER A 817 11.85 -0.49 -11.57
N SER A 818 11.56 -1.76 -11.77
CA SER A 818 11.73 -2.72 -10.71
C SER A 818 13.21 -2.95 -10.47
N ALA A 819 14.04 -2.60 -11.46
CA ALA A 819 15.49 -2.64 -11.33
C ALA A 819 16.04 -1.50 -10.46
N GLU A 820 15.52 -0.30 -10.63
CA GLU A 820 15.91 0.81 -9.78
C GLU A 820 15.49 0.51 -8.35
N GLN A 821 14.34 -0.14 -8.22
CA GLN A 821 13.85 -0.50 -6.92
C GLN A 821 14.86 -1.43 -6.26
N ASN A 822 15.40 -2.32 -7.06
CA ASN A 822 16.35 -3.29 -6.58
C ASN A 822 17.58 -2.63 -6.00
N LYS A 823 18.01 -1.57 -6.66
CA LYS A 823 19.20 -0.88 -6.26
C LYS A 823 18.93 -0.02 -5.06
N ILE A 824 17.74 0.57 -4.99
CA ILE A 824 17.39 1.43 -3.85
C ILE A 824 17.30 0.62 -2.55
N LEU A 825 16.79 -0.59 -2.63
CA LEU A 825 16.59 -1.38 -1.47
C LEU A 825 17.95 -1.83 -0.93
N TYR A 826 18.92 -2.00 -1.83
CA TYR A 826 20.29 -2.32 -1.41
C TYR A 826 20.90 -1.13 -0.69
N ALA A 827 20.89 0.03 -1.33
CA ALA A 827 21.31 1.27 -0.69
C ALA A 827 20.65 1.53 0.69
N LEU A 828 19.34 1.27 0.80
CA LEU A 828 18.64 1.48 2.06
C LEU A 828 19.19 0.54 3.11
N SER A 829 19.56 -0.65 2.67
CA SER A 829 19.98 -1.69 3.59
C SER A 829 21.41 -1.45 4.08
N THR A 830 22.01 -0.35 3.66
CA THR A 830 23.37 -0.07 4.09
C THR A 830 23.40 1.11 5.04
N SER A 831 22.29 1.40 5.70
CA SER A 831 22.34 2.46 6.67
C SER A 831 22.93 1.87 7.93
N LYS A 832 23.53 2.73 8.75
CA LYS A 832 24.09 2.32 10.04
C LYS A 832 23.03 2.27 11.13
N HIS A 833 22.07 3.19 11.06
CA HIS A 833 21.01 3.30 12.05
C HIS A 833 20.17 2.04 12.13
N GLN A 834 20.29 1.29 13.20
CA GLN A 834 19.58 0.03 13.32
C GLN A 834 18.06 0.19 13.31
N GLU A 835 17.59 1.38 13.69
CA GLU A 835 16.16 1.70 13.58
CA GLU A 835 16.17 1.69 13.59
C GLU A 835 15.69 1.47 12.15
N LYS A 836 16.42 2.07 11.20
CA LYS A 836 16.11 2.00 9.78
C LYS A 836 16.20 0.60 9.20
N LEU A 837 17.21 -0.16 9.60
CA LEU A 837 17.29 -1.51 9.08
C LEU A 837 16.06 -2.29 9.49
N LEU A 838 15.66 -2.12 10.75
CA LEU A 838 14.52 -2.85 11.27
C LEU A 838 13.20 -2.42 10.59
N LYS A 839 13.08 -1.15 10.26
CA LYS A 839 11.94 -0.68 9.50
C LYS A 839 11.84 -1.44 8.18
N LEU A 840 12.97 -1.63 7.51
CA LEU A 840 13.01 -2.35 6.24
C LEU A 840 12.49 -3.77 6.35
N ILE A 841 12.99 -4.54 7.31
CA ILE A 841 12.45 -5.87 7.58
C ILE A 841 10.93 -5.84 7.87
N GLU A 842 10.50 -4.94 8.74
CA GLU A 842 9.07 -4.78 9.04
C GLU A 842 8.25 -4.60 7.75
N LEU A 843 8.62 -3.60 6.99
CA LEU A 843 7.95 -3.23 5.76
C LEU A 843 7.85 -4.43 4.86
N GLY A 844 8.97 -5.12 4.71
CA GLY A 844 9.04 -6.31 3.89
C GLY A 844 8.21 -7.46 4.39
N MET A 845 7.97 -7.53 5.69
CA MET A 845 7.05 -8.52 6.23
C MET A 845 5.59 -8.17 5.89
N GLU A 846 5.20 -6.90 6.11
CA GLU A 846 3.86 -6.45 5.74
C GLU A 846 3.61 -6.85 4.33
N GLY A 847 4.52 -6.47 3.45
CA GLY A 847 4.41 -6.87 2.06
C GLY A 847 3.68 -5.86 1.19
N LYS A 848 3.49 -4.64 1.68
CA LYS A 848 2.73 -3.63 0.97
C LYS A 848 3.64 -2.70 0.19
N VAL A 849 4.43 -1.93 0.91
CA VAL A 849 5.47 -1.11 0.28
C VAL A 849 6.59 -1.96 -0.37
N ILE A 850 7.15 -2.89 0.39
CA ILE A 850 8.14 -3.82 -0.09
C ILE A 850 7.58 -5.23 -0.19
N LYS A 851 7.30 -5.69 -1.40
CA LYS A 851 6.84 -7.06 -1.67
C LYS A 851 7.54 -8.13 -0.84
N THR A 852 6.84 -9.17 -0.43
CA THR A 852 7.52 -10.12 0.43
C THR A 852 8.43 -11.00 -0.42
N GLN A 853 8.20 -11.03 -1.72
CA GLN A 853 9.09 -11.75 -2.61
C GLN A 853 10.51 -11.21 -2.50
N ASN A 854 10.68 -10.07 -1.85
CA ASN A 854 11.99 -9.47 -1.69
C ASN A 854 12.64 -9.67 -0.35
N LEU A 855 11.98 -10.38 0.55
CA LEU A 855 12.38 -10.34 1.94
C LEU A 855 13.61 -11.17 2.23
N ALA A 856 13.70 -12.37 1.66
CA ALA A 856 14.91 -13.16 1.81
C ALA A 856 16.18 -12.44 1.31
N ALA A 857 16.08 -11.75 0.19
CA ALA A 857 17.21 -11.02 -0.37
C ALA A 857 17.66 -9.87 0.52
N LEU A 858 16.69 -9.17 1.10
CA LEU A 858 16.97 -8.08 2.04
C LEU A 858 17.51 -8.53 3.44
N LEU A 859 17.10 -9.69 3.93
CA LEU A 859 17.67 -10.14 5.19
C LEU A 859 19.11 -10.48 4.91
N HIS A 860 19.36 -11.14 3.79
CA HIS A 860 20.73 -11.38 3.38
C HIS A 860 21.52 -10.08 3.17
N ALA A 861 20.89 -9.03 2.65
CA ALA A 861 21.61 -7.79 2.41
C ALA A 861 22.08 -7.25 3.73
N ILE A 862 21.14 -7.18 4.66
CA ILE A 862 21.37 -6.63 6.00
C ILE A 862 22.39 -7.47 6.77
N ALA A 863 22.14 -8.77 6.83
CA ALA A 863 23.00 -9.68 7.56
C ALA A 863 24.48 -9.62 7.20
N ARG A 864 24.85 -9.34 5.97
CA ARG A 864 26.26 -9.48 5.64
C ARG A 864 27.02 -8.23 6.02
N ARG A 865 26.34 -7.14 6.34
CA ARG A 865 27.02 -5.95 6.86
C ARG A 865 27.20 -6.08 8.37
N PRO A 866 28.31 -5.52 8.90
CA PRO A 866 28.57 -5.64 10.35
C PRO A 866 27.46 -5.04 11.21
N LYS A 867 26.95 -3.86 10.87
CA LYS A 867 25.92 -3.21 11.67
C LYS A 867 24.54 -3.82 11.52
N GLY A 868 24.45 -5.05 11.00
CA GLY A 868 23.16 -5.71 10.79
C GLY A 868 23.07 -7.23 10.96
N GLN A 869 24.18 -7.93 11.21
CA GLN A 869 24.12 -9.39 11.36
C GLN A 869 23.39 -9.87 12.60
N GLN A 870 23.52 -9.14 13.71
CA GLN A 870 22.82 -9.57 14.92
C GLN A 870 21.31 -9.39 14.75
N LEU A 871 20.91 -8.19 14.32
CA LEU A 871 19.53 -7.89 14.02
C LEU A 871 18.89 -8.93 13.12
N ALA A 872 19.57 -9.28 12.04
CA ALA A 872 19.03 -10.28 11.14
C ALA A 872 18.82 -11.60 11.86
N TRP A 873 19.86 -12.11 12.50
CA TRP A 873 19.80 -13.38 13.23
C TRP A 873 18.72 -13.41 14.32
N ASP A 874 18.62 -12.32 15.07
CA ASP A 874 17.62 -12.22 16.12
C ASP A 874 16.25 -12.30 15.51
N PHE A 875 16.04 -11.52 14.46
CA PHE A 875 14.76 -11.54 13.75
C PHE A 875 14.40 -12.94 13.26
N VAL A 876 15.32 -13.66 12.63
CA VAL A 876 14.92 -14.93 12.04
C VAL A 876 14.48 -15.93 13.12
N ARG A 877 15.16 -15.91 14.26
CA ARG A 877 14.84 -16.86 15.33
C ARG A 877 13.56 -16.49 16.08
N GLU A 878 13.27 -15.21 16.17
CA GLU A 878 12.09 -14.75 16.88
C GLU A 878 10.82 -14.74 16.03
N ASN A 879 10.94 -15.08 14.76
CA ASN A 879 9.82 -14.92 13.86
C ASN A 879 9.73 -16.07 12.92
N TRP A 880 10.48 -17.12 13.25
CA TRP A 880 10.46 -18.34 12.47
C TRP A 880 9.04 -18.82 12.12
N THR A 881 8.20 -18.98 13.12
CA THR A 881 6.85 -19.46 12.92
C THR A 881 6.07 -18.55 11.95
N HIS A 882 6.19 -17.24 12.11
CA HIS A 882 5.58 -16.29 11.19
C HIS A 882 6.14 -16.44 9.75
N LEU A 883 7.43 -16.78 9.64
CA LEU A 883 8.04 -16.92 8.33
C LEU A 883 7.52 -18.17 7.64
N LEU A 884 7.15 -19.18 8.43
CA LEU A 884 6.61 -20.40 7.84
C LEU A 884 5.20 -20.18 7.34
N LYS A 885 4.55 -19.13 7.81
CA LYS A 885 3.28 -18.73 7.22
C LYS A 885 3.59 -18.34 5.80
N LYS A 886 4.41 -17.30 5.72
CA LYS A 886 4.60 -16.57 4.50
C LYS A 886 5.19 -17.41 3.40
N PHE A 887 6.03 -18.37 3.78
CA PHE A 887 6.77 -19.15 2.79
C PHE A 887 6.67 -20.63 3.12
N ASP A 888 6.93 -21.47 2.11
CA ASP A 888 7.02 -22.94 2.25
C ASP A 888 8.13 -23.34 3.23
N LEU A 889 8.98 -24.31 2.86
CA LEU A 889 9.94 -24.76 3.85
C LEU A 889 11.33 -25.27 3.42
N GLY A 890 11.51 -25.98 2.30
CA GLY A 890 10.67 -25.96 1.13
C GLY A 890 11.17 -24.89 0.15
N SER A 891 10.81 -23.66 0.44
CA SER A 891 11.00 -22.59 -0.52
C SER A 891 12.46 -22.24 -0.69
N TYR A 892 12.76 -21.53 -1.79
CA TYR A 892 14.02 -20.83 -2.01
CA TYR A 892 14.07 -20.92 -1.95
C TYR A 892 14.18 -19.72 -1.01
N ASP A 893 13.06 -19.11 -0.65
CA ASP A 893 13.10 -17.95 0.24
C ASP A 893 13.54 -18.39 1.66
N ILE A 894 13.14 -19.57 2.10
CA ILE A 894 13.51 -20.01 3.44
C ILE A 894 14.98 -20.38 3.50
N ARG A 895 15.45 -21.03 2.45
CA ARG A 895 16.84 -21.42 2.34
C ARG A 895 17.79 -20.21 2.30
N MET A 896 17.36 -19.11 1.69
CA MET A 896 18.18 -17.91 1.64
C MET A 896 18.06 -17.15 2.93
N ILE A 897 16.92 -17.32 3.61
CA ILE A 897 16.72 -16.70 4.92
C ILE A 897 17.60 -17.37 5.98
N ILE A 898 17.62 -18.70 5.99
CA ILE A 898 18.51 -19.42 6.87
C ILE A 898 19.99 -19.14 6.58
N SER A 899 20.43 -19.34 5.34
CA SER A 899 21.86 -19.33 5.11
C SER A 899 22.37 -17.92 4.82
N GLY A 900 21.47 -16.99 4.57
CA GLY A 900 21.90 -15.63 4.38
C GLY A 900 22.01 -14.91 5.69
N THR A 901 21.56 -15.55 6.76
CA THR A 901 21.64 -14.94 8.08
C THR A 901 22.62 -15.63 9.00
N THR A 902 23.09 -16.81 8.62
CA THR A 902 24.01 -17.56 9.47
C THR A 902 25.32 -18.05 8.81
N ALA A 903 25.30 -18.27 7.49
CA ALA A 903 26.42 -18.97 6.88
C ALA A 903 27.73 -18.17 6.87
N HIS A 904 27.70 -16.89 7.22
CA HIS A 904 28.90 -16.10 7.20
C HIS A 904 29.53 -16.00 8.58
N PHE A 905 28.82 -16.50 9.60
CA PHE A 905 29.39 -16.63 10.94
C PHE A 905 30.72 -17.39 10.89
N SER A 906 31.63 -17.07 11.81
CA SER A 906 32.97 -17.62 11.77
C SER A 906 33.54 -17.87 13.16
N SER A 907 32.66 -17.87 14.16
CA SER A 907 33.08 -18.06 15.53
C SER A 907 32.36 -19.25 16.16
N LYS A 908 33.08 -20.03 16.97
CA LYS A 908 32.49 -21.14 17.71
C LYS A 908 31.30 -20.64 18.55
N ASP A 909 31.38 -19.37 18.94
CA ASP A 909 30.26 -18.69 19.55
C ASP A 909 28.98 -18.86 18.71
N LYS A 910 28.99 -18.25 17.53
CA LYS A 910 27.86 -18.28 16.64
C LYS A 910 27.51 -19.69 16.22
N LEU A 911 28.52 -20.52 15.96
CA LEU A 911 28.27 -21.93 15.64
C LEU A 911 27.37 -22.60 16.67
N GLN A 912 27.53 -22.19 17.93
CA GLN A 912 26.74 -22.73 19.04
C GLN A 912 25.26 -22.36 18.90
N GLU A 913 24.98 -21.08 18.80
CA GLU A 913 23.62 -20.62 18.62
C GLU A 913 22.97 -21.26 17.38
N VAL A 914 23.65 -21.27 16.25
CA VAL A 914 23.04 -21.81 15.04
C VAL A 914 22.74 -23.30 15.21
N LYS A 915 23.63 -24.02 15.89
CA LYS A 915 23.47 -25.48 16.02
C LYS A 915 22.25 -25.83 16.88
N LEU A 916 22.05 -25.09 17.96
CA LEU A 916 20.83 -25.23 18.72
C LEU A 916 19.57 -24.95 17.91
N PHE A 917 19.56 -23.76 17.31
CA PHE A 917 18.42 -23.26 16.56
C PHE A 917 17.96 -24.24 15.50
N PHE A 918 18.91 -24.85 14.80
CA PHE A 918 18.55 -25.87 13.84
C PHE A 918 17.90 -27.04 14.57
N GLU A 919 18.46 -27.39 15.71
CA GLU A 919 17.99 -28.57 16.45
C GLU A 919 16.64 -28.30 17.07
N SER A 920 16.42 -27.05 17.47
CA SER A 920 15.09 -26.59 17.83
C SER A 920 14.08 -26.72 16.70
N LEU A 921 14.53 -26.53 15.46
CA LEU A 921 13.66 -26.62 14.29
C LEU A 921 13.38 -28.08 13.96
N GLU A 922 14.43 -28.90 14.04
CA GLU A 922 14.23 -30.32 14.22
C GLU A 922 13.27 -30.48 15.40
N ALA A 923 12.46 -31.54 15.39
CA ALA A 923 11.40 -31.66 16.40
C ALA A 923 10.50 -30.42 16.30
N GLN A 924 9.38 -30.63 15.62
CA GLN A 924 8.54 -29.64 14.93
C GLN A 924 8.53 -30.21 13.53
N GLY A 925 9.44 -31.15 13.31
CA GLY A 925 9.53 -31.91 12.09
C GLY A 925 10.13 -31.14 10.93
N SER A 926 10.82 -30.05 11.22
CA SER A 926 11.48 -29.25 10.19
C SER A 926 12.88 -29.75 9.90
N HIS A 927 13.03 -30.69 8.98
CA HIS A 927 14.37 -31.03 8.52
C HIS A 927 14.62 -30.52 7.09
N LEU A 928 15.69 -29.75 6.91
CA LEU A 928 16.21 -29.41 5.58
C LEU A 928 17.63 -29.86 5.43
N ASP A 929 18.12 -29.93 4.21
CA ASP A 929 19.50 -30.25 4.01
C ASP A 929 20.40 -29.03 4.30
N ILE A 930 19.82 -27.83 4.21
CA ILE A 930 20.60 -26.61 4.36
C ILE A 930 21.12 -26.48 5.80
N PHE A 931 20.64 -27.35 6.68
CA PHE A 931 21.04 -27.30 8.09
C PHE A 931 22.51 -27.73 8.25
N GLN A 932 22.82 -28.94 7.78
CA GLN A 932 24.19 -29.43 7.83
C GLN A 932 25.11 -28.57 6.99
N THR A 933 24.76 -28.37 5.70
CA THR A 933 25.49 -27.48 4.79
C THR A 933 25.98 -26.17 5.43
N VAL A 934 25.06 -25.41 6.03
CA VAL A 934 25.42 -24.22 6.77
C VAL A 934 26.43 -24.49 7.90
N LEU A 935 26.13 -25.44 8.79
CA LEU A 935 27.02 -25.69 9.94
C LEU A 935 28.40 -26.11 9.46
N GLU A 936 28.44 -27.02 8.49
CA GLU A 936 29.71 -27.37 7.84
C GLU A 936 30.41 -26.13 7.23
N THR A 937 29.64 -25.16 6.77
CA THR A 937 30.22 -23.91 6.28
C THR A 937 30.72 -23.05 7.43
N ILE A 938 29.93 -22.85 8.47
CA ILE A 938 30.44 -22.06 9.61
C ILE A 938 31.77 -22.61 10.11
N THR A 939 31.86 -23.92 10.21
CA THR A 939 33.07 -24.56 10.72
C THR A 939 34.26 -24.35 9.80
N LYS A 940 34.06 -24.58 8.50
CA LYS A 940 35.10 -24.27 7.51
C LYS A 940 35.68 -22.86 7.69
N ASN A 941 34.83 -21.88 8.02
CA ASN A 941 35.26 -20.51 8.35
C ASN A 941 36.15 -20.45 9.57
N ILE A 942 35.76 -21.19 10.59
CA ILE A 942 36.45 -21.18 11.86
C ILE A 942 37.82 -21.81 11.69
N LYS A 943 37.86 -23.00 11.10
CA LYS A 943 39.15 -23.65 10.85
C LYS A 943 40.04 -22.72 10.05
N TRP A 944 39.46 -22.08 9.03
CA TRP A 944 40.20 -21.19 8.16
C TRP A 944 40.91 -20.06 8.89
N LEU A 945 40.17 -19.38 9.74
CA LEU A 945 40.72 -18.38 10.66
C LEU A 945 41.79 -18.99 11.58
N GLU A 946 41.51 -20.16 12.14
CA GLU A 946 42.47 -20.78 13.03
C GLU A 946 43.77 -20.95 12.29
N LYS A 947 43.72 -21.65 11.15
CA LYS A 947 44.90 -21.97 10.34
C LYS A 947 45.50 -20.87 9.43
N ASN A 948 44.84 -19.72 9.27
CA ASN A 948 45.37 -18.71 8.36
C ASN A 948 45.28 -17.26 8.81
N LEU A 949 44.62 -17.00 9.92
CA LEU A 949 44.51 -15.61 10.37
C LEU A 949 45.90 -15.01 10.61
N PRO A 950 46.72 -15.60 11.52
CA PRO A 950 48.09 -15.09 11.64
C PRO A 950 48.81 -14.87 10.30
N THR A 951 48.77 -15.87 9.42
CA THR A 951 49.51 -15.75 8.18
C THR A 951 49.03 -14.58 7.34
N LEU A 952 47.76 -14.20 7.47
CA LEU A 952 47.29 -12.99 6.80
C LEU A 952 47.76 -11.72 7.54
N ARG A 953 47.80 -11.73 8.87
CA ARG A 953 48.28 -10.55 9.59
C ARG A 953 49.69 -10.25 9.18
N THR A 954 50.51 -11.29 9.15
CA THR A 954 51.91 -11.15 8.83
C THR A 954 52.17 -10.75 7.37
N TRP A 955 51.54 -11.43 6.40
CA TRP A 955 51.78 -11.13 4.98
C TRP A 955 51.61 -9.65 4.70
N LEU A 956 50.57 -9.07 5.29
CA LEU A 956 50.28 -7.66 5.07
C LEU A 956 51.36 -6.80 5.65
N MET A 957 51.73 -7.10 6.90
CA MET A 957 52.79 -6.39 7.63
C MET A 957 54.09 -6.34 6.84
N VAL A 958 54.50 -7.50 6.33
CA VAL A 958 55.65 -7.68 5.45
C VAL A 958 55.58 -6.72 4.27
N ASN A 959 54.42 -6.73 3.62
CA ASN A 959 54.15 -5.89 2.46
C ASN A 959 54.34 -4.41 2.74
N THR A 960 53.80 -3.96 3.86
CA THR A 960 54.01 -2.61 4.36
C THR A 960 55.48 -2.24 4.39
N ARG A 961 56.29 -3.18 4.85
CA ARG A 961 57.71 -2.96 4.96
C ARG A 961 58.27 -2.79 3.56
N HIS A 962 58.29 -3.85 2.74
CA HIS A 962 58.59 -3.71 1.30
C HIS A 962 57.81 -2.56 0.67
N PRO B 54 3.46 47.48 -5.04
CA PRO B 54 3.30 46.26 -5.84
C PRO B 54 4.50 45.31 -5.70
N VAL B 55 4.98 44.76 -6.82
CA VAL B 55 6.19 43.90 -7.00
C VAL B 55 5.78 42.65 -7.79
N ALA B 56 6.76 41.81 -8.13
CA ALA B 56 6.55 40.43 -8.61
C ALA B 56 5.83 40.32 -9.99
N THR B 57 5.93 39.18 -10.67
CA THR B 57 6.87 38.09 -10.32
C THR B 57 7.90 37.85 -11.43
N ASN B 58 7.93 38.74 -12.41
CA ASN B 58 8.98 38.76 -13.42
C ASN B 58 9.77 40.06 -13.33
N GLY B 59 9.76 40.67 -12.15
CA GLY B 59 10.07 42.08 -12.03
C GLY B 59 8.79 42.77 -12.47
N GLU B 60 8.85 44.07 -12.75
CA GLU B 60 7.68 44.87 -13.16
C GLU B 60 6.59 44.97 -12.07
N ARG B 61 6.29 46.22 -11.68
CA ARG B 61 5.21 46.53 -10.76
C ARG B 61 3.96 45.74 -11.10
N PHE B 62 3.23 45.31 -10.07
CA PHE B 62 1.94 44.73 -10.31
C PHE B 62 0.89 45.83 -10.40
N PRO B 63 0.04 45.77 -11.43
CA PRO B 63 -1.09 46.68 -11.67
C PRO B 63 -1.99 46.99 -10.45
N TRP B 64 -2.48 45.96 -9.75
CA TRP B 64 -3.38 46.17 -8.62
C TRP B 64 -2.65 46.19 -7.28
N GLN B 65 -3.36 46.54 -6.21
CA GLN B 65 -2.69 46.64 -4.92
C GLN B 65 -3.58 46.16 -3.77
N GLU B 66 -4.64 45.43 -4.09
CA GLU B 66 -5.58 44.96 -3.07
C GLU B 66 -6.15 43.57 -3.35
N LEU B 67 -6.49 42.87 -2.27
CA LEU B 67 -6.92 41.47 -2.33
C LEU B 67 -8.29 41.29 -2.97
N ARG B 68 -8.92 42.39 -3.37
CA ARG B 68 -10.16 42.30 -4.12
C ARG B 68 -9.96 42.71 -5.57
N LEU B 69 -10.79 42.17 -6.46
CA LEU B 69 -10.73 42.52 -7.87
C LEU B 69 -11.46 43.82 -8.12
N PRO B 70 -10.91 44.66 -9.01
CA PRO B 70 -11.55 45.94 -9.34
C PRO B 70 -12.96 45.72 -9.87
N SER B 71 -13.88 46.63 -9.54
CA SER B 71 -15.27 46.51 -9.97
C SER B 71 -15.45 46.93 -11.42
N VAL B 72 -14.35 47.01 -12.16
CA VAL B 72 -14.32 47.59 -13.50
C VAL B 72 -14.69 46.60 -14.62
N VAL B 73 -14.50 45.31 -14.39
CA VAL B 73 -14.68 44.29 -15.43
C VAL B 73 -15.57 43.15 -14.94
N ILE B 74 -16.65 42.86 -15.66
CA ILE B 74 -17.65 41.90 -15.18
C ILE B 74 -17.91 40.75 -16.16
N PRO B 75 -17.63 39.51 -15.71
CA PRO B 75 -17.87 38.27 -16.46
C PRO B 75 -19.34 38.08 -16.85
N LEU B 76 -19.63 36.97 -17.51
CA LEU B 76 -20.98 36.68 -17.98
C LEU B 76 -21.04 35.23 -18.44
N HIS B 77 -19.88 34.72 -18.85
CA HIS B 77 -19.82 33.36 -19.39
C HIS B 77 -18.44 32.71 -19.36
N TYR B 78 -18.43 31.43 -18.97
CA TYR B 78 -17.24 30.63 -19.00
C TYR B 78 -17.51 29.43 -19.87
N ASP B 79 -16.75 29.31 -20.96
CA ASP B 79 -16.63 28.05 -21.65
C ASP B 79 -15.44 27.36 -21.02
N LEU B 80 -15.63 26.13 -20.57
CA LEU B 80 -14.60 25.51 -19.78
C LEU B 80 -14.44 24.05 -20.15
N PHE B 81 -13.29 23.75 -20.73
CA PHE B 81 -12.93 22.39 -21.10
C PHE B 81 -11.85 21.86 -20.14
N VAL B 82 -12.01 20.62 -19.70
CA VAL B 82 -11.01 20.08 -18.83
C VAL B 82 -10.62 18.73 -19.37
N HIS B 83 -9.31 18.48 -19.43
CA HIS B 83 -8.76 17.19 -19.79
C HIS B 83 -7.89 16.68 -18.62
N PRO B 84 -8.50 15.98 -17.68
CA PRO B 84 -7.63 15.37 -16.69
C PRO B 84 -7.09 14.07 -17.21
N ASN B 85 -5.92 13.68 -16.70
CA ASN B 85 -5.43 12.32 -16.89
C ASN B 85 -5.22 11.71 -15.50
N LEU B 86 -5.95 10.64 -15.22
CA LEU B 86 -5.95 10.07 -13.88
C LEU B 86 -4.90 8.99 -13.78
N THR B 87 -3.86 9.15 -14.58
CA THR B 87 -2.76 8.21 -14.66
C THR B 87 -1.47 9.04 -14.54
N SER B 88 -1.28 9.91 -15.50
CA SER B 88 -0.31 10.99 -15.40
C SER B 88 -0.57 11.91 -14.19
N LEU B 89 -1.78 11.83 -13.61
CA LEU B 89 -2.27 12.70 -12.52
C LEU B 89 -2.09 14.19 -12.73
N ASP B 90 -2.43 14.69 -13.91
CA ASP B 90 -2.48 16.13 -14.11
C ASP B 90 -3.58 16.49 -15.06
N PHE B 91 -3.63 17.75 -15.48
CA PHE B 91 -4.67 18.14 -16.42
C PHE B 91 -4.20 19.27 -17.31
N VAL B 92 -4.72 19.26 -18.53
CA VAL B 92 -4.63 20.37 -19.44
C VAL B 92 -6.03 20.92 -19.54
N ALA B 93 -6.14 22.23 -19.62
CA ALA B 93 -7.48 22.81 -19.69
C ALA B 93 -7.49 24.16 -20.36
N SER B 94 -8.64 24.46 -20.97
CA SER B 94 -8.87 25.68 -21.74
C SER B 94 -10.19 26.34 -21.37
N GLU B 95 -10.16 27.67 -21.25
CA GLU B 95 -11.36 28.44 -21.02
C GLU B 95 -11.42 29.67 -21.93
N LYS B 96 -12.64 30.12 -22.22
CA LYS B 96 -12.87 31.39 -22.88
C LYS B 96 -13.91 32.21 -22.08
N ILE B 97 -13.46 33.16 -21.27
CA ILE B 97 -14.38 33.94 -20.43
C ILE B 97 -14.98 35.17 -21.11
N GLU B 98 -16.28 35.15 -21.40
CA GLU B 98 -16.97 36.35 -21.89
C GLU B 98 -16.88 37.52 -20.90
N VAL B 99 -16.47 38.68 -21.37
CA VAL B 99 -16.25 39.81 -20.47
C VAL B 99 -16.98 41.08 -20.92
N LEU B 100 -17.84 41.62 -20.05
CA LEU B 100 -18.48 42.92 -20.27
C LEU B 100 -17.75 44.00 -19.46
N VAL B 101 -17.62 45.21 -19.99
CA VAL B 101 -16.91 46.27 -19.28
C VAL B 101 -17.88 47.34 -18.75
N SER B 102 -17.41 48.14 -17.78
CA SER B 102 -18.24 49.14 -17.13
C SER B 102 -17.52 50.48 -16.97
N ASN B 103 -16.20 50.47 -17.13
CA ASN B 103 -15.42 51.68 -16.95
C ASN B 103 -14.08 51.64 -17.67
N ALA B 104 -13.30 52.69 -17.47
CA ALA B 104 -11.98 52.80 -18.07
C ALA B 104 -10.99 51.92 -17.30
N THR B 105 -10.30 51.05 -18.02
CA THR B 105 -9.29 50.20 -17.38
C THR B 105 -8.10 49.89 -18.29
N GLN B 106 -6.92 49.89 -17.68
CA GLN B 106 -5.66 49.62 -18.35
C GLN B 106 -5.35 48.11 -18.38
N PHE B 107 -5.81 47.39 -17.35
CA PHE B 107 -5.47 45.97 -17.20
C PHE B 107 -6.62 45.12 -16.66
N ILE B 108 -6.85 43.97 -17.29
CA ILE B 108 -7.80 42.98 -16.82
C ILE B 108 -7.22 42.26 -15.61
N ILE B 109 -8.05 42.03 -14.59
CA ILE B 109 -7.61 41.28 -13.42
C ILE B 109 -8.57 40.17 -13.02
N LEU B 110 -8.00 38.99 -12.75
CA LEU B 110 -8.75 37.91 -12.12
C LEU B 110 -7.82 37.06 -11.24
N HIS B 111 -8.33 35.95 -10.74
CA HIS B 111 -7.59 35.12 -9.79
C HIS B 111 -6.91 33.92 -10.46
N SER B 112 -5.79 33.46 -9.88
CA SER B 112 -5.12 32.23 -10.31
C SER B 112 -4.13 31.71 -9.26
N LYS B 113 -4.10 30.40 -9.01
CA LYS B 113 -3.10 29.86 -8.08
C LYS B 113 -2.60 28.49 -8.48
N ASP B 114 -1.27 28.40 -8.55
CA ASP B 114 -0.56 27.19 -8.94
C ASP B 114 -0.93 26.72 -10.33
N LEU B 115 -1.41 27.62 -11.19
CA LEU B 115 -1.77 27.25 -12.56
C LEU B 115 -0.81 27.81 -13.60
N GLU B 116 -0.29 26.94 -14.48
CA GLU B 116 0.67 27.38 -15.49
C GLU B 116 -0.07 27.85 -16.73
N ILE B 117 -0.08 29.15 -16.96
CA ILE B 117 -0.79 29.70 -18.12
C ILE B 117 0.12 29.81 -19.35
N THR B 118 -0.34 29.23 -20.46
CA THR B 118 0.40 29.30 -21.71
C THR B 118 -0.20 30.38 -22.65
N ASN B 119 -0.90 29.99 -23.70
CA ASN B 119 -1.63 30.95 -24.53
C ASN B 119 -2.62 31.81 -23.72
N ALA B 120 -2.70 33.11 -24.02
CA ALA B 120 -3.67 34.00 -23.39
C ALA B 120 -4.04 35.13 -24.33
N THR B 121 -5.04 34.89 -25.16
CA THR B 121 -5.41 35.80 -26.24
C THR B 121 -6.43 36.87 -25.81
N LEU B 122 -7.11 37.47 -26.78
CA LEU B 122 -8.27 38.33 -26.50
C LEU B 122 -9.04 38.59 -27.78
N GLN B 123 -9.96 37.69 -28.10
CA GLN B 123 -10.86 37.88 -29.22
C GLN B 123 -11.94 38.90 -28.87
N SER B 124 -12.74 39.28 -29.86
CA SER B 124 -13.93 40.12 -29.68
C SER B 124 -14.79 40.09 -30.95
N GLU B 125 -16.07 40.41 -30.79
CA GLU B 125 -17.00 40.43 -31.93
C GLU B 125 -17.78 41.76 -31.96
N GLU B 126 -17.71 42.50 -30.87
CA GLU B 126 -18.34 43.82 -30.77
C GLU B 126 -17.29 44.92 -30.76
N ASP B 127 -16.10 44.58 -31.24
CA ASP B 127 -14.96 45.49 -31.15
C ASP B 127 -13.79 44.95 -31.97
N SER B 128 -13.86 45.10 -33.28
CA SER B 128 -12.92 44.47 -34.20
C SER B 128 -11.44 44.87 -33.99
N ARG B 129 -11.16 45.75 -33.04
CA ARG B 129 -9.78 46.01 -32.62
C ARG B 129 -9.12 44.73 -32.14
N TYR B 130 -9.97 43.79 -31.72
CA TYR B 130 -9.55 42.46 -31.32
C TYR B 130 -10.42 41.42 -32.02
N MET B 131 -10.65 41.61 -33.31
CA MET B 131 -11.45 40.67 -34.08
C MET B 131 -10.68 39.38 -34.36
N LYS B 132 -11.41 38.34 -34.71
CA LYS B 132 -10.83 37.03 -34.98
C LYS B 132 -9.76 37.08 -36.08
N PRO B 133 -8.70 36.26 -35.94
CA PRO B 133 -8.44 35.45 -34.74
C PRO B 133 -7.46 36.12 -33.77
N GLY B 134 -7.30 37.43 -33.87
CA GLY B 134 -6.44 38.15 -32.93
C GLY B 134 -7.05 38.12 -31.54
N LYS B 135 -6.26 38.40 -30.51
CA LYS B 135 -4.87 38.76 -30.65
C LYS B 135 -3.95 37.88 -29.81
N GLU B 136 -3.25 38.50 -28.87
CA GLU B 136 -2.29 37.86 -27.97
C GLU B 136 -2.13 38.83 -26.81
N LEU B 137 -1.88 38.32 -25.61
CA LEU B 137 -1.96 39.17 -24.43
C LEU B 137 -1.01 38.76 -23.30
N LYS B 138 -0.01 39.59 -23.02
CA LYS B 138 0.99 39.28 -22.00
C LYS B 138 0.34 39.21 -20.63
N VAL B 139 0.86 38.35 -19.76
CA VAL B 139 0.22 38.09 -18.48
C VAL B 139 1.14 38.26 -17.30
N LEU B 140 0.72 39.09 -16.34
CA LEU B 140 1.47 39.29 -15.10
C LEU B 140 0.87 38.48 -13.96
N SER B 141 1.67 38.13 -12.95
CA SER B 141 1.17 37.36 -11.81
C SER B 141 1.64 37.87 -10.45
N TYR B 142 0.88 37.56 -9.40
CA TYR B 142 1.20 38.04 -8.05
C TYR B 142 0.69 37.05 -6.98
N PRO B 143 1.54 36.08 -6.59
CA PRO B 143 1.10 34.97 -5.75
C PRO B 143 0.63 35.37 -4.36
N ALA B 144 1.14 36.48 -3.83
CA ALA B 144 0.82 36.92 -2.48
C ALA B 144 -0.62 37.42 -2.36
N HIS B 145 -1.23 37.66 -3.51
CA HIS B 145 -2.62 38.08 -3.57
C HIS B 145 -3.45 37.09 -4.40
N GLU B 146 -2.79 36.03 -4.87
CA GLU B 146 -3.40 34.97 -5.71
C GLU B 146 -4.08 35.47 -6.98
N GLN B 147 -3.79 36.69 -7.37
CA GLN B 147 -4.39 37.30 -8.55
C GLN B 147 -3.39 37.42 -9.70
N ILE B 148 -3.86 37.39 -10.93
CA ILE B 148 -2.97 37.71 -12.04
C ILE B 148 -3.46 38.94 -12.74
N ALA B 149 -2.59 39.54 -13.54
CA ALA B 149 -2.94 40.70 -14.36
C ALA B 149 -2.75 40.40 -15.85
N LEU B 150 -3.76 40.72 -16.64
CA LEU B 150 -3.68 40.62 -18.09
C LEU B 150 -3.30 41.97 -18.70
N LEU B 151 -2.19 42.03 -19.42
CA LEU B 151 -1.77 43.27 -20.08
C LEU B 151 -2.35 43.45 -21.49
N VAL B 152 -3.51 44.07 -21.57
CA VAL B 152 -4.18 44.33 -22.84
C VAL B 152 -3.35 45.35 -23.65
N PRO B 153 -3.36 45.22 -25.00
CA PRO B 153 -2.59 46.06 -25.93
C PRO B 153 -2.64 47.57 -25.65
N GLU B 154 -3.81 48.11 -25.32
CA GLU B 154 -3.89 49.51 -24.89
C GLU B 154 -4.98 49.80 -23.84
N LYS B 155 -6.23 49.85 -24.28
CA LYS B 155 -7.34 50.16 -23.38
C LYS B 155 -8.65 49.55 -23.89
N LEU B 156 -9.49 49.14 -22.95
CA LEU B 156 -10.71 48.45 -23.28
C LEU B 156 -11.89 49.43 -23.33
N THR B 157 -12.61 49.38 -24.46
CA THR B 157 -13.73 50.28 -24.73
C THR B 157 -14.91 50.04 -23.80
N PRO B 158 -15.16 50.97 -22.86
CA PRO B 158 -16.21 50.88 -21.86
C PRO B 158 -17.54 50.37 -22.41
N HIS B 159 -18.26 49.61 -21.59
CA HIS B 159 -19.59 49.09 -21.92
C HIS B 159 -19.64 48.27 -23.23
N LEU B 160 -18.87 47.18 -23.30
CA LEU B 160 -19.04 46.19 -24.37
C LEU B 160 -18.31 44.87 -24.09
N LYS B 161 -18.66 43.83 -24.86
CA LYS B 161 -18.31 42.44 -24.53
C LYS B 161 -17.08 41.84 -25.26
N TYR B 162 -16.06 41.50 -24.46
CA TYR B 162 -14.83 40.86 -24.94
C TYR B 162 -14.89 39.32 -24.78
N TYR B 163 -13.88 38.64 -25.32
CA TYR B 163 -13.78 37.18 -25.21
C TYR B 163 -12.39 36.71 -24.75
N VAL B 164 -12.07 36.95 -23.48
CA VAL B 164 -10.81 36.53 -22.87
C VAL B 164 -10.61 35.02 -22.85
N ALA B 165 -9.55 34.54 -23.48
CA ALA B 165 -9.29 33.10 -23.54
C ALA B 165 -7.89 32.76 -23.03
N MET B 166 -7.81 31.80 -22.11
CA MET B 166 -6.51 31.35 -21.62
C MET B 166 -6.38 29.84 -21.81
N ASP B 167 -5.13 29.36 -21.91
CA ASP B 167 -4.83 27.93 -21.81
C ASP B 167 -3.93 27.67 -20.60
N PHE B 168 -4.21 26.59 -19.86
CA PHE B 168 -3.50 26.35 -18.62
C PHE B 168 -3.36 24.86 -18.21
N GLN B 169 -2.43 24.60 -17.29
CA GLN B 169 -2.24 23.27 -16.69
C GLN B 169 -1.79 23.28 -15.23
N ALA B 170 -1.75 22.08 -14.67
CA ALA B 170 -1.29 21.83 -13.32
C ALA B 170 -1.41 20.33 -13.06
N LYS B 171 -0.90 19.88 -11.93
CA LYS B 171 -1.13 18.52 -11.50
C LYS B 171 -2.41 18.50 -10.71
N LEU B 172 -3.05 17.34 -10.67
CA LEU B 172 -4.16 17.18 -9.77
C LEU B 172 -3.58 17.47 -8.41
N GLY B 173 -4.31 18.30 -7.65
CA GLY B 173 -3.93 18.71 -6.34
C GLY B 173 -3.57 17.54 -5.47
N ASP B 174 -2.70 17.84 -4.51
CA ASP B 174 -2.11 16.89 -3.60
C ASP B 174 -3.00 16.61 -2.37
N GLY B 175 -3.70 17.65 -1.87
CA GLY B 175 -4.50 17.52 -0.66
C GLY B 175 -5.79 18.34 -0.43
N PHE B 176 -6.92 17.74 -0.79
CA PHE B 176 -8.25 18.17 -0.34
C PHE B 176 -8.83 19.48 -0.89
N GLU B 177 -8.17 20.16 -1.82
CA GLU B 177 -8.78 21.38 -2.38
C GLU B 177 -8.47 21.61 -3.86
N GLY B 178 -9.23 22.50 -4.51
CA GLY B 178 -9.12 22.72 -5.94
C GLY B 178 -9.52 21.50 -6.79
N PHE B 179 -8.86 21.30 -7.91
CA PHE B 179 -9.11 20.09 -8.66
C PHE B 179 -8.07 19.08 -8.18
N TYR B 180 -8.51 18.07 -7.44
CA TYR B 180 -7.60 17.24 -6.66
C TYR B 180 -7.88 15.73 -6.75
N LYS B 181 -6.96 14.94 -6.23
CA LYS B 181 -6.97 13.48 -6.40
C LYS B 181 -7.43 12.73 -5.14
N SER B 182 -8.15 11.63 -5.31
CA SER B 182 -8.69 10.86 -4.18
C SER B 182 -8.78 9.38 -4.56
N THR B 183 -8.70 8.48 -3.59
CA THR B 183 -8.57 7.06 -3.88
C THR B 183 -9.51 6.26 -3.00
N TYR B 184 -9.66 4.95 -3.21
CA TYR B 184 -10.59 4.13 -2.40
C TYR B 184 -10.46 2.62 -2.57
N ARG B 185 -10.67 1.85 -1.49
CA ARG B 185 -10.52 0.40 -1.54
C ARG B 185 -11.76 -0.29 -2.15
N THR B 186 -11.54 -1.46 -2.74
CA THR B 186 -12.62 -2.26 -3.32
C THR B 186 -12.86 -3.44 -2.42
N LEU B 187 -13.98 -4.12 -2.64
CA LEU B 187 -14.35 -5.29 -1.86
C LEU B 187 -13.23 -6.33 -1.90
N GLY B 188 -12.44 -6.30 -2.97
CA GLY B 188 -11.39 -7.27 -3.18
C GLY B 188 -9.95 -6.86 -2.93
N GLY B 189 -9.71 -5.59 -2.60
CA GLY B 189 -8.35 -5.16 -2.32
C GLY B 189 -7.77 -4.10 -3.22
N GLU B 190 -8.39 -3.90 -4.40
CA GLU B 190 -7.89 -2.96 -5.41
C GLU B 190 -7.93 -1.51 -4.91
N THR B 191 -7.59 -0.56 -5.77
CA THR B 191 -7.45 0.84 -5.37
C THR B 191 -7.57 1.79 -6.56
N ARG B 192 -8.78 2.31 -6.79
CA ARG B 192 -9.02 3.21 -7.91
C ARG B 192 -8.72 4.68 -7.58
N ILE B 193 -8.70 5.54 -8.59
CA ILE B 193 -8.43 6.96 -8.40
C ILE B 193 -9.56 7.78 -9.01
N LEU B 194 -9.90 8.90 -8.38
CA LEU B 194 -10.87 9.81 -8.95
C LEU B 194 -10.28 11.18 -8.83
N ALA B 195 -10.74 12.10 -9.65
CA ALA B 195 -10.39 13.49 -9.50
C ALA B 195 -11.67 14.12 -9.04
N VAL B 196 -11.62 15.28 -8.40
CA VAL B 196 -12.83 15.87 -7.78
C VAL B 196 -12.45 17.27 -7.40
N THR B 197 -13.46 18.11 -7.19
CA THR B 197 -13.26 19.53 -7.02
C THR B 197 -13.85 19.93 -5.70
N ASP B 198 -13.29 20.97 -5.10
CA ASP B 198 -13.81 21.59 -3.89
C ASP B 198 -13.27 23.00 -3.78
N PHE B 199 -14.14 23.98 -4.00
CA PHE B 199 -13.68 25.33 -4.20
C PHE B 199 -14.10 26.33 -3.13
N GLU B 200 -15.00 26.00 -2.23
CA GLU B 200 -15.38 27.01 -1.25
C GLU B 200 -14.28 27.15 -0.20
N PRO B 201 -13.88 28.40 0.11
CA PRO B 201 -14.36 29.67 -0.42
C PRO B 201 -13.60 30.13 -1.63
N THR B 202 -12.29 30.07 -1.48
CA THR B 202 -11.37 30.56 -2.50
C THR B 202 -11.18 29.50 -3.59
N GLN B 203 -9.99 28.94 -3.66
CA GLN B 203 -9.74 27.61 -4.26
C GLN B 203 -10.23 27.28 -5.69
N ALA B 204 -11.24 27.98 -6.20
CA ALA B 204 -11.69 27.73 -7.57
C ALA B 204 -10.60 28.20 -8.55
N ARG B 205 -9.90 29.24 -8.12
CA ARG B 205 -8.74 29.83 -8.80
C ARG B 205 -7.56 28.86 -8.90
N MET B 206 -7.68 27.70 -8.27
CA MET B 206 -6.65 26.69 -8.31
C MET B 206 -6.93 25.70 -9.42
N ALA B 207 -8.13 25.81 -9.98
CA ALA B 207 -8.56 24.88 -11.03
C ALA B 207 -8.66 25.57 -12.40
N PHE B 208 -9.14 26.80 -12.39
CA PHE B 208 -9.21 27.59 -13.61
C PHE B 208 -9.18 29.07 -13.23
N PRO B 209 -8.41 29.88 -13.96
CA PRO B 209 -8.33 31.30 -13.58
C PRO B 209 -9.70 31.94 -13.73
N CYS B 210 -10.05 32.85 -12.85
CA CYS B 210 -11.41 33.37 -12.83
C CYS B 210 -11.57 34.50 -11.83
N PHE B 211 -12.73 35.18 -11.91
CA PHE B 211 -13.16 36.08 -10.87
C PHE B 211 -13.71 35.20 -9.76
N ASP B 212 -12.94 35.08 -8.68
CA ASP B 212 -13.23 34.17 -7.59
C ASP B 212 -13.75 34.91 -6.38
N GLU B 213 -14.76 35.75 -6.61
CA GLU B 213 -15.53 36.36 -5.53
C GLU B 213 -16.98 35.99 -5.77
N PRO B 214 -17.75 35.75 -4.71
CA PRO B 214 -19.10 35.16 -4.84
C PRO B 214 -20.05 36.03 -5.64
N LEU B 215 -19.71 37.31 -5.79
CA LEU B 215 -20.55 38.25 -6.54
C LEU B 215 -20.55 38.00 -8.05
N PHE B 216 -19.41 38.26 -8.69
CA PHE B 216 -19.23 37.98 -10.12
C PHE B 216 -19.83 36.63 -10.53
N LYS B 217 -21.05 36.66 -11.06
CA LYS B 217 -21.71 35.42 -11.50
C LYS B 217 -21.80 35.31 -13.01
N ALA B 218 -22.15 34.11 -13.47
CA ALA B 218 -22.04 33.76 -14.87
C ALA B 218 -22.65 32.39 -15.09
N ASN B 219 -22.83 32.02 -16.35
CA ASN B 219 -23.20 30.66 -16.69
C ASN B 219 -21.93 29.89 -16.87
N PHE B 220 -22.03 28.57 -17.00
CA PHE B 220 -20.82 27.78 -17.09
C PHE B 220 -21.07 26.62 -18.03
N SER B 221 -20.35 26.65 -19.15
CA SER B 221 -20.46 25.58 -20.12
C SER B 221 -19.23 24.72 -19.94
N ILE B 222 -19.43 23.43 -19.75
CA ILE B 222 -18.37 22.57 -19.29
C ILE B 222 -18.23 21.35 -20.18
N LYS B 223 -17.01 21.03 -20.59
CA LYS B 223 -16.75 19.76 -21.30
C LYS B 223 -15.58 19.01 -20.65
N ILE B 224 -15.68 17.69 -20.58
CA ILE B 224 -14.68 16.88 -19.91
C ILE B 224 -14.23 15.78 -20.84
N ARG B 225 -12.96 15.73 -21.19
CA ARG B 225 -12.44 14.65 -22.01
C ARG B 225 -12.05 13.53 -21.06
N ARG B 226 -12.29 12.26 -21.43
CA ARG B 226 -12.07 11.18 -20.47
C ARG B 226 -11.93 9.82 -21.10
N GLU B 227 -11.42 8.86 -20.34
CA GLU B 227 -11.32 7.49 -20.80
C GLU B 227 -12.67 6.82 -20.65
N SER B 228 -12.80 5.64 -21.25
CA SER B 228 -14.06 4.93 -21.25
C SER B 228 -14.36 4.30 -19.88
N ARG B 229 -13.32 4.07 -19.11
CA ARG B 229 -13.44 3.35 -17.87
C ARG B 229 -14.02 4.28 -16.79
N HIS B 230 -14.13 5.55 -17.13
CA HIS B 230 -14.66 6.57 -16.23
C HIS B 230 -16.01 7.13 -16.70
N ILE B 231 -16.71 7.78 -15.77
CA ILE B 231 -17.80 8.70 -16.11
C ILE B 231 -17.37 10.08 -15.64
N ALA B 232 -18.08 11.12 -16.04
CA ALA B 232 -17.80 12.45 -15.56
C ALA B 232 -19.09 13.19 -15.24
N LEU B 233 -19.26 13.60 -13.99
CA LEU B 233 -20.41 14.41 -13.57
C LEU B 233 -19.99 15.85 -13.47
N SER B 234 -20.95 16.75 -13.49
CA SER B 234 -20.69 18.16 -13.26
C SER B 234 -21.99 18.69 -12.71
N ASN B 235 -22.07 20.01 -12.53
CA ASN B 235 -23.27 20.64 -11.99
C ASN B 235 -24.53 20.18 -12.72
N MET B 236 -24.60 20.52 -14.00
CA MET B 236 -25.75 20.23 -14.86
C MET B 236 -25.62 18.85 -15.51
N PRO B 237 -26.69 18.33 -16.13
CA PRO B 237 -26.63 17.03 -16.80
C PRO B 237 -25.96 17.03 -18.17
N LYS B 238 -25.59 15.83 -18.60
CA LYS B 238 -24.87 15.60 -19.85
C LYS B 238 -25.76 15.61 -21.11
N VAL B 239 -25.45 16.54 -22.01
CA VAL B 239 -26.03 16.58 -23.34
C VAL B 239 -25.49 15.44 -24.21
N LYS B 240 -24.39 15.70 -24.92
CA LYS B 240 -23.79 14.71 -25.84
C LYS B 240 -22.47 14.06 -25.34
N THR B 241 -22.09 12.98 -26.03
CA THR B 241 -20.79 12.33 -25.86
C THR B 241 -20.13 12.03 -27.23
N ILE B 242 -19.22 12.91 -27.65
CA ILE B 242 -18.48 12.67 -28.88
C ILE B 242 -17.47 11.52 -28.64
N GLU B 243 -17.30 10.63 -29.61
CA GLU B 243 -16.32 9.54 -29.47
C GLU B 243 -15.07 9.89 -30.27
N LEU B 244 -13.94 10.00 -29.58
CA LEU B 244 -12.78 10.65 -30.19
C LEU B 244 -11.83 9.70 -30.90
N GLU B 245 -10.95 10.31 -31.70
N GLU B 245 -10.90 10.28 -31.66
CA GLU B 245 -9.94 9.63 -32.48
CA GLU B 245 -10.02 9.49 -32.51
C GLU B 245 -9.21 8.54 -31.71
C GLU B 245 -9.18 8.49 -31.72
N GLY B 246 -8.29 8.96 -30.85
CA GLY B 246 -7.42 8.07 -30.09
C GLY B 246 -8.08 6.98 -29.26
N GLY B 247 -9.39 7.11 -29.05
CA GLY B 247 -10.14 6.16 -28.25
C GLY B 247 -10.85 6.89 -27.12
N LEU B 248 -10.48 8.15 -26.90
CA LEU B 248 -11.06 8.88 -25.78
C LEU B 248 -12.51 9.29 -26.06
N LEU B 249 -13.19 9.77 -25.02
CA LEU B 249 -14.52 10.36 -25.13
C LEU B 249 -14.52 11.78 -24.61
N GLU B 250 -15.55 12.52 -24.94
CA GLU B 250 -15.69 13.85 -24.40
C GLU B 250 -17.17 14.15 -24.16
N ASP B 251 -17.45 14.68 -22.96
CA ASP B 251 -18.80 14.89 -22.41
C ASP B 251 -19.18 16.37 -22.39
N HIS B 252 -20.37 16.68 -22.86
CA HIS B 252 -20.85 18.05 -22.83
C HIS B 252 -21.91 18.16 -21.75
N PHE B 253 -22.03 19.34 -21.16
CA PHE B 253 -22.90 19.52 -20.02
C PHE B 253 -23.75 20.74 -20.27
N GLU B 254 -25.00 20.70 -19.84
CA GLU B 254 -25.89 21.84 -20.02
C GLU B 254 -25.24 23.07 -19.44
N THR B 255 -25.33 24.19 -20.14
CA THR B 255 -24.88 25.44 -19.56
C THR B 255 -25.57 25.60 -18.21
N THR B 256 -24.83 26.03 -17.20
CA THR B 256 -25.40 26.27 -15.89
C THR B 256 -26.27 27.51 -15.91
N VAL B 257 -27.07 27.71 -14.87
CA VAL B 257 -27.70 29.00 -14.62
C VAL B 257 -26.65 29.99 -14.09
N LYS B 258 -27.07 31.19 -13.72
CA LYS B 258 -26.16 32.11 -13.06
C LYS B 258 -25.78 31.52 -11.72
N MET B 259 -24.48 31.29 -11.49
CA MET B 259 -23.97 30.92 -10.16
C MET B 259 -22.56 31.43 -9.93
N SER B 260 -22.23 31.64 -8.66
CA SER B 260 -20.89 32.03 -8.20
C SER B 260 -19.83 30.99 -8.57
N THR B 261 -18.55 31.37 -8.58
CA THR B 261 -17.51 30.42 -8.97
C THR B 261 -17.26 29.29 -7.94
N TYR B 262 -17.58 29.50 -6.67
CA TYR B 262 -17.26 28.48 -5.69
C TYR B 262 -18.12 27.25 -5.78
N LEU B 263 -19.03 27.21 -6.76
CA LEU B 263 -20.02 26.14 -6.88
C LEU B 263 -19.77 25.23 -8.07
N VAL B 264 -18.90 25.69 -8.97
CA VAL B 264 -18.54 24.87 -10.11
C VAL B 264 -17.88 23.56 -9.67
N ALA B 265 -18.47 22.46 -10.08
CA ALA B 265 -17.96 21.15 -9.77
C ALA B 265 -17.83 20.29 -11.01
N TYR B 266 -16.79 19.46 -11.07
CA TYR B 266 -16.69 18.38 -12.04
C TYR B 266 -15.86 17.27 -11.48
N ILE B 267 -16.14 16.04 -11.89
CA ILE B 267 -15.55 14.86 -11.26
C ILE B 267 -15.31 13.81 -12.32
N VAL B 268 -14.19 13.10 -12.24
CA VAL B 268 -13.98 11.95 -13.10
C VAL B 268 -13.78 10.73 -12.21
N CYS B 269 -14.69 9.77 -12.29
CA CYS B 269 -14.67 8.58 -11.44
C CYS B 269 -15.25 7.36 -12.16
N ASP B 270 -15.28 6.23 -11.47
CA ASP B 270 -15.88 5.01 -12.02
C ASP B 270 -17.02 4.45 -11.15
N PHE B 271 -17.82 5.36 -10.56
CA PHE B 271 -18.85 5.00 -9.58
C PHE B 271 -20.11 4.42 -10.21
N HIS B 272 -20.84 3.58 -9.46
CA HIS B 272 -22.23 3.23 -9.79
C HIS B 272 -23.21 4.07 -8.96
N SER B 273 -24.51 3.92 -9.25
CA SER B 273 -25.52 4.79 -8.64
C SER B 273 -26.89 4.15 -8.45
N LEU B 274 -27.66 4.75 -7.54
CA LEU B 274 -29.09 4.50 -7.40
C LEU B 274 -29.81 5.80 -7.65
N SER B 275 -30.95 5.74 -8.34
CA SER B 275 -31.69 6.97 -8.61
C SER B 275 -33.20 6.81 -8.47
N GLY B 276 -33.84 7.97 -8.48
CA GLY B 276 -35.27 8.07 -8.46
C GLY B 276 -35.60 9.45 -8.94
N PHE B 277 -36.90 9.76 -8.95
CA PHE B 277 -37.40 11.07 -9.37
C PHE B 277 -38.22 11.63 -8.23
N THR B 278 -38.21 12.93 -8.05
CA THR B 278 -38.98 13.51 -6.96
C THR B 278 -40.44 13.62 -7.40
N SER B 279 -41.25 14.35 -6.66
CA SER B 279 -42.61 14.61 -7.11
C SER B 279 -42.51 15.43 -8.39
N SER B 280 -41.57 16.37 -8.39
CA SER B 280 -41.41 17.30 -9.49
C SER B 280 -40.50 16.80 -10.62
N GLY B 281 -40.26 15.48 -10.64
CA GLY B 281 -39.58 14.81 -11.75
C GLY B 281 -38.07 14.94 -11.92
N VAL B 282 -37.41 15.62 -10.97
CA VAL B 282 -35.96 15.78 -10.96
C VAL B 282 -35.31 14.43 -10.70
N LYS B 283 -34.26 14.12 -11.44
CA LYS B 283 -33.60 12.83 -11.25
C LYS B 283 -32.53 13.00 -10.15
N VAL B 284 -32.87 12.50 -8.99
CA VAL B 284 -31.99 12.48 -7.84
C VAL B 284 -31.26 11.17 -7.92
N SER B 285 -29.94 11.22 -7.95
CA SER B 285 -29.18 10.00 -8.01
C SER B 285 -28.11 10.06 -6.93
N ILE B 286 -27.82 8.91 -6.33
CA ILE B 286 -26.81 8.82 -5.31
C ILE B 286 -25.63 8.00 -5.85
N TYR B 287 -24.46 8.63 -5.90
CA TYR B 287 -23.25 8.02 -6.48
C TYR B 287 -22.28 7.57 -5.41
N ALA B 288 -21.79 6.34 -5.52
CA ALA B 288 -20.70 5.90 -4.65
C ALA B 288 -19.73 4.91 -5.32
N SER B 289 -18.63 4.65 -4.63
CA SER B 289 -17.72 3.60 -5.06
C SER B 289 -18.55 2.34 -5.28
N PRO B 290 -18.22 1.55 -6.30
CA PRO B 290 -19.20 0.61 -6.87
C PRO B 290 -19.65 -0.44 -5.87
N ASP B 291 -18.75 -0.84 -4.99
CA ASP B 291 -19.06 -1.83 -3.97
C ASP B 291 -19.86 -1.28 -2.78
N LYS B 292 -20.29 -0.02 -2.84
CA LYS B 292 -21.00 0.62 -1.73
C LYS B 292 -22.41 1.00 -2.11
N ARG B 293 -22.84 0.46 -3.25
CA ARG B 293 -24.13 0.77 -3.87
C ARG B 293 -25.26 0.39 -2.94
N ASN B 294 -25.10 -0.71 -2.20
CA ASN B 294 -26.09 -1.05 -1.17
C ASN B 294 -26.30 0.08 -0.14
N GLN B 295 -25.23 0.72 0.35
CA GLN B 295 -25.38 1.77 1.37
C GLN B 295 -25.94 3.09 0.84
N THR B 296 -26.33 3.15 -0.43
CA THR B 296 -26.92 4.38 -0.95
C THR B 296 -28.42 4.44 -0.82
N HIS B 297 -29.05 3.34 -0.38
CA HIS B 297 -30.53 3.24 -0.33
C HIS B 297 -31.22 4.35 0.43
N TYR B 298 -30.80 4.55 1.69
CA TYR B 298 -31.41 5.53 2.56
C TYR B 298 -31.30 6.97 2.05
N ALA B 299 -30.14 7.33 1.52
CA ALA B 299 -29.90 8.70 1.08
C ALA B 299 -30.93 9.11 0.02
N LEU B 300 -31.34 8.14 -0.78
CA LEU B 300 -32.31 8.37 -1.85
C LEU B 300 -33.68 8.66 -1.26
N GLN B 301 -34.15 7.78 -0.38
CA GLN B 301 -35.39 8.02 0.36
C GLN B 301 -35.35 9.41 1.00
N ALA B 302 -34.35 9.64 1.86
CA ALA B 302 -34.26 10.89 2.61
C ALA B 302 -34.20 12.14 1.71
N SER B 303 -33.37 12.13 0.67
CA SER B 303 -33.22 13.33 -0.15
C SER B 303 -34.41 13.56 -1.07
N LEU B 304 -34.97 12.49 -1.65
CA LEU B 304 -36.21 12.62 -2.40
C LEU B 304 -37.29 13.33 -1.54
N LYS B 305 -37.59 12.75 -0.38
CA LYS B 305 -38.49 13.35 0.59
C LYS B 305 -38.15 14.80 0.95
N LEU B 306 -36.89 15.04 1.30
CA LEU B 306 -36.47 16.32 1.84
C LEU B 306 -36.53 17.40 0.81
N LEU B 307 -36.24 17.00 -0.42
CA LEU B 307 -36.12 17.94 -1.53
C LEU B 307 -37.52 18.44 -1.81
N ASP B 308 -38.47 17.51 -1.79
CA ASP B 308 -39.89 17.83 -1.89
C ASP B 308 -40.24 18.91 -0.85
N PHE B 309 -39.96 18.66 0.42
CA PHE B 309 -40.30 19.63 1.47
C PHE B 309 -39.82 21.07 1.20
N TYR B 310 -38.64 21.25 0.61
CA TYR B 310 -38.17 22.62 0.40
C TYR B 310 -38.87 23.26 -0.78
N GLU B 311 -39.24 22.43 -1.76
CA GLU B 311 -39.91 22.90 -2.96
C GLU B 311 -41.26 23.55 -2.62
N LYS B 312 -42.05 22.88 -1.80
CA LYS B 312 -43.22 23.50 -1.21
C LYS B 312 -42.82 24.68 -0.31
N TYR B 313 -42.37 24.37 0.90
CA TYR B 313 -42.08 25.36 1.95
C TYR B 313 -41.42 26.63 1.48
N PHE B 314 -40.56 26.55 0.48
CA PHE B 314 -39.92 27.75 -0.04
C PHE B 314 -40.77 28.37 -1.15
N ASP B 315 -41.65 27.55 -1.73
CA ASP B 315 -42.47 27.92 -2.89
C ASP B 315 -41.59 28.29 -4.08
N ILE B 316 -40.43 27.64 -4.16
CA ILE B 316 -39.60 27.72 -5.35
C ILE B 316 -39.22 26.30 -5.74
N TYR B 317 -39.12 26.05 -7.03
CA TYR B 317 -38.69 24.75 -7.52
C TYR B 317 -37.16 24.66 -7.54
N TYR B 318 -36.66 23.44 -7.65
CA TYR B 318 -35.23 23.27 -7.85
C TYR B 318 -35.05 23.29 -9.37
N PRO B 319 -34.35 24.31 -9.89
CA PRO B 319 -34.33 24.63 -11.33
C PRO B 319 -33.59 23.66 -12.27
N LEU B 320 -33.13 22.49 -11.83
CA LEU B 320 -32.38 21.60 -12.73
C LEU B 320 -33.04 20.24 -12.98
N SER B 321 -32.80 19.69 -14.15
CA SER B 321 -33.30 18.35 -14.47
C SER B 321 -32.82 17.34 -13.42
N LYS B 322 -31.60 17.54 -12.90
CA LYS B 322 -30.98 16.59 -11.97
C LYS B 322 -30.37 17.26 -10.74
N LEU B 323 -30.27 16.45 -9.69
CA LEU B 323 -29.44 16.73 -8.51
C LEU B 323 -28.67 15.45 -8.17
N ASP B 324 -27.35 15.56 -8.08
CA ASP B 324 -26.53 14.41 -7.77
C ASP B 324 -25.82 14.55 -6.43
N LEU B 325 -25.85 13.49 -5.65
CA LEU B 325 -25.16 13.45 -4.37
C LEU B 325 -24.12 12.37 -4.47
N ILE B 326 -22.83 12.70 -4.28
CA ILE B 326 -21.77 11.69 -4.42
C ILE B 326 -20.87 11.55 -3.16
N ALA B 327 -20.74 10.33 -2.65
CA ALA B 327 -19.88 10.03 -1.50
C ALA B 327 -18.40 9.99 -1.90
N ILE B 328 -17.67 11.06 -1.63
CA ILE B 328 -16.27 11.19 -2.02
C ILE B 328 -15.35 10.69 -0.93
N PRO B 329 -14.48 9.72 -1.24
CA PRO B 329 -13.55 9.03 -0.31
C PRO B 329 -12.44 9.87 0.39
N ASP B 330 -12.12 11.04 -0.13
CA ASP B 330 -11.11 11.89 0.49
C ASP B 330 -11.66 13.31 0.40
N PHE B 331 -12.23 13.78 1.50
CA PHE B 331 -13.00 15.00 1.42
C PHE B 331 -12.86 15.84 2.70
N ALA B 332 -12.43 17.09 2.56
CA ALA B 332 -12.12 17.90 3.71
C ALA B 332 -13.37 18.14 4.54
N PRO B 333 -14.38 18.88 4.01
CA PRO B 333 -15.53 19.12 4.88
C PRO B 333 -16.40 17.90 4.98
N GLY B 334 -17.57 18.07 5.57
CA GLY B 334 -18.49 16.96 5.75
C GLY B 334 -19.38 16.87 4.54
N ALA B 335 -19.45 17.96 3.79
CA ALA B 335 -20.20 18.04 2.56
C ALA B 335 -20.01 19.41 1.96
N MET B 336 -20.22 19.51 0.64
CA MET B 336 -20.13 20.80 -0.04
C MET B 336 -21.31 20.94 -0.98
N GLU B 337 -21.87 22.14 -1.07
CA GLU B 337 -23.21 22.39 -1.60
C GLU B 337 -23.30 22.62 -3.12
N ASN B 338 -22.41 22.01 -3.89
CA ASN B 338 -22.33 22.32 -5.31
C ASN B 338 -23.65 22.08 -5.98
N TRP B 339 -24.12 23.09 -6.71
CA TRP B 339 -25.37 23.03 -7.46
C TRP B 339 -25.39 21.83 -8.37
N GLY B 340 -26.24 20.87 -8.07
CA GLY B 340 -26.43 19.72 -8.95
C GLY B 340 -25.59 18.54 -8.54
N LEU B 341 -24.46 18.83 -7.91
CA LEU B 341 -23.47 17.79 -7.63
C LEU B 341 -22.96 17.97 -6.21
N ILE B 342 -23.72 17.46 -5.25
CA ILE B 342 -23.37 17.66 -3.86
C ILE B 342 -22.40 16.59 -3.40
N THR B 343 -21.29 17.07 -2.84
CA THR B 343 -20.21 16.24 -2.33
C THR B 343 -20.35 15.93 -0.84
N TYR B 344 -20.01 14.71 -0.46
CA TYR B 344 -20.14 14.24 0.91
C TYR B 344 -18.98 13.36 1.38
N ARG B 345 -18.63 13.40 2.66
CA ARG B 345 -17.86 12.31 3.18
C ARG B 345 -18.76 11.12 3.13
N GLU B 346 -18.19 9.94 3.01
CA GLU B 346 -18.97 8.72 3.03
C GLU B 346 -19.79 8.56 4.31
N THR B 347 -19.36 9.23 5.38
CA THR B 347 -20.10 9.12 6.65
C THR B 347 -21.24 10.15 6.76
N SER B 348 -21.35 11.02 5.76
CA SER B 348 -22.36 12.06 5.71
C SER B 348 -23.50 11.71 4.74
N LEU B 349 -23.53 10.47 4.26
CA LEU B 349 -24.41 10.17 3.15
C LEU B 349 -24.75 8.70 3.04
N LEU B 350 -23.79 7.83 3.34
CA LEU B 350 -24.02 6.39 3.25
C LEU B 350 -24.48 5.79 4.59
N PHE B 351 -25.28 4.73 4.50
CA PHE B 351 -25.89 4.19 5.69
C PHE B 351 -26.07 2.69 5.57
N ASP B 352 -25.50 1.95 6.51
CA ASP B 352 -25.67 0.50 6.57
C ASP B 352 -26.24 0.08 7.92
N PRO B 353 -27.56 -0.24 7.97
CA PRO B 353 -28.31 -0.74 9.13
C PRO B 353 -27.59 -1.81 9.93
N LYS B 354 -26.71 -2.56 9.28
CA LYS B 354 -25.98 -3.61 9.98
C LYS B 354 -24.86 -3.03 10.84
N THR B 355 -24.47 -1.78 10.59
CA THR B 355 -23.33 -1.20 11.30
C THR B 355 -23.45 0.31 11.51
N SER B 356 -24.57 0.91 11.09
CA SER B 356 -24.73 2.35 11.24
C SER B 356 -25.82 2.64 12.27
N SER B 357 -25.51 3.49 13.24
CA SER B 357 -26.34 3.65 14.44
C SER B 357 -27.55 4.55 14.19
N ALA B 358 -28.40 4.67 15.20
CA ALA B 358 -29.57 5.54 15.16
C ALA B 358 -29.15 6.98 14.86
N SER B 359 -28.15 7.42 15.60
CA SER B 359 -27.61 8.77 15.51
C SER B 359 -26.90 9.02 14.18
N ASP B 360 -26.26 7.96 13.68
CA ASP B 360 -25.69 7.98 12.34
C ASP B 360 -26.79 8.34 11.37
N LYS B 361 -27.89 7.60 11.46
CA LYS B 361 -29.06 7.85 10.65
C LYS B 361 -29.52 9.28 10.83
N LEU B 362 -29.36 9.79 12.03
CA LEU B 362 -29.79 11.13 12.35
C LEU B 362 -28.85 12.16 11.74
N TRP B 363 -27.56 11.85 11.76
CA TRP B 363 -26.54 12.73 11.19
C TRP B 363 -26.56 12.71 9.64
N VAL B 364 -26.84 11.55 9.03
CA VAL B 364 -26.96 11.50 7.57
C VAL B 364 -28.15 12.32 7.12
N THR B 365 -29.24 12.21 7.88
CA THR B 365 -30.41 13.03 7.62
C THR B 365 -30.02 14.50 7.70
N ARG B 366 -29.48 14.90 8.85
CA ARG B 366 -29.07 16.29 9.08
C ARG B 366 -28.28 16.86 7.91
N VAL B 367 -27.24 16.16 7.48
CA VAL B 367 -26.30 16.78 6.54
C VAL B 367 -26.90 16.86 5.13
N ILE B 368 -27.68 15.85 4.74
CA ILE B 368 -28.44 15.96 3.51
C ILE B 368 -29.38 17.16 3.57
N ALA B 369 -30.16 17.23 4.64
CA ALA B 369 -31.10 18.34 4.78
C ALA B 369 -30.37 19.68 4.86
N HIS B 370 -29.19 19.71 5.47
CA HIS B 370 -28.38 20.94 5.49
C HIS B 370 -27.93 21.35 4.10
N GLU B 371 -27.62 20.38 3.25
CA GLU B 371 -27.04 20.66 1.95
C GLU B 371 -28.10 20.98 0.88
N LEU B 372 -29.24 20.30 0.93
CA LEU B 372 -30.25 20.59 -0.06
C LEU B 372 -30.80 21.99 0.22
N ALA B 373 -30.99 22.35 1.50
CA ALA B 373 -31.39 23.73 1.86
C ALA B 373 -30.45 24.81 1.29
N HIS B 374 -29.20 24.42 1.06
CA HIS B 374 -28.21 25.32 0.49
C HIS B 374 -28.52 25.62 -0.99
N GLN B 375 -29.29 24.72 -1.62
CA GLN B 375 -29.62 24.85 -3.03
C GLN B 375 -30.50 26.07 -3.24
N TRP B 376 -31.01 26.60 -2.15
CA TRP B 376 -31.75 27.85 -2.16
C TRP B 376 -30.98 28.90 -1.37
N PHE B 377 -30.62 28.55 -0.14
CA PHE B 377 -29.91 29.47 0.74
C PHE B 377 -28.41 29.35 0.57
N GLY B 378 -27.88 29.98 -0.47
CA GLY B 378 -26.49 29.82 -0.84
C GLY B 378 -26.27 29.75 -2.34
N ASN B 379 -26.75 28.69 -2.97
CA ASN B 379 -26.67 28.60 -4.43
C ASN B 379 -27.57 29.66 -5.07
N LEU B 380 -28.88 29.48 -4.90
CA LEU B 380 -29.89 30.39 -5.47
C LEU B 380 -29.77 31.82 -4.94
N VAL B 381 -29.74 31.99 -3.63
CA VAL B 381 -29.40 33.29 -3.09
C VAL B 381 -28.03 33.26 -2.44
N THR B 382 -27.08 33.81 -3.17
CA THR B 382 -25.70 33.84 -2.73
C THR B 382 -25.48 35.13 -1.95
N MET B 383 -24.67 35.07 -0.90
CA MET B 383 -24.29 36.27 -0.16
C MET B 383 -23.47 37.20 -1.06
N GLU B 384 -23.30 38.43 -0.63
CA GLU B 384 -22.57 39.41 -1.44
C GLU B 384 -21.05 39.34 -1.19
N TRP B 385 -20.65 38.82 -0.03
CA TRP B 385 -19.25 38.72 0.39
C TRP B 385 -19.12 37.94 1.73
N TRP B 386 -17.92 37.46 2.01
CA TRP B 386 -17.71 36.51 3.09
C TRP B 386 -17.93 37.08 4.49
N ASN B 387 -18.10 38.39 4.58
CA ASN B 387 -18.43 38.97 5.87
C ASN B 387 -19.79 38.46 6.37
N ASP B 388 -20.70 38.17 5.45
CA ASP B 388 -22.01 37.68 5.82
C ASP B 388 -22.26 36.24 5.35
N ILE B 389 -21.23 35.41 5.43
CA ILE B 389 -21.32 33.99 5.10
C ILE B 389 -22.44 33.35 5.92
N TRP B 390 -22.78 33.99 7.02
CA TRP B 390 -23.84 33.51 7.90
C TRP B 390 -25.21 33.45 7.17
N LEU B 391 -25.42 34.28 6.16
CA LEU B 391 -26.64 34.17 5.35
C LEU B 391 -26.88 32.76 4.86
N ASN B 392 -25.85 32.16 4.22
CA ASN B 392 -25.96 30.78 3.75
C ASN B 392 -25.86 29.77 4.88
N GLU B 393 -24.98 30.00 5.83
CA GLU B 393 -24.62 28.91 6.70
C GLU B 393 -25.45 28.95 7.97
N GLY B 394 -25.87 30.15 8.37
CA GLY B 394 -26.85 30.29 9.44
C GLY B 394 -28.17 29.71 9.01
N PHE B 395 -28.68 30.15 7.87
CA PHE B 395 -29.97 29.67 7.41
C PHE B 395 -29.97 28.17 7.15
N ALA B 396 -28.98 27.69 6.42
CA ALA B 396 -28.88 26.26 6.20
C ALA B 396 -28.81 25.50 7.52
N LYS B 397 -28.04 26.00 8.49
CA LYS B 397 -27.99 25.34 9.79
C LYS B 397 -29.39 25.38 10.41
N TYR B 398 -30.09 26.48 10.16
CA TYR B 398 -31.41 26.70 10.74
C TYR B 398 -32.44 25.77 10.09
N MET B 399 -32.43 25.72 8.76
CA MET B 399 -33.42 24.98 8.02
C MET B 399 -33.37 23.45 8.25
N GLU B 400 -32.30 22.95 8.83
CA GLU B 400 -32.20 21.52 9.06
C GLU B 400 -33.13 21.20 10.23
N LEU B 401 -33.27 22.17 11.12
CA LEU B 401 -34.29 22.09 12.16
C LEU B 401 -35.66 21.94 11.49
N ILE B 402 -36.05 22.98 10.76
CA ILE B 402 -37.34 23.03 10.11
C ILE B 402 -37.68 21.79 9.29
N ALA B 403 -36.82 21.48 8.32
CA ALA B 403 -37.12 20.43 7.36
C ALA B 403 -37.08 19.03 7.98
N VAL B 404 -36.08 18.76 8.80
CA VAL B 404 -35.98 17.42 9.39
C VAL B 404 -37.14 17.17 10.34
N ASN B 405 -37.48 18.19 11.12
CA ASN B 405 -38.65 18.15 11.99
C ASN B 405 -39.93 17.79 11.23
N ALA B 406 -40.15 18.47 10.11
CA ALA B 406 -41.24 18.15 9.18
C ALA B 406 -41.15 16.73 8.65
N THR B 407 -40.35 16.54 7.61
CA THR B 407 -40.21 15.23 6.95
C THR B 407 -39.88 14.02 7.83
N TYR B 408 -39.18 14.22 8.94
CA TYR B 408 -38.72 13.09 9.77
C TYR B 408 -38.90 13.30 11.29
N PRO B 409 -40.15 13.46 11.76
CA PRO B 409 -40.32 13.83 13.17
C PRO B 409 -40.03 12.67 14.15
N GLU B 410 -40.07 11.42 13.67
CA GLU B 410 -39.73 10.29 14.53
C GLU B 410 -38.22 10.21 14.81
N LEU B 411 -37.48 11.17 14.24
CA LEU B 411 -36.06 11.37 14.53
C LEU B 411 -35.90 12.36 15.67
N GLN B 412 -37.00 13.03 15.99
CA GLN B 412 -37.08 13.97 17.11
C GLN B 412 -35.90 14.91 17.16
N PHE B 413 -35.51 15.44 16.00
CA PHE B 413 -34.34 16.30 15.91
C PHE B 413 -34.56 17.60 16.70
N ASP B 414 -35.81 18.04 16.83
CA ASP B 414 -36.10 19.26 17.57
C ASP B 414 -35.63 19.16 19.02
N ASP B 415 -35.73 17.96 19.60
CA ASP B 415 -35.23 17.71 20.96
C ASP B 415 -33.72 17.55 21.01
N TYR B 416 -33.06 17.70 19.88
CA TYR B 416 -31.60 17.65 19.85
C TYR B 416 -31.09 19.09 19.74
N PHE B 417 -31.80 19.90 18.95
CA PHE B 417 -31.33 21.20 18.48
C PHE B 417 -30.94 22.21 19.57
N LEU B 418 -31.24 21.91 20.83
CA LEU B 418 -30.81 22.82 21.90
C LEU B 418 -29.28 22.76 22.06
N ASN B 419 -28.72 21.58 21.79
CA ASN B 419 -27.29 21.35 21.80
C ASN B 419 -26.59 22.29 20.83
N VAL B 420 -27.21 22.53 19.69
CA VAL B 420 -26.65 23.43 18.69
C VAL B 420 -26.42 24.80 19.29
N CYS B 421 -27.42 25.23 20.04
CA CYS B 421 -27.47 26.57 20.64
C CYS B 421 -26.54 26.65 21.84
N PHE B 422 -26.55 25.61 22.66
CA PHE B 422 -25.69 25.57 23.81
C PHE B 422 -24.21 25.49 23.43
N GLU B 423 -23.86 24.63 22.48
CA GLU B 423 -22.45 24.39 22.16
C GLU B 423 -21.71 25.67 21.75
N VAL B 424 -22.39 26.60 21.09
CA VAL B 424 -21.77 27.86 20.73
C VAL B 424 -21.68 28.82 21.92
N ILE B 425 -22.64 28.73 22.85
CA ILE B 425 -22.60 29.52 24.10
C ILE B 425 -21.30 29.27 24.84
N THR B 426 -20.84 28.03 24.86
CA THR B 426 -19.54 27.72 25.45
C THR B 426 -18.45 28.57 24.81
N LYS B 427 -18.56 28.83 23.51
CA LYS B 427 -17.65 29.71 22.80
C LYS B 427 -18.02 31.19 22.96
N ASP B 428 -19.30 31.51 22.80
CA ASP B 428 -19.72 32.92 22.77
C ASP B 428 -19.53 33.62 24.13
N SER B 429 -19.42 32.82 25.19
CA SER B 429 -19.18 33.34 26.52
C SER B 429 -17.68 33.43 26.81
N LEU B 430 -16.94 33.96 25.85
CA LEU B 430 -15.53 34.27 26.05
C LEU B 430 -15.26 35.62 25.41
N ASN B 431 -14.00 36.03 25.40
CA ASN B 431 -13.61 37.26 24.75
C ASN B 431 -12.85 36.96 23.46
N SER B 432 -12.64 35.67 23.21
CA SER B 432 -12.08 35.20 21.96
C SER B 432 -13.19 35.13 20.93
N SER B 433 -14.43 35.08 21.42
CA SER B 433 -15.58 35.01 20.53
C SER B 433 -15.70 36.27 19.65
N ARG B 434 -16.70 36.27 18.78
CA ARG B 434 -16.75 37.27 17.72
C ARG B 434 -18.19 37.49 17.24
N PRO B 435 -18.39 38.39 16.26
CA PRO B 435 -19.75 38.58 15.75
C PRO B 435 -20.05 37.90 14.40
N ILE B 436 -21.32 37.56 14.15
CA ILE B 436 -21.69 36.86 12.93
C ILE B 436 -21.48 37.69 11.68
N SER B 437 -21.11 38.97 11.85
CA SER B 437 -20.63 39.76 10.74
C SER B 437 -19.32 40.37 11.22
N LYS B 438 -18.48 40.74 10.26
CA LYS B 438 -17.05 41.03 10.49
C LYS B 438 -16.42 40.85 9.13
N PRO B 439 -15.81 41.92 8.58
CA PRO B 439 -15.18 41.68 7.27
C PRO B 439 -13.96 40.73 7.36
N ALA B 440 -13.76 40.00 6.26
CA ALA B 440 -12.68 39.04 6.14
C ALA B 440 -11.90 39.33 4.85
N GLU B 441 -10.58 39.23 4.92
CA GLU B 441 -9.73 39.74 3.83
C GLU B 441 -8.82 38.69 3.20
N THR B 442 -7.87 38.17 3.97
CA THR B 442 -6.97 37.16 3.44
C THR B 442 -7.74 35.83 3.33
N PRO B 443 -7.36 34.99 2.35
CA PRO B 443 -7.95 33.66 2.10
C PRO B 443 -8.05 32.77 3.34
N THR B 444 -7.28 33.13 4.36
CA THR B 444 -7.13 32.30 5.53
C THR B 444 -7.95 32.86 6.68
N GLN B 445 -8.36 34.12 6.57
CA GLN B 445 -9.31 34.67 7.54
C GLN B 445 -10.73 34.31 7.09
N ILE B 446 -10.97 34.40 5.80
CA ILE B 446 -12.17 33.87 5.20
C ILE B 446 -12.46 32.44 5.66
N GLN B 447 -11.46 31.59 5.71
CA GLN B 447 -11.73 30.21 6.09
C GLN B 447 -11.99 30.12 7.57
N GLU B 448 -11.41 31.04 8.33
CA GLU B 448 -11.70 31.11 9.76
C GLU B 448 -13.18 31.42 10.01
N MET B 449 -13.81 32.06 9.03
CA MET B 449 -15.20 32.50 9.15
C MET B 449 -16.19 31.35 9.27
N PHE B 450 -15.80 30.18 8.81
CA PHE B 450 -16.68 29.03 8.84
C PHE B 450 -16.58 28.39 10.22
N ASP B 451 -17.03 29.14 11.22
CA ASP B 451 -17.02 28.68 12.62
C ASP B 451 -18.42 28.47 13.20
N GLU B 452 -18.47 28.17 14.50
CA GLU B 452 -19.71 27.84 15.19
C GLU B 452 -20.50 29.12 15.44
N VAL B 453 -19.90 30.27 15.14
CA VAL B 453 -20.61 31.53 15.15
C VAL B 453 -21.50 31.66 13.92
N SER B 454 -20.91 31.50 12.75
CA SER B 454 -21.67 31.62 11.50
C SER B 454 -22.74 30.56 11.41
N TYR B 455 -22.48 29.42 12.01
CA TYR B 455 -23.33 28.26 11.80
C TYR B 455 -24.37 28.15 12.90
N ASN B 456 -23.89 28.03 14.14
CA ASN B 456 -24.77 27.83 15.29
C ASN B 456 -25.41 29.13 15.78
N LYS B 457 -24.60 30.16 16.05
CA LYS B 457 -25.17 31.42 16.51
C LYS B 457 -26.10 31.96 15.47
N GLY B 458 -25.62 31.97 14.22
CA GLY B 458 -26.43 32.37 13.08
C GLY B 458 -27.76 31.62 12.96
N ALA B 459 -27.82 30.40 13.47
CA ALA B 459 -29.04 29.61 13.37
C ALA B 459 -29.97 29.91 14.53
N CYS B 460 -29.41 30.01 15.73
CA CYS B 460 -30.20 30.17 16.94
C CYS B 460 -30.86 31.54 17.05
N ILE B 461 -30.20 32.56 16.51
CA ILE B 461 -30.77 33.89 16.50
C ILE B 461 -31.80 34.04 15.40
N LEU B 462 -31.77 33.18 14.39
CA LEU B 462 -32.93 33.13 13.50
C LEU B 462 -34.09 32.57 14.30
N ASN B 463 -33.89 31.37 14.86
CA ASN B 463 -34.87 30.70 15.72
C ASN B 463 -35.55 31.62 16.74
N MET B 464 -34.79 32.54 17.31
CA MET B 464 -35.36 33.57 18.15
C MET B 464 -36.41 34.37 17.38
N LEU B 465 -36.00 34.94 16.24
CA LEU B 465 -36.86 35.78 15.41
C LEU B 465 -38.06 35.05 14.82
N LYS B 466 -37.93 33.74 14.58
CA LYS B 466 -39.08 32.94 14.19
C LYS B 466 -40.02 32.89 15.37
N ASP B 467 -39.48 32.54 16.53
CA ASP B 467 -40.26 32.51 17.78
C ASP B 467 -40.97 33.83 18.03
N PHE B 468 -40.39 34.92 17.55
CA PHE B 468 -40.88 36.25 17.85
C PHE B 468 -41.89 36.73 16.83
N LEU B 469 -41.84 36.21 15.61
CA LEU B 469 -42.83 36.59 14.60
C LEU B 469 -43.65 35.40 14.13
N GLY B 470 -43.67 34.30 14.88
CA GLY B 470 -44.45 33.12 14.51
C GLY B 470 -44.06 32.44 13.21
N GLU B 471 -44.54 31.20 13.02
CA GLU B 471 -44.24 30.45 11.80
C GLU B 471 -44.72 31.16 10.54
N GLU B 472 -46.01 31.50 10.48
CA GLU B 472 -46.61 32.02 9.26
C GLU B 472 -45.99 33.33 8.76
N LYS B 473 -45.68 34.24 9.68
CA LYS B 473 -45.09 35.52 9.26
C LYS B 473 -43.67 35.26 8.73
N PHE B 474 -42.89 34.50 9.51
CA PHE B 474 -41.54 34.06 9.14
C PHE B 474 -41.47 33.44 7.75
N GLN B 475 -42.17 32.32 7.58
CA GLN B 475 -42.21 31.60 6.31
C GLN B 475 -42.44 32.50 5.10
N LYS B 476 -43.44 33.36 5.15
CA LYS B 476 -43.77 34.13 3.95
C LYS B 476 -42.78 35.30 3.79
N GLY B 477 -42.04 35.61 4.86
CA GLY B 477 -40.97 36.58 4.79
C GLY B 477 -39.76 35.99 4.08
N ILE B 478 -39.49 34.74 4.41
CA ILE B 478 -38.42 33.97 3.78
C ILE B 478 -38.66 33.85 2.29
N ILE B 479 -39.91 33.62 1.89
CA ILE B 479 -40.21 33.42 0.47
C ILE B 479 -40.09 34.71 -0.33
N GLN B 480 -40.62 35.82 0.19
CA GLN B 480 -40.49 37.10 -0.51
C GLN B 480 -39.09 37.69 -0.29
N TYR B 481 -38.10 36.80 -0.38
CA TYR B 481 -36.68 37.09 -0.23
C TYR B 481 -35.86 36.26 -1.22
N LEU B 482 -36.07 34.96 -1.19
CA LEU B 482 -35.52 34.04 -2.18
C LEU B 482 -35.85 34.51 -3.60
N LYS B 483 -37.14 34.69 -3.88
CA LYS B 483 -37.60 35.09 -5.21
C LYS B 483 -37.09 36.48 -5.59
N LYS B 484 -36.90 37.35 -4.60
CA LYS B 484 -36.48 38.71 -4.88
C LYS B 484 -35.02 38.71 -5.31
N PHE B 485 -34.32 37.66 -4.92
CA PHE B 485 -32.88 37.65 -5.06
C PHE B 485 -32.38 36.47 -5.88
N SER B 486 -33.30 35.67 -6.39
CA SER B 486 -32.95 34.46 -7.14
C SER B 486 -32.05 34.75 -8.33
N TYR B 487 -30.99 33.96 -8.47
CA TYR B 487 -29.99 34.07 -9.54
C TYR B 487 -29.19 35.38 -9.51
N ARG B 488 -29.04 35.92 -8.31
CA ARG B 488 -28.15 37.03 -8.04
C ARG B 488 -27.87 37.05 -6.52
N ASN B 489 -27.32 38.14 -5.99
CA ASN B 489 -26.74 38.13 -4.63
C ASN B 489 -27.36 39.15 -3.67
N ALA B 490 -27.27 38.87 -2.36
CA ALA B 490 -27.85 39.72 -1.32
C ALA B 490 -26.86 40.09 -0.21
N LYS B 491 -27.04 41.28 0.38
CA LYS B 491 -26.18 41.74 1.48
C LYS B 491 -26.80 41.35 2.82
N ASN B 492 -26.10 41.61 3.92
CA ASN B 492 -26.62 41.25 5.24
C ASN B 492 -27.93 41.94 5.59
N ASP B 493 -28.03 43.20 5.18
CA ASP B 493 -29.21 44.01 5.43
C ASP B 493 -30.40 43.44 4.68
N ASP B 494 -30.24 43.23 3.37
CA ASP B 494 -31.30 42.73 2.50
C ASP B 494 -32.19 41.65 3.11
N LEU B 495 -31.61 40.79 3.95
CA LEU B 495 -32.38 39.71 4.56
C LEU B 495 -33.47 40.24 5.48
N TRP B 496 -33.07 41.05 6.46
CA TRP B 496 -33.99 41.55 7.46
C TRP B 496 -35.19 42.29 6.88
N SER B 497 -34.93 43.16 5.90
CA SER B 497 -35.97 43.87 5.17
C SER B 497 -37.06 42.92 4.71
N SER B 498 -36.70 41.98 3.86
CA SER B 498 -37.64 40.98 3.37
C SER B 498 -38.28 40.15 4.50
N LEU B 499 -37.78 40.29 5.72
CA LEU B 499 -38.34 39.55 6.86
C LEU B 499 -39.15 40.44 7.79
N SER B 500 -39.30 41.71 7.41
CA SER B 500 -40.17 42.62 8.16
C SER B 500 -41.42 42.98 7.33
N ASN B 501 -41.28 42.94 6.00
CA ASN B 501 -42.41 43.12 5.09
C ASN B 501 -43.39 41.96 5.16
N SER B 502 -44.49 42.07 4.41
CA SER B 502 -45.53 41.04 4.34
C SER B 502 -46.28 40.90 5.67
N GLU B 533 -43.06 48.92 14.97
CA GLU B 533 -43.13 48.75 13.52
C GLU B 533 -41.74 48.82 12.89
N VAL B 534 -41.44 47.82 12.05
CA VAL B 534 -40.10 47.57 11.48
C VAL B 534 -38.94 47.83 12.44
N LYS B 535 -38.86 47.03 13.51
CA LYS B 535 -37.72 47.03 14.41
C LYS B 535 -36.60 46.18 13.83
N GLU B 536 -35.37 46.63 14.07
CA GLU B 536 -34.19 45.89 13.68
C GLU B 536 -33.27 45.91 14.89
N MET B 537 -33.69 45.11 15.86
CA MET B 537 -32.92 44.80 17.05
C MET B 537 -31.85 43.80 16.66
N MET B 538 -31.92 43.39 15.40
CA MET B 538 -30.97 42.48 14.80
C MET B 538 -29.63 43.18 14.57
N THR B 539 -29.71 44.43 14.12
CA THR B 539 -28.51 45.22 13.84
C THR B 539 -27.67 45.37 15.10
N THR B 540 -28.25 45.04 16.24
CA THR B 540 -27.50 44.98 17.47
C THR B 540 -26.99 43.56 17.66
N TRP B 541 -27.77 42.57 17.25
CA TRP B 541 -27.41 41.17 17.37
C TRP B 541 -26.34 40.74 16.36
N THR B 542 -26.00 41.65 15.44
CA THR B 542 -25.08 41.31 14.37
C THR B 542 -23.63 41.66 14.75
N LEU B 543 -23.29 42.95 14.93
CA LEU B 543 -21.90 43.32 15.27
C LEU B 543 -21.62 43.20 16.77
N GLN B 544 -22.52 42.59 17.50
CA GLN B 544 -22.27 42.37 18.92
C GLN B 544 -21.73 40.99 19.21
N LYS B 545 -20.51 40.96 19.75
CA LYS B 545 -19.94 39.74 20.27
C LYS B 545 -20.85 39.22 21.40
N GLY B 546 -20.77 37.93 21.67
CA GLY B 546 -21.33 37.37 22.88
C GLY B 546 -22.84 37.31 23.01
N ILE B 547 -23.26 36.88 24.20
CA ILE B 547 -24.67 36.68 24.55
C ILE B 547 -24.97 37.33 25.92
N PRO B 548 -26.21 37.80 26.13
CA PRO B 548 -26.55 38.42 27.41
C PRO B 548 -26.97 37.43 28.48
N LEU B 549 -26.60 37.74 29.73
CA LEU B 549 -27.13 37.10 30.93
C LEU B 549 -28.23 37.97 31.55
N LEU B 550 -29.34 37.33 31.90
CA LEU B 550 -30.44 38.00 32.57
C LEU B 550 -30.54 37.49 34.01
N VAL B 551 -30.41 38.38 34.99
CA VAL B 551 -30.57 37.99 36.39
C VAL B 551 -31.93 38.48 36.91
N VAL B 552 -32.62 37.63 37.68
CA VAL B 552 -33.93 37.98 38.24
C VAL B 552 -33.92 37.87 39.77
N LYS B 553 -34.50 38.86 40.45
CA LYS B 553 -34.62 38.83 41.90
C LYS B 553 -36.07 39.14 42.34
N GLN B 554 -36.77 38.12 42.84
CA GLN B 554 -38.19 38.26 43.20
C GLN B 554 -38.35 39.02 44.51
N ASP B 555 -39.45 39.77 44.63
CA ASP B 555 -39.82 40.46 45.86
C ASP B 555 -41.35 40.57 46.00
N GLY B 556 -42.07 39.79 45.21
CA GLY B 556 -43.54 39.78 45.24
C GLY B 556 -44.16 40.62 44.14
N CYS B 557 -44.64 39.97 43.09
CA CYS B 557 -45.26 40.64 41.94
C CYS B 557 -44.42 41.76 41.33
N SER B 558 -43.10 41.70 41.54
CA SER B 558 -42.16 42.67 40.99
C SER B 558 -40.79 42.03 40.75
N LEU B 559 -40.39 41.96 39.48
CA LEU B 559 -39.09 41.38 39.13
C LEU B 559 -38.09 42.46 38.72
N ARG B 560 -36.91 42.42 39.31
CA ARG B 560 -35.85 43.41 39.04
C ARG B 560 -34.67 42.79 38.26
N LEU B 561 -34.67 42.97 36.94
CA LEU B 561 -33.75 42.24 36.06
C LEU B 561 -32.70 43.11 35.34
N GLN B 562 -31.59 42.47 34.92
CA GLN B 562 -30.50 43.15 34.22
C GLN B 562 -30.01 42.40 32.97
N GLN B 563 -29.24 43.09 32.11
CA GLN B 563 -28.66 42.49 30.91
C GLN B 563 -27.12 42.57 30.85
N GLU B 564 -26.47 41.97 31.85
CA GLU B 564 -25.01 41.84 31.82
C GLU B 564 -24.61 40.98 30.63
N ARG B 565 -23.42 41.22 30.08
CA ARG B 565 -22.86 40.30 29.08
C ARG B 565 -22.30 39.09 29.81
N PHE B 566 -22.86 37.91 29.53
CA PHE B 566 -22.42 36.69 30.22
C PHE B 566 -20.97 36.40 29.92
N LEU B 567 -20.23 36.06 30.95
CA LEU B 567 -18.87 35.63 30.77
C LEU B 567 -18.57 34.42 31.65
N GLN B 568 -18.17 33.33 31.02
CA GLN B 568 -17.60 32.21 31.74
C GLN B 568 -16.18 32.61 32.17
N GLY B 569 -15.74 32.11 33.32
CA GLY B 569 -14.37 32.34 33.77
C GLY B 569 -14.16 33.49 34.76
N VAL B 570 -14.56 34.70 34.37
CA VAL B 570 -14.31 35.90 35.17
C VAL B 570 -15.50 36.30 36.08
N PHE B 571 -15.16 36.60 37.34
CA PHE B 571 -16.13 36.92 38.39
C PHE B 571 -16.69 38.34 38.30
N GLN B 572 -17.76 38.61 39.06
CA GLN B 572 -18.31 39.95 39.19
C GLN B 572 -17.41 40.79 40.10
N GLU B 573 -16.69 40.12 40.99
CA GLU B 573 -15.81 40.75 41.97
C GLU B 573 -14.41 40.98 41.41
N ASP B 574 -14.28 40.95 40.09
CA ASP B 574 -12.99 41.03 39.41
C ASP B 574 -12.77 42.42 38.81
N PRO B 575 -11.49 42.85 38.72
CA PRO B 575 -11.19 44.17 38.15
C PRO B 575 -11.52 44.21 36.67
N GLU B 576 -11.11 43.16 35.96
CA GLU B 576 -11.34 43.06 34.52
C GLU B 576 -12.80 42.80 34.19
N TRP B 577 -13.62 42.62 35.23
CA TRP B 577 -15.05 42.39 35.03
C TRP B 577 -15.76 43.65 34.50
N ARG B 578 -15.45 44.80 35.08
CA ARG B 578 -16.11 46.04 34.67
C ARG B 578 -15.61 46.51 33.31
N ALA B 579 -14.32 46.32 33.07
CA ALA B 579 -13.67 46.84 31.85
C ALA B 579 -14.14 46.13 30.58
N LEU B 580 -14.78 44.97 30.75
CA LEU B 580 -15.30 44.19 29.62
C LEU B 580 -16.66 44.69 29.13
N GLN B 581 -17.57 44.95 30.08
CA GLN B 581 -18.96 45.28 29.74
C GLN B 581 -19.16 46.65 29.09
N GLU B 582 -18.06 47.34 28.81
CA GLU B 582 -18.07 48.75 28.46
C GLU B 582 -19.06 49.20 27.38
N ARG B 583 -19.53 48.29 26.52
CA ARG B 583 -20.40 48.71 25.42
C ARG B 583 -21.37 47.63 24.91
N TYR B 584 -21.94 46.85 25.84
CA TYR B 584 -22.82 45.75 25.46
C TYR B 584 -24.31 46.01 25.75
N LEU B 585 -25.12 45.87 24.72
CA LEU B 585 -26.54 46.21 24.78
C LEU B 585 -27.41 45.28 23.93
N TRP B 586 -28.26 44.51 24.59
CA TRP B 586 -29.07 43.50 23.91
C TRP B 586 -30.55 43.79 23.93
N HIS B 587 -31.22 43.51 22.82
CA HIS B 587 -32.66 43.69 22.76
C HIS B 587 -33.38 42.37 22.93
N ILE B 588 -32.89 41.59 23.88
CA ILE B 588 -33.48 40.33 24.29
C ILE B 588 -35.00 40.32 24.29
N PRO B 589 -35.63 39.72 23.28
CA PRO B 589 -37.08 39.57 23.40
C PRO B 589 -37.38 38.47 24.41
N LEU B 590 -38.14 38.79 25.44
CA LEU B 590 -38.24 37.87 26.58
C LEU B 590 -39.52 37.06 26.60
N THR B 591 -39.49 36.00 27.41
CA THR B 591 -40.62 35.13 27.65
C THR B 591 -40.56 34.66 29.11
N TYR B 592 -41.57 34.98 29.91
CA TYR B 592 -41.59 34.48 31.28
C TYR B 592 -42.85 33.68 31.58
N SER B 593 -42.84 33.01 32.73
CA SER B 593 -43.93 32.12 33.07
C SER B 593 -44.24 32.12 34.56
N THR B 594 -45.46 32.52 34.88
CA THR B 594 -46.01 32.37 36.22
C THR B 594 -46.06 30.88 36.54
N SER B 595 -45.97 30.54 37.83
CA SER B 595 -45.99 29.15 38.26
C SER B 595 -47.28 28.42 37.88
N SER B 596 -48.28 29.17 37.43
CA SER B 596 -49.58 28.59 37.05
C SER B 596 -50.13 29.11 35.72
N SER B 597 -49.39 29.99 35.05
CA SER B 597 -49.84 30.55 33.78
C SER B 597 -49.08 29.97 32.58
N ASN B 598 -49.79 29.19 31.76
CA ASN B 598 -49.25 28.68 30.50
C ASN B 598 -49.22 29.77 29.44
N VAL B 599 -49.65 30.96 29.81
CA VAL B 599 -49.54 32.10 28.92
C VAL B 599 -48.09 32.58 28.93
N ILE B 600 -47.63 33.07 27.79
CA ILE B 600 -46.31 33.65 27.72
C ILE B 600 -46.40 35.13 27.42
N HIS B 601 -45.78 35.93 28.28
CA HIS B 601 -45.86 37.38 28.12
C HIS B 601 -44.58 37.90 27.50
N ARG B 602 -44.67 38.37 26.27
CA ARG B 602 -43.51 38.91 25.54
C ARG B 602 -43.07 40.25 26.11
N HIS B 603 -42.23 40.96 25.33
CA HIS B 603 -41.60 42.23 25.71
C HIS B 603 -40.40 42.47 24.81
N ILE B 604 -39.64 43.51 25.11
CA ILE B 604 -38.35 43.83 24.52
C ILE B 604 -37.59 44.43 25.70
N LEU B 605 -36.28 44.65 25.58
CA LEU B 605 -35.58 45.30 26.68
C LEU B 605 -35.10 46.71 26.31
N LYS B 606 -34.42 46.85 25.17
CA LYS B 606 -33.94 48.15 24.66
C LYS B 606 -33.14 49.02 25.64
N SER B 607 -33.00 48.55 26.88
CA SER B 607 -32.53 49.39 28.00
C SER B 607 -31.22 48.92 28.62
N LYS B 608 -31.33 48.39 29.84
CA LYS B 608 -30.19 47.83 30.58
C LYS B 608 -30.77 47.23 31.84
N THR B 609 -31.71 47.97 32.43
CA THR B 609 -32.48 47.47 33.54
C THR B 609 -33.88 48.07 33.45
N ASP B 610 -34.88 47.21 33.58
CA ASP B 610 -36.26 47.61 33.48
C ASP B 610 -37.04 46.65 34.37
N THR B 611 -38.26 47.04 34.76
CA THR B 611 -39.09 46.17 35.57
C THR B 611 -40.55 46.26 35.12
N LEU B 612 -41.23 45.12 35.11
CA LEU B 612 -42.68 45.09 34.90
C LEU B 612 -43.31 44.25 36.02
N ASP B 613 -44.64 44.19 36.06
CA ASP B 613 -45.34 43.61 37.22
C ASP B 613 -46.13 42.34 36.92
N LEU B 614 -45.75 41.26 37.61
CA LEU B 614 -46.46 39.99 37.53
C LEU B 614 -47.83 40.11 38.21
N PRO B 615 -48.92 39.80 37.47
CA PRO B 615 -50.25 39.92 38.06
C PRO B 615 -50.69 38.70 38.86
N GLU B 616 -49.87 38.20 39.78
CA GLU B 616 -50.25 37.01 40.55
C GLU B 616 -49.41 36.76 41.82
N LYS B 617 -48.10 36.71 41.67
CA LYS B 617 -47.17 36.24 42.72
C LYS B 617 -47.38 34.75 43.03
N THR B 618 -46.37 33.94 42.71
CA THR B 618 -46.43 32.49 42.96
C THR B 618 -45.09 31.87 43.34
N SER B 619 -45.06 30.55 43.34
CA SER B 619 -43.91 29.78 43.79
C SER B 619 -42.65 30.06 42.97
N TRP B 620 -42.78 30.12 41.64
CA TRP B 620 -41.64 30.40 40.77
C TRP B 620 -42.03 31.12 39.47
N VAL B 621 -41.13 31.97 38.98
CA VAL B 621 -41.24 32.54 37.65
C VAL B 621 -40.19 31.88 36.76
N LYS B 622 -40.60 31.47 35.56
CA LYS B 622 -39.68 30.78 34.63
C LYS B 622 -39.36 31.61 33.38
N PHE B 623 -38.15 32.18 33.35
CA PHE B 623 -37.68 32.91 32.17
C PHE B 623 -36.95 31.99 31.19
N ASN B 624 -36.78 32.50 29.97
CA ASN B 624 -36.47 31.74 28.75
C ASN B 624 -37.69 30.98 28.26
N VAL B 625 -38.06 29.92 28.96
CA VAL B 625 -39.14 29.00 28.59
C VAL B 625 -38.87 28.34 27.22
N ASP B 626 -38.85 27.02 27.22
CA ASP B 626 -38.46 26.20 26.06
C ASP B 626 -37.08 26.53 25.52
N SER B 627 -36.51 27.65 25.98
CA SER B 627 -35.14 28.08 25.70
C SER B 627 -34.95 28.53 24.26
N ASN B 628 -35.98 29.13 23.67
CA ASN B 628 -35.91 29.63 22.30
C ASN B 628 -35.34 31.04 22.16
N GLY B 629 -34.46 31.43 23.08
CA GLY B 629 -33.92 32.78 23.04
C GLY B 629 -32.47 32.80 23.46
N TYR B 630 -31.68 33.64 22.80
CA TYR B 630 -30.24 33.59 23.01
C TYR B 630 -29.84 34.41 24.23
N TYR B 631 -29.93 33.78 25.40
CA TYR B 631 -29.54 34.41 26.66
C TYR B 631 -29.52 33.40 27.82
N ILE B 632 -28.90 33.80 28.92
CA ILE B 632 -28.87 33.00 30.15
C ILE B 632 -29.80 33.62 31.21
N VAL B 633 -30.35 32.80 32.11
CA VAL B 633 -31.18 33.34 33.20
C VAL B 633 -30.73 32.93 34.60
N HIS B 634 -30.51 33.93 35.45
CA HIS B 634 -30.15 33.75 36.86
C HIS B 634 -31.29 34.17 37.80
N TYR B 635 -31.48 33.41 38.88
CA TYR B 635 -32.55 33.69 39.84
C TYR B 635 -32.02 33.89 41.27
N GLU B 636 -31.92 35.15 41.68
CA GLU B 636 -31.24 35.53 42.93
C GLU B 636 -32.14 35.42 44.16
N GLY B 637 -31.50 35.36 45.33
CA GLY B 637 -32.19 35.19 46.59
C GLY B 637 -32.66 33.77 46.78
N HIS B 638 -33.97 33.59 46.79
CA HIS B 638 -34.58 32.26 46.81
C HIS B 638 -35.00 31.87 45.38
N GLY B 639 -34.28 32.40 44.40
CA GLY B 639 -34.67 32.23 43.01
C GLY B 639 -34.58 30.81 42.48
N TRP B 640 -33.38 30.24 42.48
CA TRP B 640 -33.18 28.87 42.01
C TRP B 640 -33.81 27.87 42.98
N ASP B 641 -33.61 28.13 44.28
CA ASP B 641 -34.04 27.23 45.36
C ASP B 641 -35.50 26.80 45.22
N GLN B 642 -36.38 27.75 44.94
CA GLN B 642 -37.79 27.44 44.73
C GLN B 642 -37.89 26.47 43.57
N LEU B 643 -37.46 26.93 42.39
CA LEU B 643 -37.45 26.15 41.16
C LEU B 643 -36.72 24.81 41.32
N ILE B 644 -35.58 24.84 42.02
CA ILE B 644 -34.82 23.62 42.28
C ILE B 644 -35.63 22.64 43.12
N THR B 645 -36.25 23.12 44.18
CA THR B 645 -37.10 22.27 45.00
C THR B 645 -38.35 21.88 44.20
N GLN B 646 -38.87 22.83 43.40
CA GLN B 646 -39.95 22.55 42.45
C GLN B 646 -39.58 21.41 41.50
N LEU B 647 -38.31 21.37 41.13
CA LEU B 647 -37.77 20.35 40.27
C LEU B 647 -37.59 19.04 41.04
N ASN B 648 -37.66 19.12 42.37
CA ASN B 648 -37.61 17.90 43.18
C ASN B 648 -39.00 17.33 43.49
N GLN B 649 -40.05 18.15 43.32
CA GLN B 649 -41.43 17.68 43.52
C GLN B 649 -42.13 17.41 42.19
N ASN B 650 -43.43 17.65 42.10
CA ASN B 650 -44.20 17.39 40.89
C ASN B 650 -43.68 18.26 39.75
N HIS B 651 -42.64 17.79 39.06
CA HIS B 651 -41.87 18.67 38.16
C HIS B 651 -42.39 18.76 36.73
N THR B 652 -43.38 17.96 36.36
CA THR B 652 -43.92 18.02 35.00
C THR B 652 -44.67 19.35 34.78
N LEU B 653 -44.81 20.13 35.85
CA LEU B 653 -45.29 21.50 35.74
C LEU B 653 -44.16 22.33 35.14
N LEU B 654 -42.92 22.04 35.55
CA LEU B 654 -41.74 22.50 34.81
C LEU B 654 -41.74 21.85 33.43
N ARG B 655 -42.14 22.59 32.40
CA ARG B 655 -42.29 21.98 31.08
C ARG B 655 -40.98 21.40 30.51
N PRO B 656 -40.99 20.11 30.15
CA PRO B 656 -39.88 19.27 29.68
C PRO B 656 -38.69 19.99 29.05
N LYS B 657 -38.94 20.93 28.14
CA LYS B 657 -37.86 21.66 27.49
C LYS B 657 -37.20 22.70 28.43
N ASP B 658 -37.99 23.19 29.38
CA ASP B 658 -37.50 24.21 30.32
C ASP B 658 -36.50 23.61 31.29
N ARG B 659 -36.80 22.40 31.75
CA ARG B 659 -35.89 21.66 32.61
C ARG B 659 -34.51 21.63 32.00
N VAL B 660 -34.46 21.26 30.71
CA VAL B 660 -33.19 21.21 29.99
C VAL B 660 -32.50 22.57 30.00
N GLY B 661 -33.26 23.62 29.66
CA GLY B 661 -32.73 24.97 29.72
C GLY B 661 -32.16 25.28 31.09
N LEU B 662 -32.87 24.84 32.14
CA LEU B 662 -32.46 25.12 33.50
C LEU B 662 -31.24 24.30 33.87
N ILE B 663 -31.31 22.99 33.62
CA ILE B 663 -30.17 22.10 33.89
C ILE B 663 -28.92 22.69 33.28
N HIS B 664 -29.08 23.25 32.07
CA HIS B 664 -28.00 23.96 31.39
C HIS B 664 -27.64 25.24 32.11
N ASP B 665 -28.63 26.11 32.32
CA ASP B 665 -28.35 27.44 32.84
C ASP B 665 -27.75 27.40 34.25
N VAL B 666 -28.15 26.43 35.07
CA VAL B 666 -27.56 26.34 36.40
C VAL B 666 -26.03 26.20 36.36
N PHE B 667 -25.53 25.08 35.81
CA PHE B 667 -24.09 24.78 35.77
C PHE B 667 -23.27 25.85 35.08
N GLN B 668 -23.94 26.59 34.20
CA GLN B 668 -23.32 27.70 33.48
C GLN B 668 -22.99 28.79 34.47
N LEU B 669 -23.95 29.06 35.34
CA LEU B 669 -23.82 30.10 36.34
C LEU B 669 -22.73 29.83 37.35
N VAL B 670 -22.46 28.56 37.64
CA VAL B 670 -21.34 28.21 38.50
C VAL B 670 -20.05 28.80 37.91
N GLY B 671 -20.02 28.94 36.59
CA GLY B 671 -18.92 29.59 35.90
C GLY B 671 -18.79 31.04 36.28
N ALA B 672 -19.82 31.84 35.97
CA ALA B 672 -19.82 33.28 36.24
C ALA B 672 -19.63 33.64 37.73
N GLY B 673 -19.55 32.61 38.57
CA GLY B 673 -19.33 32.79 40.00
C GLY B 673 -20.62 32.89 40.80
N ARG B 674 -21.72 33.15 40.11
CA ARG B 674 -23.01 33.40 40.74
C ARG B 674 -23.56 32.23 41.54
N LEU B 675 -23.03 31.02 41.32
CA LEU B 675 -23.47 29.88 42.11
C LEU B 675 -22.35 28.94 42.50
N THR B 676 -22.64 28.12 43.49
CA THR B 676 -21.71 27.12 43.95
C THR B 676 -22.17 25.77 43.43
N LEU B 677 -21.20 24.92 43.16
CA LEU B 677 -21.42 23.59 42.62
C LEU B 677 -22.55 22.81 43.31
N ASP B 678 -22.54 22.84 44.63
CA ASP B 678 -23.46 22.06 45.46
C ASP B 678 -24.93 22.44 45.26
N LYS B 679 -25.19 23.70 44.97
CA LYS B 679 -26.54 24.10 44.65
C LYS B 679 -26.97 23.37 43.38
N ALA B 680 -26.11 23.46 42.36
CA ALA B 680 -26.32 22.77 41.10
C ALA B 680 -26.45 21.26 41.27
N LEU B 681 -25.37 20.61 41.70
CA LEU B 681 -25.32 19.16 41.88
C LEU B 681 -26.55 18.58 42.57
N ASP B 682 -27.13 19.37 43.47
CA ASP B 682 -28.26 18.93 44.27
C ASP B 682 -29.49 18.81 43.40
N MET B 683 -29.68 19.75 42.48
CA MET B 683 -30.80 19.67 41.56
C MET B 683 -30.78 18.36 40.77
N THR B 684 -29.57 17.90 40.46
CA THR B 684 -29.35 16.65 39.75
C THR B 684 -29.70 15.43 40.59
N TYR B 685 -30.40 15.62 41.71
CA TYR B 685 -30.96 14.50 42.44
C TYR B 685 -32.19 14.04 41.68
N TYR B 686 -32.92 15.01 41.14
CA TYR B 686 -34.23 14.76 40.52
C TYR B 686 -34.19 13.77 39.36
N LEU B 687 -33.00 13.57 38.79
CA LEU B 687 -32.82 12.65 37.68
C LEU B 687 -33.19 11.21 38.03
N GLN B 688 -33.43 10.96 39.31
CA GLN B 688 -33.94 9.67 39.75
C GLN B 688 -35.31 9.45 39.12
N HIS B 689 -36.03 10.55 38.95
CA HIS B 689 -37.43 10.55 38.51
C HIS B 689 -37.55 10.84 37.02
N GLU B 690 -36.47 11.38 36.45
CA GLU B 690 -36.49 11.96 35.11
C GLU B 690 -36.59 10.94 33.95
N THR B 691 -37.61 11.11 33.09
CA THR B 691 -37.82 10.19 31.98
C THR B 691 -37.82 10.84 30.59
N SER B 692 -37.82 12.17 30.54
CA SER B 692 -37.48 12.88 29.30
C SER B 692 -35.98 12.77 29.03
N SER B 693 -35.62 11.88 28.11
CA SER B 693 -34.22 11.53 27.82
C SER B 693 -33.27 12.73 27.60
N PRO B 694 -33.67 13.77 26.82
CA PRO B 694 -32.85 14.98 26.74
C PRO B 694 -32.41 15.47 28.10
N ALA B 695 -33.38 15.85 28.93
CA ALA B 695 -33.16 16.29 30.30
C ALA B 695 -32.24 15.37 31.10
N LEU B 696 -32.47 14.06 30.99
CA LEU B 696 -31.61 13.10 31.67
C LEU B 696 -30.15 13.22 31.19
N LEU B 697 -29.95 13.07 29.87
CA LEU B 697 -28.60 13.13 29.23
C LEU B 697 -27.84 14.41 29.46
N GLU B 698 -28.55 15.53 29.30
CA GLU B 698 -28.02 16.86 29.57
C GLU B 698 -27.38 16.90 30.94
N GLY B 699 -28.10 16.38 31.93
CA GLY B 699 -27.62 16.38 33.28
C GLY B 699 -26.45 15.42 33.46
N LEU B 700 -26.63 14.20 32.99
CA LEU B 700 -25.58 13.18 33.11
C LEU B 700 -24.27 13.63 32.46
N SER B 701 -24.37 14.36 31.35
CA SER B 701 -23.20 14.80 30.61
C SER B 701 -22.17 15.55 31.47
N TYR B 702 -22.66 16.40 32.39
CA TYR B 702 -21.78 17.16 33.27
C TYR B 702 -21.06 16.25 34.27
N LEU B 703 -21.82 15.32 34.84
CA LEU B 703 -21.28 14.41 35.83
C LEU B 703 -20.17 13.59 35.22
N GLU B 704 -20.31 13.30 33.93
CA GLU B 704 -19.27 12.61 33.18
C GLU B 704 -18.16 13.57 32.77
N SER B 705 -18.49 14.84 32.50
CA SER B 705 -17.48 15.85 32.16
C SER B 705 -16.55 16.17 33.34
N PHE B 706 -16.95 15.68 34.52
CA PHE B 706 -16.19 15.83 35.75
C PHE B 706 -15.27 14.62 35.97
N TYR B 707 -15.85 13.43 35.91
CA TYR B 707 -15.09 12.18 36.05
C TYR B 707 -13.91 12.16 35.10
N HIS B 708 -14.10 12.80 33.94
CA HIS B 708 -13.10 12.80 32.87
C HIS B 708 -12.09 13.95 33.05
N MET B 709 -12.52 15.04 33.70
CA MET B 709 -11.58 16.09 34.10
C MET B 709 -10.80 15.63 35.34
N MET B 710 -11.43 14.77 36.13
CA MET B 710 -10.80 14.18 37.31
C MET B 710 -9.80 13.11 36.93
N ASP B 711 -10.22 12.16 36.08
CA ASP B 711 -9.40 11.00 35.70
C ASP B 711 -8.22 11.42 34.82
N ARG B 712 -8.40 12.53 34.09
CA ARG B 712 -7.33 13.14 33.29
C ARG B 712 -6.21 13.67 34.17
N ARG B 713 -6.59 14.31 35.27
CA ARG B 713 -5.67 14.49 36.40
C ARG B 713 -5.63 13.15 37.15
N ASN B 714 -4.80 13.00 38.17
CA ASN B 714 -4.81 11.71 38.85
C ASN B 714 -5.65 11.74 40.15
N ILE B 715 -6.38 12.84 40.35
CA ILE B 715 -7.32 13.00 41.47
C ILE B 715 -8.28 11.82 41.66
N SER B 716 -7.75 10.72 42.18
CA SER B 716 -8.46 9.44 42.25
C SER B 716 -9.61 9.45 43.26
N ASP B 717 -9.45 10.23 44.32
CA ASP B 717 -10.44 10.32 45.38
C ASP B 717 -11.81 10.75 44.85
N ILE B 718 -11.84 11.90 44.18
CA ILE B 718 -13.05 12.41 43.58
C ILE B 718 -13.48 11.52 42.41
N SER B 719 -12.48 10.99 41.71
CA SER B 719 -12.66 9.96 40.67
C SER B 719 -13.36 8.72 41.22
N GLU B 720 -12.67 7.98 42.09
CA GLU B 720 -13.21 6.73 42.64
C GLU B 720 -14.61 6.86 43.27
N ASN B 721 -14.98 8.06 43.76
CA ASN B 721 -16.30 8.26 44.37
C ASN B 721 -17.33 8.78 43.37
N LEU B 722 -16.90 9.55 42.38
CA LEU B 722 -17.81 9.91 41.28
C LEU B 722 -18.28 8.66 40.54
N LYS B 723 -17.35 7.73 40.31
CA LYS B 723 -17.68 6.40 39.77
C LYS B 723 -18.70 5.68 40.65
N ARG B 724 -18.40 5.59 41.94
CA ARG B 724 -19.23 4.86 42.90
C ARG B 724 -20.65 5.42 42.95
N TYR B 725 -20.73 6.75 42.96
CA TYR B 725 -22.01 7.44 43.05
C TYR B 725 -22.89 7.16 41.83
N LEU B 726 -22.25 7.08 40.66
CA LEU B 726 -22.95 6.97 39.39
C LEU B 726 -23.33 5.56 38.95
N LEU B 727 -22.89 4.52 39.67
CA LEU B 727 -23.31 3.16 39.34
C LEU B 727 -24.36 2.63 40.32
N GLN B 728 -24.47 3.28 41.49
CA GLN B 728 -25.62 3.11 42.41
C GLN B 728 -26.77 4.03 42.01
N TYR B 729 -26.50 5.32 41.92
CA TYR B 729 -27.47 6.26 41.37
C TYR B 729 -27.56 5.99 39.88
N PHE B 730 -28.77 5.97 39.36
CA PHE B 730 -29.04 5.65 37.95
C PHE B 730 -28.88 4.16 37.67
N LYS B 731 -28.59 3.37 38.70
CA LYS B 731 -28.78 1.93 38.56
C LYS B 731 -30.24 1.56 38.22
N PRO B 732 -31.25 2.39 38.60
CA PRO B 732 -32.57 2.13 38.02
C PRO B 732 -32.56 2.07 36.49
N VAL B 733 -32.02 3.11 35.86
CA VAL B 733 -32.05 3.26 34.41
C VAL B 733 -30.93 2.47 33.71
N ILE B 734 -29.73 2.46 34.28
CA ILE B 734 -28.57 1.80 33.69
C ILE B 734 -28.78 0.29 33.57
N ASP B 735 -29.65 -0.25 34.43
CA ASP B 735 -29.95 -1.68 34.40
C ASP B 735 -31.11 -2.04 33.48
N ARG B 736 -31.94 -1.04 33.15
CA ARG B 736 -33.07 -1.26 32.24
C ARG B 736 -32.71 -1.01 30.78
N GLN B 737 -31.42 -1.09 30.45
CA GLN B 737 -30.95 -0.90 29.08
C GLN B 737 -30.37 -2.18 28.51
N SER B 738 -30.79 -2.51 27.29
CA SER B 738 -30.45 -3.78 26.63
C SER B 738 -29.31 -3.67 25.61
N TRP B 739 -28.75 -4.82 25.24
CA TRP B 739 -27.82 -4.88 24.12
C TRP B 739 -28.63 -5.16 22.85
N SER B 740 -29.33 -4.12 22.37
CA SER B 740 -30.25 -4.24 21.25
C SER B 740 -30.37 -2.94 20.46
N ASP B 741 -30.81 -3.05 19.21
CA ASP B 741 -31.10 -1.87 18.40
C ASP B 741 -32.57 -1.43 18.52
N LYS B 742 -33.30 -2.05 19.45
CA LYS B 742 -34.75 -1.80 19.57
C LYS B 742 -35.08 -0.48 20.25
N GLY B 743 -36.19 0.13 19.83
CA GLY B 743 -36.69 1.35 20.45
C GLY B 743 -36.68 2.52 19.49
N SER B 744 -37.17 3.66 19.94
CA SER B 744 -37.18 4.88 19.13
C SER B 744 -35.77 5.43 18.93
N VAL B 745 -35.70 6.69 18.49
CA VAL B 745 -34.42 7.33 18.24
C VAL B 745 -33.74 7.86 19.52
N TRP B 746 -34.54 8.30 20.51
CA TRP B 746 -33.97 8.77 21.77
C TRP B 746 -33.80 7.61 22.74
N ASP B 747 -34.58 6.56 22.51
CA ASP B 747 -34.43 5.32 23.26
C ASP B 747 -33.05 4.72 23.01
N ARG B 748 -32.58 4.89 21.78
CA ARG B 748 -31.30 4.33 21.36
C ARG B 748 -30.16 5.30 21.66
N MET B 749 -30.43 6.60 21.51
CA MET B 749 -29.50 7.64 21.90
C MET B 749 -29.11 7.51 23.38
N LEU B 750 -30.06 7.04 24.19
CA LEU B 750 -29.86 6.93 25.63
C LEU B 750 -29.14 5.63 26.00
N ARG B 751 -29.45 4.56 25.29
CA ARG B 751 -28.86 3.25 25.56
C ARG B 751 -27.36 3.26 25.31
N SER B 752 -26.94 3.94 24.25
CA SER B 752 -25.54 3.95 23.86
C SER B 752 -24.76 5.03 24.62
N ALA B 753 -25.48 5.86 25.37
CA ALA B 753 -24.83 6.76 26.31
C ALA B 753 -24.65 6.06 27.66
N LEU B 754 -25.75 5.58 28.23
CA LEU B 754 -25.72 4.92 29.54
C LEU B 754 -24.79 3.70 29.58
N LEU B 755 -24.90 2.81 28.61
CA LEU B 755 -24.10 1.58 28.62
C LEU B 755 -22.63 1.90 28.39
N LYS B 756 -22.38 3.11 27.91
CA LYS B 756 -21.02 3.56 27.64
C LYS B 756 -20.41 4.12 28.90
N LEU B 757 -21.23 4.78 29.70
CA LEU B 757 -20.81 5.32 30.97
C LEU B 757 -20.71 4.19 31.98
N ALA B 758 -21.47 3.14 31.76
CA ALA B 758 -21.41 2.00 32.65
C ALA B 758 -20.31 1.04 32.22
N CYS B 759 -19.54 1.44 31.21
CA CYS B 759 -18.42 0.64 30.75
C CYS B 759 -17.14 1.47 30.79
N ASP B 760 -17.30 2.78 30.85
CA ASP B 760 -16.18 3.68 31.04
C ASP B 760 -15.84 3.84 32.51
N LEU B 761 -16.54 3.09 33.36
CA LEU B 761 -16.30 3.11 34.80
C LEU B 761 -16.00 1.71 35.32
N ASN B 762 -15.89 0.76 34.39
CA ASN B 762 -15.52 -0.63 34.66
C ASN B 762 -16.55 -1.39 35.51
N HIS B 763 -17.82 -1.06 35.31
CA HIS B 763 -18.91 -1.79 35.95
C HIS B 763 -19.06 -3.16 35.32
N ALA B 764 -18.44 -4.17 35.92
CA ALA B 764 -18.14 -5.44 35.25
C ALA B 764 -19.29 -6.28 34.64
N PRO B 765 -20.58 -6.01 34.98
CA PRO B 765 -21.59 -6.71 34.17
C PRO B 765 -21.60 -6.26 32.72
N CYS B 766 -21.42 -4.96 32.50
CA CYS B 766 -21.27 -4.37 31.17
C CYS B 766 -20.00 -4.89 30.49
N ILE B 767 -18.90 -4.84 31.22
CA ILE B 767 -17.58 -5.24 30.73
C ILE B 767 -17.53 -6.73 30.37
N GLN B 768 -18.24 -7.55 31.14
CA GLN B 768 -18.27 -8.99 30.92
C GLN B 768 -19.27 -9.39 29.81
N LYS B 769 -20.36 -8.64 29.66
CA LYS B 769 -21.31 -8.89 28.57
C LYS B 769 -20.77 -8.38 27.23
N ALA B 770 -20.10 -7.22 27.27
CA ALA B 770 -19.44 -6.64 26.09
C ALA B 770 -18.28 -7.52 25.62
N ALA B 771 -17.61 -8.17 26.56
CA ALA B 771 -16.54 -9.11 26.24
C ALA B 771 -17.09 -10.45 25.72
N GLU B 772 -18.26 -10.85 26.21
CA GLU B 772 -18.90 -12.09 25.73
C GLU B 772 -19.37 -11.90 24.31
N LEU B 773 -19.83 -10.68 24.01
CA LEU B 773 -20.17 -10.30 22.64
C LEU B 773 -18.93 -10.22 21.77
N PHE B 774 -17.89 -9.57 22.28
CA PHE B 774 -16.72 -9.34 21.44
C PHE B 774 -16.08 -10.65 21.02
N SER B 775 -15.70 -11.46 22.00
CA SER B 775 -15.02 -12.71 21.72
C SER B 775 -15.92 -13.69 20.94
N GLN B 776 -17.24 -13.53 21.03
CA GLN B 776 -18.16 -14.28 20.18
C GLN B 776 -17.88 -13.88 18.74
N TRP B 777 -18.00 -12.58 18.48
CA TRP B 777 -17.72 -11.99 17.17
C TRP B 777 -16.38 -12.45 16.62
N MET B 778 -15.31 -12.18 17.36
CA MET B 778 -13.95 -12.51 16.93
C MET B 778 -13.76 -13.98 16.58
N GLU B 779 -14.12 -14.89 17.50
CA GLU B 779 -13.98 -16.32 17.24
C GLU B 779 -15.05 -16.81 16.24
N SER B 780 -15.85 -15.88 15.73
CA SER B 780 -16.82 -16.19 14.68
C SER B 780 -16.33 -15.71 13.31
N SER B 781 -15.05 -15.35 13.23
CA SER B 781 -14.42 -14.79 12.02
C SER B 781 -15.22 -13.61 11.44
N GLY B 782 -16.05 -12.98 12.28
CA GLY B 782 -16.87 -11.84 11.89
C GLY B 782 -18.31 -12.22 11.60
N LYS B 783 -18.58 -13.51 11.47
CA LYS B 783 -19.91 -13.98 11.03
C LYS B 783 -21.02 -13.71 12.06
N LEU B 784 -20.65 -13.29 13.27
CA LEU B 784 -21.65 -12.85 14.25
C LEU B 784 -22.31 -11.56 13.75
N ASN B 785 -23.37 -11.15 14.44
CA ASN B 785 -23.87 -9.80 14.34
C ASN B 785 -23.89 -9.14 15.72
N ILE B 786 -23.03 -8.13 15.92
CA ILE B 786 -23.11 -7.30 17.11
C ILE B 786 -24.10 -6.19 16.83
N PRO B 787 -24.98 -5.87 17.80
CA PRO B 787 -25.97 -4.78 17.65
C PRO B 787 -25.27 -3.44 17.40
N THR B 788 -26.02 -2.44 16.94
CA THR B 788 -25.41 -1.23 16.37
C THR B 788 -25.05 -0.12 17.37
N ASP B 789 -25.93 0.13 18.33
CA ASP B 789 -25.68 1.16 19.34
C ASP B 789 -24.65 0.69 20.35
N VAL B 790 -24.23 -0.55 20.19
CA VAL B 790 -23.34 -1.22 21.12
C VAL B 790 -21.99 -1.53 20.46
N LEU B 791 -21.86 -1.18 19.19
CA LEU B 791 -20.66 -1.50 18.41
C LEU B 791 -19.46 -0.70 18.96
N LYS B 792 -19.62 0.62 19.00
CA LYS B 792 -18.57 1.52 19.48
C LYS B 792 -18.09 1.19 20.89
N ILE B 793 -18.94 0.53 21.66
CA ILE B 793 -18.68 0.16 23.06
C ILE B 793 -17.93 -1.18 23.16
N VAL B 794 -18.50 -2.20 22.52
CA VAL B 794 -17.89 -3.51 22.46
C VAL B 794 -16.53 -3.51 21.76
N TYR B 795 -16.38 -2.84 20.60
CA TYR B 795 -15.09 -2.80 19.89
C TYR B 795 -13.99 -2.16 20.73
N SER B 796 -14.38 -1.32 21.68
CA SER B 796 -13.42 -0.68 22.55
C SER B 796 -13.01 -1.64 23.68
N VAL B 797 -13.98 -2.40 24.17
CA VAL B 797 -13.69 -3.45 25.14
C VAL B 797 -12.68 -4.44 24.52
N GLY B 798 -13.07 -5.06 23.41
CA GLY B 798 -12.25 -6.06 22.74
C GLY B 798 -10.90 -5.58 22.27
N ALA B 799 -10.63 -4.29 22.39
CA ALA B 799 -9.35 -3.75 21.96
C ALA B 799 -8.39 -3.62 23.12
N GLN B 800 -8.87 -3.80 24.35
CA GLN B 800 -8.01 -3.65 25.53
C GLN B 800 -7.01 -4.78 25.62
N THR B 801 -7.32 -5.88 24.94
CA THR B 801 -6.40 -7.00 24.78
C THR B 801 -5.64 -6.89 23.42
N THR B 802 -4.31 -6.91 23.50
CA THR B 802 -3.45 -6.67 22.36
C THR B 802 -3.78 -7.52 21.11
N ALA B 803 -4.13 -8.77 21.33
CA ALA B 803 -4.49 -9.65 20.23
C ALA B 803 -5.78 -9.21 19.51
N GLY B 804 -6.72 -8.61 20.25
CA GLY B 804 -7.98 -8.14 19.68
C GLY B 804 -7.85 -6.82 18.95
N TRP B 805 -6.95 -5.96 19.46
CA TRP B 805 -6.55 -4.73 18.79
C TRP B 805 -5.99 -5.04 17.40
N ASN B 806 -5.38 -6.22 17.25
CA ASN B 806 -4.85 -6.67 15.96
C ASN B 806 -5.97 -7.04 15.01
N TYR B 807 -6.97 -7.71 15.56
CA TYR B 807 -8.11 -8.17 14.78
C TYR B 807 -8.90 -6.98 14.25
N LEU B 808 -9.10 -5.99 15.11
CA LEU B 808 -9.91 -4.82 14.80
C LEU B 808 -9.27 -3.93 13.72
N LEU B 809 -7.96 -3.72 13.83
CA LEU B 809 -7.21 -2.93 12.84
C LEU B 809 -7.17 -3.63 11.50
N GLU B 810 -7.11 -4.97 11.54
CA GLU B 810 -7.22 -5.77 10.33
C GLU B 810 -8.62 -5.63 9.72
N GLN B 811 -9.63 -5.82 10.57
CA GLN B 811 -11.03 -5.70 10.15
C GLN B 811 -11.29 -4.27 9.68
N TYR B 812 -10.50 -3.32 10.18
CA TYR B 812 -10.64 -1.93 9.80
C TYR B 812 -10.39 -1.73 8.30
N GLU B 813 -9.16 -1.92 7.88
CA GLU B 813 -8.81 -1.67 6.50
C GLU B 813 -9.60 -2.58 5.58
N LEU B 814 -9.96 -3.75 6.08
CA LEU B 814 -10.83 -4.65 5.33
C LEU B 814 -12.29 -4.16 5.18
N SER B 815 -12.73 -3.22 6.02
CA SER B 815 -14.15 -2.88 6.15
C SER B 815 -14.75 -2.06 5.01
N MET B 816 -15.86 -2.54 4.47
CA MET B 816 -16.60 -1.79 3.45
C MET B 816 -17.54 -0.77 4.05
N SER B 817 -17.82 -0.88 5.35
CA SER B 817 -18.69 0.09 5.99
C SER B 817 -17.87 1.26 6.53
N SER B 818 -18.11 2.43 5.97
CA SER B 818 -17.36 3.62 6.33
C SER B 818 -17.68 4.07 7.77
N ALA B 819 -18.92 3.81 8.19
CA ALA B 819 -19.35 4.10 9.54
C ALA B 819 -18.73 3.12 10.51
N GLU B 820 -18.76 1.84 10.18
CA GLU B 820 -18.21 0.82 11.04
C GLU B 820 -16.70 1.01 11.22
N GLN B 821 -16.13 1.88 10.40
CA GLN B 821 -14.72 2.23 10.50
C GLN B 821 -14.53 3.33 11.52
N ASN B 822 -15.37 4.36 11.42
CA ASN B 822 -15.41 5.45 12.37
C ASN B 822 -15.44 4.90 13.78
N LYS B 823 -16.21 3.82 13.95
CA LYS B 823 -16.33 3.18 15.24
C LYS B 823 -15.10 2.34 15.57
N ILE B 824 -14.63 1.54 14.61
CA ILE B 824 -13.40 0.79 14.84
C ILE B 824 -12.26 1.74 15.21
N LEU B 825 -12.21 2.89 14.57
CA LEU B 825 -11.12 3.82 14.81
C LEU B 825 -11.22 4.33 16.22
N TYR B 826 -12.46 4.63 16.63
CA TYR B 826 -12.70 5.16 17.97
C TYR B 826 -12.18 4.12 18.97
N ALA B 827 -12.65 2.89 18.79
CA ALA B 827 -12.30 1.78 19.66
C ALA B 827 -10.80 1.62 19.84
N LEU B 828 -10.06 1.65 18.74
CA LEU B 828 -8.61 1.44 18.78
C LEU B 828 -7.89 2.59 19.47
N SER B 829 -8.52 3.76 19.49
CA SER B 829 -7.93 4.93 20.14
C SER B 829 -8.04 4.81 21.67
N THR B 830 -8.81 3.82 22.11
CA THR B 830 -8.95 3.55 23.54
C THR B 830 -8.16 2.33 23.95
N SER B 831 -6.89 2.24 23.52
CA SER B 831 -6.00 1.22 24.06
C SER B 831 -5.02 1.91 24.98
N LYS B 832 -4.56 1.19 25.99
CA LYS B 832 -3.77 1.79 27.06
C LYS B 832 -2.29 1.68 26.76
N HIS B 833 -1.95 0.79 25.83
CA HIS B 833 -0.58 0.64 25.35
C HIS B 833 -0.11 1.94 24.71
N GLN B 834 0.77 2.66 25.42
CA GLN B 834 1.23 3.98 25.00
C GLN B 834 1.77 4.05 23.56
N GLU B 835 2.39 2.97 23.09
CA GLU B 835 2.99 2.96 21.76
C GLU B 835 1.97 2.59 20.68
N LYS B 836 0.87 1.97 21.10
CA LYS B 836 -0.18 1.48 20.20
C LYS B 836 -1.00 2.62 19.62
N LEU B 837 -1.02 3.72 20.35
CA LEU B 837 -1.73 4.90 19.91
C LEU B 837 -0.89 5.66 18.90
N LEU B 838 0.43 5.49 18.96
CA LEU B 838 1.35 6.17 18.01
C LEU B 838 1.29 5.58 16.60
N LYS B 839 1.18 4.26 16.49
CA LYS B 839 0.90 3.58 15.23
C LYS B 839 -0.30 4.23 14.49
N LEU B 840 -1.43 4.31 15.20
CA LEU B 840 -2.62 5.03 14.75
C LEU B 840 -2.30 6.41 14.22
N ILE B 841 -1.58 7.20 15.02
CA ILE B 841 -1.23 8.54 14.60
C ILE B 841 -0.35 8.55 13.36
N GLU B 842 0.62 7.66 13.31
CA GLU B 842 1.60 7.72 12.23
C GLU B 842 1.00 7.11 10.97
N LEU B 843 0.10 6.15 11.13
CA LEU B 843 -0.69 5.59 10.03
C LEU B 843 -1.53 6.64 9.31
N GLY B 844 -2.27 7.43 10.09
CA GLY B 844 -3.14 8.44 9.53
C GLY B 844 -2.37 9.62 9.00
N MET B 845 -1.07 9.63 9.25
CA MET B 845 -0.21 10.70 8.76
C MET B 845 0.21 10.37 7.34
N GLU B 846 0.05 9.10 6.97
CA GLU B 846 0.51 8.62 5.68
C GLU B 846 -0.65 8.47 4.70
N GLY B 847 -1.86 8.58 5.24
CA GLY B 847 -3.07 8.59 4.43
C GLY B 847 -3.51 7.28 3.84
N LYS B 848 -2.80 6.18 4.12
CA LYS B 848 -3.04 4.96 3.35
C LYS B 848 -3.98 3.96 4.03
N VAL B 849 -3.68 3.54 5.26
CA VAL B 849 -4.62 2.64 5.90
C VAL B 849 -5.67 3.46 6.67
N ILE B 850 -5.27 4.59 7.24
CA ILE B 850 -6.21 5.57 7.76
C ILE B 850 -6.07 6.86 6.95
N LYS B 851 -7.17 7.32 6.35
CA LYS B 851 -7.08 8.48 5.47
C LYS B 851 -6.84 9.75 6.28
N THR B 852 -5.97 10.62 5.79
CA THR B 852 -5.65 11.85 6.49
C THR B 852 -6.85 12.74 6.83
N GLN B 853 -7.98 12.55 6.17
CA GLN B 853 -9.18 13.32 6.53
C GLN B 853 -9.72 12.86 7.89
N ASN B 854 -9.16 11.77 8.40
CA ASN B 854 -9.54 11.23 9.67
C ASN B 854 -8.55 11.58 10.78
N LEU B 855 -7.47 12.27 10.42
CA LEU B 855 -6.40 12.57 11.37
C LEU B 855 -6.88 13.35 12.60
N ALA B 856 -7.44 14.53 12.39
CA ALA B 856 -7.89 15.38 13.49
C ALA B 856 -8.83 14.64 14.44
N ALA B 857 -9.86 14.00 13.89
CA ALA B 857 -10.76 13.19 14.72
C ALA B 857 -9.97 12.19 15.54
N LEU B 858 -8.92 11.62 14.97
CA LEU B 858 -8.14 10.59 15.65
C LEU B 858 -7.21 11.19 16.70
N LEU B 859 -6.56 12.31 16.37
CA LEU B 859 -5.74 13.02 17.35
C LEU B 859 -6.57 13.42 18.57
N HIS B 860 -7.57 14.26 18.33
CA HIS B 860 -8.52 14.68 19.34
C HIS B 860 -9.08 13.54 20.22
N ALA B 861 -9.35 12.38 19.65
CA ALA B 861 -9.95 11.28 20.40
C ALA B 861 -8.90 10.51 21.17
N ILE B 862 -7.66 10.74 20.79
CA ILE B 862 -6.55 10.16 21.49
C ILE B 862 -6.25 11.08 22.69
N ALA B 863 -6.10 12.37 22.44
CA ALA B 863 -5.79 13.33 23.50
C ALA B 863 -6.89 13.35 24.58
N ARG B 864 -8.11 13.00 24.18
CA ARG B 864 -9.30 12.97 25.05
C ARG B 864 -9.11 12.11 26.30
N ARG B 865 -8.48 10.95 26.12
CA ARG B 865 -8.21 10.01 27.21
C ARG B 865 -6.95 10.45 28.01
N PRO B 866 -6.61 9.75 29.11
CA PRO B 866 -5.43 10.21 29.86
C PRO B 866 -4.13 9.59 29.37
N LYS B 867 -4.17 8.29 29.07
CA LYS B 867 -3.04 7.54 28.54
C LYS B 867 -2.41 8.16 27.30
N GLY B 868 -3.24 8.75 26.43
CA GLY B 868 -2.73 9.29 25.17
C GLY B 868 -2.67 10.80 25.03
N GLN B 869 -3.00 11.53 26.09
CA GLN B 869 -3.11 12.97 25.98
C GLN B 869 -1.78 13.65 25.80
N GLN B 870 -0.72 13.05 26.34
CA GLN B 870 0.62 13.64 26.27
C GLN B 870 1.26 13.28 24.96
N LEU B 871 1.21 11.98 24.67
CA LEU B 871 1.65 11.43 23.41
C LEU B 871 1.16 12.27 22.24
N ALA B 872 -0.15 12.51 22.19
CA ALA B 872 -0.75 13.36 21.18
C ALA B 872 -0.19 14.79 21.22
N TRP B 873 -0.25 15.41 22.38
CA TRP B 873 0.25 16.77 22.53
C TRP B 873 1.71 16.88 22.09
N ASP B 874 2.48 15.85 22.44
CA ASP B 874 3.86 15.79 22.03
C ASP B 874 3.89 15.88 20.51
N PHE B 875 3.15 14.97 19.89
CA PHE B 875 3.14 14.79 18.43
C PHE B 875 2.84 16.06 17.60
N VAL B 876 1.89 16.87 18.04
CA VAL B 876 1.61 18.11 17.34
C VAL B 876 2.87 18.96 17.30
N ARG B 877 3.40 19.24 18.49
CA ARG B 877 4.58 20.08 18.65
C ARG B 877 5.78 19.61 17.81
N GLU B 878 6.05 18.31 17.86
CA GLU B 878 7.19 17.77 17.16
C GLU B 878 6.91 17.44 15.69
N ASN B 879 5.75 17.82 15.16
CA ASN B 879 5.45 17.64 13.73
C ASN B 879 4.55 18.71 13.11
N TRP B 880 4.49 19.91 13.69
CA TRP B 880 3.66 20.98 13.11
C TRP B 880 3.96 21.28 11.65
N THR B 881 5.23 21.25 11.26
CA THR B 881 5.56 21.73 9.94
C THR B 881 5.12 20.70 8.89
N HIS B 882 5.04 19.43 9.29
CA HIS B 882 4.52 18.46 8.35
C HIS B 882 2.99 18.48 8.40
N LEU B 883 2.44 19.01 9.48
CA LEU B 883 1.00 19.18 9.58
C LEU B 883 0.50 20.29 8.67
N LEU B 884 1.28 21.36 8.52
CA LEU B 884 0.84 22.49 7.70
C LEU B 884 1.12 22.26 6.21
N LYS B 885 1.85 21.20 5.89
CA LYS B 885 2.03 20.83 4.48
C LYS B 885 0.72 20.24 4.00
N LYS B 886 0.26 19.22 4.72
CA LYS B 886 -0.96 18.53 4.34
C LYS B 886 -2.17 19.46 4.38
N PHE B 887 -2.47 19.99 5.56
CA PHE B 887 -3.61 20.85 5.74
C PHE B 887 -3.15 22.29 5.58
N ASP B 888 -4.10 23.22 5.48
CA ASP B 888 -3.78 24.64 5.37
C ASP B 888 -4.11 25.39 6.66
N LEU B 889 -3.77 26.67 6.70
CA LEU B 889 -3.57 27.39 7.96
C LEU B 889 -4.64 27.22 9.07
N GLY B 890 -5.88 27.71 8.95
CA GLY B 890 -6.62 27.87 7.73
C GLY B 890 -7.76 26.86 7.79
N SER B 891 -7.44 25.64 7.42
CA SER B 891 -8.41 24.56 7.36
C SER B 891 -9.11 24.30 8.69
N TYR B 892 -10.23 23.61 8.63
CA TYR B 892 -10.94 23.20 9.82
C TYR B 892 -10.21 22.02 10.41
N ASP B 893 -9.31 21.45 9.63
CA ASP B 893 -8.52 20.30 10.06
C ASP B 893 -7.37 20.66 11.01
N ILE B 894 -6.78 21.84 10.79
CA ILE B 894 -5.74 22.37 11.65
C ILE B 894 -6.34 22.92 12.92
N ARG B 895 -7.33 23.79 12.73
CA ARG B 895 -8.07 24.43 13.81
C ARG B 895 -8.53 23.40 14.82
N MET B 896 -9.00 22.26 14.34
CA MET B 896 -9.44 21.24 15.27
C MET B 896 -8.27 20.49 15.91
N ILE B 897 -7.20 20.30 15.16
CA ILE B 897 -6.03 19.58 15.65
C ILE B 897 -5.31 20.35 16.78
N ILE B 898 -5.23 21.67 16.62
CA ILE B 898 -4.80 22.55 17.69
C ILE B 898 -5.70 22.39 18.93
N SER B 899 -6.95 22.82 18.80
CA SER B 899 -7.91 22.77 19.89
C SER B 899 -8.09 21.37 20.51
N GLY B 900 -8.15 20.34 19.67
CA GLY B 900 -8.49 19.02 20.16
C GLY B 900 -7.43 18.36 21.02
N THR B 901 -6.27 18.99 21.12
CA THR B 901 -5.15 18.40 21.85
C THR B 901 -4.72 19.23 23.05
N THR B 902 -5.40 20.36 23.27
CA THR B 902 -4.96 21.36 24.23
C THR B 902 -6.08 22.10 24.99
N ALA B 903 -7.34 21.84 24.69
CA ALA B 903 -8.41 22.64 25.29
C ALA B 903 -8.96 21.93 26.51
N HIS B 904 -8.64 20.64 26.61
CA HIS B 904 -8.98 19.81 27.77
C HIS B 904 -7.88 19.94 28.82
N PHE B 905 -6.98 20.87 28.58
CA PHE B 905 -5.91 21.14 29.50
C PHE B 905 -6.47 22.00 30.63
N SER B 906 -6.06 21.68 31.85
CA SER B 906 -6.64 22.28 33.05
C SER B 906 -5.62 22.39 34.19
N SER B 907 -4.51 23.08 33.92
CA SER B 907 -3.41 23.21 34.86
C SER B 907 -2.43 24.28 34.40
N LYS B 908 -1.95 25.10 35.32
CA LYS B 908 -1.07 26.21 34.99
C LYS B 908 0.19 25.73 34.27
N ASP B 909 0.60 24.50 34.57
CA ASP B 909 1.80 23.90 33.98
C ASP B 909 1.65 23.58 32.48
N LYS B 910 0.51 23.03 32.08
CA LYS B 910 0.24 22.80 30.67
C LYS B 910 -0.10 24.10 29.98
N LEU B 911 -0.91 24.92 30.64
CA LEU B 911 -1.32 26.21 30.08
C LEU B 911 -0.14 27.02 29.54
N GLN B 912 1.00 26.91 30.20
CA GLN B 912 2.18 27.67 29.81
C GLN B 912 2.78 27.17 28.50
N GLU B 913 2.95 25.86 28.37
CA GLU B 913 3.50 25.33 27.12
C GLU B 913 2.49 25.36 25.96
N VAL B 914 1.23 25.67 26.25
CA VAL B 914 0.28 25.95 25.20
C VAL B 914 0.39 27.45 24.84
N LYS B 915 0.84 28.26 25.79
CA LYS B 915 1.17 29.64 25.47
C LYS B 915 2.49 29.70 24.70
N LEU B 916 3.47 28.90 25.14
CA LEU B 916 4.78 28.80 24.50
C LEU B 916 4.66 28.31 23.06
N PHE B 917 3.81 27.31 22.85
CA PHE B 917 3.66 26.70 21.54
C PHE B 917 3.07 27.66 20.51
N PHE B 918 2.05 28.43 20.93
CA PHE B 918 1.45 29.40 20.02
C PHE B 918 2.46 30.53 19.77
N GLU B 919 3.11 31.00 20.83
CA GLU B 919 4.12 32.06 20.73
C GLU B 919 5.17 31.79 19.64
N SER B 920 5.59 30.53 19.52
CA SER B 920 6.59 30.13 18.53
C SER B 920 5.97 29.92 17.14
N LEU B 921 4.64 29.79 17.09
CA LEU B 921 3.94 29.62 15.83
C LEU B 921 3.52 30.96 15.25
N GLU B 922 2.97 31.81 16.10
CA GLU B 922 2.91 33.24 15.84
C GLU B 922 4.37 33.63 15.71
N ALA B 923 4.66 34.66 14.93
CA ALA B 923 6.03 34.92 14.51
C ALA B 923 6.55 33.71 13.75
N GLN B 924 5.72 33.23 12.83
CA GLN B 924 6.14 32.47 11.66
C GLN B 924 5.20 32.87 10.51
N GLY B 925 4.17 33.63 10.86
CA GLY B 925 3.14 34.08 9.94
C GLY B 925 1.84 33.32 10.13
N SER B 926 1.68 32.75 11.33
CA SER B 926 0.52 31.91 11.62
C SER B 926 -0.49 32.52 12.59
N HIS B 927 -1.35 33.41 12.12
CA HIS B 927 -2.43 33.89 12.97
C HIS B 927 -3.76 33.15 12.79
N LEU B 928 -4.08 32.32 13.78
CA LEU B 928 -5.41 31.71 13.90
C LEU B 928 -6.07 32.18 15.19
N ASP B 929 -7.30 32.66 15.10
CA ASP B 929 -7.95 33.17 16.29
C ASP B 929 -8.10 32.05 17.33
N ILE B 930 -8.06 30.80 16.88
CA ILE B 930 -8.33 29.66 17.76
C ILE B 930 -7.23 29.55 18.84
N PHE B 931 -6.17 30.32 18.64
CA PHE B 931 -5.12 30.48 19.63
C PHE B 931 -5.68 31.09 20.92
N GLN B 932 -6.16 32.33 20.83
CA GLN B 932 -6.76 33.01 21.98
C GLN B 932 -7.92 32.22 22.54
N THR B 933 -8.63 31.51 21.66
CA THR B 933 -9.75 30.71 22.08
C THR B 933 -9.30 29.59 23.01
N VAL B 934 -8.39 28.73 22.52
CA VAL B 934 -7.82 27.65 23.33
C VAL B 934 -7.14 28.24 24.56
N LEU B 935 -6.59 29.44 24.38
CA LEU B 935 -5.96 30.16 25.47
C LEU B 935 -6.91 30.39 26.64
N GLU B 936 -7.96 31.15 26.36
CA GLU B 936 -8.90 31.57 27.37
C GLU B 936 -9.88 30.46 27.73
N THR B 937 -9.38 29.22 27.71
CA THR B 937 -10.26 28.06 27.81
C THR B 937 -9.54 27.00 28.63
N ILE B 938 -8.21 26.97 28.56
CA ILE B 938 -7.44 26.26 29.56
C ILE B 938 -7.52 27.06 30.86
N THR B 939 -7.54 28.39 30.74
CA THR B 939 -7.59 29.27 31.89
C THR B 939 -8.90 29.06 32.63
N LYS B 940 -10.01 29.24 31.91
CA LYS B 940 -11.35 28.92 32.40
C LYS B 940 -11.41 27.57 33.13
N ASN B 941 -10.64 26.60 32.65
CA ASN B 941 -10.54 25.29 33.29
C ASN B 941 -9.78 25.33 34.60
N ILE B 942 -8.68 26.09 34.63
CA ILE B 942 -7.91 26.26 35.85
C ILE B 942 -8.70 27.07 36.89
N LYS B 943 -9.33 28.16 36.44
CA LYS B 943 -10.16 28.99 37.33
C LYS B 943 -11.37 28.24 37.85
N TRP B 944 -11.68 27.09 37.25
CA TRP B 944 -12.80 26.30 37.70
C TRP B 944 -12.36 25.20 38.67
N LEU B 945 -11.15 24.69 38.47
CA LEU B 945 -10.61 23.68 39.36
C LEU B 945 -10.01 24.27 40.65
N GLU B 946 -9.95 25.60 40.72
CA GLU B 946 -9.41 26.28 41.90
C GLU B 946 -10.56 26.60 42.86
N LYS B 947 -11.70 26.99 42.31
CA LYS B 947 -12.83 27.33 43.13
C LYS B 947 -13.69 26.09 43.49
N ASN B 948 -14.31 25.50 42.47
CA ASN B 948 -15.36 24.50 42.71
C ASN B 948 -14.86 23.06 42.91
N LEU B 949 -13.56 22.84 42.89
CA LEU B 949 -13.05 21.47 43.02
C LEU B 949 -13.15 20.93 44.47
N PRO B 950 -12.68 21.71 45.48
CA PRO B 950 -12.91 21.23 46.85
C PRO B 950 -14.38 21.00 47.18
N THR B 951 -15.26 21.82 46.60
CA THR B 951 -16.69 21.68 46.81
C THR B 951 -17.23 20.33 46.32
N LEU B 952 -16.66 19.83 45.23
CA LEU B 952 -17.07 18.55 44.66
C LEU B 952 -16.65 17.39 45.55
N ARG B 953 -15.41 17.45 46.06
CA ARG B 953 -14.88 16.41 46.93
C ARG B 953 -15.76 16.25 48.16
N THR B 954 -16.17 17.39 48.71
CA THR B 954 -17.04 17.45 49.89
C THR B 954 -18.39 16.79 49.62
N TRP B 955 -19.03 17.28 48.57
CA TRP B 955 -20.39 16.90 48.16
C TRP B 955 -20.52 15.39 47.90
N LEU B 956 -19.45 14.78 47.40
CA LEU B 956 -19.46 13.35 47.18
C LEU B 956 -19.39 12.60 48.51
N MET B 957 -18.77 13.22 49.52
CA MET B 957 -18.65 12.58 50.81
C MET B 957 -19.93 12.77 51.66
N VAL B 958 -20.67 13.83 51.38
CA VAL B 958 -21.98 13.97 52.01
C VAL B 958 -22.86 12.84 51.50
N ASN B 959 -22.56 12.38 50.29
CA ASN B 959 -23.36 11.34 49.65
C ASN B 959 -22.83 9.92 49.79
N THR B 960 -21.74 9.75 50.53
CA THR B 960 -21.36 8.41 51.00
C THR B 960 -22.06 8.20 52.34
N ARG B 961 -22.04 9.24 53.16
CA ARG B 961 -22.67 9.23 54.47
C ARG B 961 -24.18 9.45 54.35
N HIS B 962 -24.87 8.50 53.70
CA HIS B 962 -26.33 8.50 53.57
C HIS B 962 -26.88 9.69 52.78
N HIS B 963 -27.35 9.43 51.55
CA HIS B 963 -27.85 10.49 50.67
C HIS B 963 -29.30 10.29 50.25
#